data_4NRX
#
_entry.id   4NRX
#
_cell.length_a   197.262
_cell.length_b   93.505
_cell.length_c   89.830
_cell.angle_alpha   90.00
_cell.angle_beta   111.80
_cell.angle_gamma   90.00
#
_symmetry.space_group_name_H-M   'C 1 2 1'
#
loop_
_entity.id
_entity.type
_entity.pdbx_description
1 polymer 'Envelope glycoprotein gp41'
2 polymer 'm66 Heavy Chain'
3 polymer 'm66 Light Chain'
4 water water
#
loop_
_entity_poly.entity_id
_entity_poly.type
_entity_poly.pdbx_seq_one_letter_code
_entity_poly.pdbx_strand_id
1 'polypeptide(L)' NQQKRNEQELLELDKWASL P,C
2 'polypeptide(L)'
;QVQLVQSGAEVKKPGESLKISCKVSGYNFASEWIGWVRQMPGKGLEWMGIIYPGDSDTKYSPSFQGQVIISADKSINTAY
LQWSSLKASDTAIYYCARQNHYGSGSYFYRTAYYYAMDVWGQGTTVTVSSASTKGPSVFPLAPSSKSTSGGTAALGCLVK
DYFPEPVTVSWNSGALTSGVHTFPAVLQSSGLYSLSSVVTVPSSSLGTQTYICNVNHKPSNTKVDKKVEPKSCD
;
H,A,D
3 'polypeptide(L)'
;DIQLTQSPSSLSASVGDRVTITCRASQSIGSYLNWYQQKPGKAPKLLIYAASTLQSGVPSRFSGSGSGTDFTLTISSLQP
EDSATYYCQQSYSTPFTFGPGTKVDIRRTVAAPSVFIFPPSDEQLKSGTASVVCLLNNFYPREAKVQWKVDNALQSGNSQ
ESVTEQDSKDSTYSLSSTLTLSKADYEKHKVYACEVTHQGLSSPVTKSFNRGE
;
L,B,E
#
# COMPACT_ATOMS: atom_id res chain seq x y z
N ASN A 6 -32.61 29.21 -9.73
CA ASN A 6 -31.41 30.04 -9.75
C ASN A 6 -30.46 29.60 -10.88
N GLU A 7 -30.59 30.24 -12.03
CA GLU A 7 -29.78 29.91 -13.21
C GLU A 7 -28.37 30.50 -13.12
N GLN A 8 -28.16 31.44 -12.22
CA GLN A 8 -26.85 32.09 -12.09
C GLN A 8 -26.28 31.94 -10.67
N GLU A 9 -26.59 30.82 -10.03
CA GLU A 9 -26.19 30.55 -8.65
C GLU A 9 -24.67 30.60 -8.43
N LEU A 10 -23.92 30.22 -9.44
CA LEU A 10 -22.48 30.19 -9.27
C LEU A 10 -21.93 31.57 -8.86
N LEU A 11 -22.60 32.62 -9.29
CA LEU A 11 -22.21 33.98 -9.03
C LEU A 11 -22.23 34.30 -7.56
N GLU A 12 -23.00 33.56 -6.81
CA GLU A 12 -23.05 33.81 -5.38
C GLU A 12 -21.70 33.54 -4.74
N LEU A 13 -20.79 32.86 -5.44
CA LEU A 13 -19.49 32.48 -4.87
C LEU A 13 -18.38 33.51 -5.12
N ASP A 14 -18.70 34.56 -5.86
CA ASP A 14 -17.76 35.62 -6.18
C ASP A 14 -17.76 36.61 -5.02
N LYS A 15 -16.77 36.48 -4.15
CA LYS A 15 -16.68 37.33 -2.98
C LYS A 15 -15.71 38.48 -3.21
N TRP A 16 -15.26 38.65 -4.44
CA TRP A 16 -14.18 39.60 -4.74
C TRP A 16 -14.65 40.73 -5.64
N ALA A 17 -15.91 41.11 -5.49
CA ALA A 17 -16.49 42.21 -6.24
C ALA A 17 -16.99 43.32 -5.30
N SER A 18 -17.41 44.45 -5.88
CA SER A 18 -17.89 45.57 -5.09
C SER A 18 -19.18 45.24 -4.35
N LEU A 19 -19.88 44.20 -4.81
CA LEU A 19 -21.16 43.80 -4.26
C LEU A 19 -21.22 42.27 -4.11
N ASN B 6 52.39 -7.51 28.77
CA ASN B 6 51.98 -6.24 29.36
C ASN B 6 52.54 -5.06 28.55
N GLU B 7 53.85 -5.04 28.38
CA GLU B 7 54.55 -3.89 27.82
C GLU B 7 54.28 -3.67 26.32
N GLN B 8 53.77 -4.71 25.65
CA GLN B 8 53.34 -4.59 24.26
C GLN B 8 51.89 -5.05 24.06
N GLU B 9 51.05 -4.82 25.07
CA GLU B 9 49.68 -5.36 25.09
C GLU B 9 48.82 -4.91 23.90
N LEU B 10 49.10 -3.72 23.38
CA LEU B 10 48.29 -3.15 22.32
C LEU B 10 48.31 -4.05 21.08
N LEU B 11 49.34 -4.86 20.95
CA LEU B 11 49.51 -5.71 19.80
C LEU B 11 48.48 -6.83 19.75
N GLU B 12 47.87 -7.13 20.88
CA GLU B 12 46.85 -8.16 20.96
C GLU B 12 45.60 -7.76 20.21
N LEU B 13 45.44 -6.49 19.90
CA LEU B 13 44.27 -6.04 19.17
C LEU B 13 44.42 -6.21 17.67
N ASP B 14 45.63 -6.44 17.18
CA ASP B 14 45.88 -6.62 15.76
C ASP B 14 45.33 -7.99 15.33
N LYS B 15 44.14 -7.98 14.76
CA LYS B 15 43.48 -9.21 14.33
C LYS B 15 43.63 -9.43 12.83
N TRP B 16 44.53 -8.70 12.20
CA TRP B 16 44.61 -8.71 10.74
C TRP B 16 45.92 -9.27 10.22
N ALA B 17 46.88 -9.54 11.11
CA ALA B 17 48.16 -10.07 10.68
C ALA B 17 48.09 -11.58 10.54
N SER B 18 49.04 -12.14 9.80
CA SER B 18 49.09 -13.57 9.50
C SER B 18 49.05 -14.45 10.76
N GLN C 1 4.12 27.34 0.02
CA GLN C 1 3.50 25.99 0.06
C GLN C 1 2.22 26.02 0.89
N VAL C 2 1.07 25.86 0.22
CA VAL C 2 -0.19 25.75 0.94
C VAL C 2 -0.27 24.38 1.59
N GLN C 3 -0.74 24.34 2.84
CA GLN C 3 -0.84 23.10 3.59
C GLN C 3 -2.12 23.11 4.39
N LEU C 4 -2.91 22.04 4.29
CA LEU C 4 -4.07 21.86 5.13
C LEU C 4 -3.75 20.72 6.07
N VAL C 5 -3.85 20.99 7.36
CA VAL C 5 -3.54 20.01 8.39
C VAL C 5 -4.81 19.66 9.15
N GLN C 6 -5.33 18.45 8.93
CA GLN C 6 -6.58 18.02 9.54
C GLN C 6 -6.37 17.39 10.90
N SER C 7 -7.39 17.47 11.75
CA SER C 7 -7.37 16.82 13.05
C SER C 7 -7.28 15.29 12.93
N GLY C 8 -6.96 14.64 14.04
CA GLY C 8 -6.70 13.21 14.02
C GLY C 8 -7.91 12.30 13.92
N ALA C 9 -7.68 11.05 13.52
CA ALA C 9 -8.75 10.06 13.40
C ALA C 9 -9.44 9.89 14.75
N GLU C 10 -10.75 9.66 14.72
CA GLU C 10 -11.53 9.55 15.94
C GLU C 10 -12.49 8.38 15.88
N VAL C 11 -12.81 7.85 17.05
CA VAL C 11 -13.90 6.91 17.22
C VAL C 11 -14.88 7.50 18.23
N LYS C 12 -16.16 7.45 17.91
CA LYS C 12 -17.19 8.06 18.72
C LYS C 12 -18.41 7.17 18.68
N LYS C 13 -19.19 7.15 19.76
CA LYS C 13 -20.36 6.30 19.82
C LYS C 13 -21.52 6.95 19.07
N PRO C 14 -22.49 6.14 18.61
CA PRO C 14 -23.68 6.70 17.97
C PRO C 14 -24.41 7.66 18.90
N GLY C 15 -24.87 8.80 18.36
CA GLY C 15 -25.59 9.77 19.16
C GLY C 15 -24.67 10.86 19.67
N GLU C 16 -23.38 10.56 19.76
CA GLU C 16 -22.42 11.56 20.20
C GLU C 16 -22.26 12.68 19.17
N SER C 17 -21.73 13.80 19.64
CA SER C 17 -21.40 14.94 18.81
C SER C 17 -19.92 14.85 18.46
N LEU C 18 -19.53 15.47 17.35
CA LEU C 18 -18.15 15.45 16.94
C LEU C 18 -17.86 16.72 16.15
N LYS C 19 -16.69 17.30 16.42
CA LYS C 19 -16.18 18.40 15.61
C LYS C 19 -14.75 18.08 15.19
N ILE C 20 -14.49 18.11 13.88
CA ILE C 20 -13.14 17.94 13.36
C ILE C 20 -12.69 19.24 12.71
N SER C 21 -11.39 19.42 12.56
CA SER C 21 -10.86 20.69 12.13
C SER C 21 -9.84 20.50 11.04
N CYS C 22 -9.61 21.57 10.30
CA CYS C 22 -8.58 21.63 9.29
C CYS C 22 -7.87 22.98 9.40
N LYS C 23 -6.57 22.95 9.71
CA LYS C 23 -5.80 24.18 9.91
C LYS C 23 -4.99 24.48 8.65
N VAL C 24 -5.06 25.72 8.20
CA VAL C 24 -4.55 26.11 6.89
C VAL C 24 -3.36 27.04 7.04
N SER C 25 -2.35 26.89 6.19
CA SER C 25 -1.28 27.87 6.11
C SER C 25 -0.79 28.01 4.66
N GLY C 26 -0.24 29.18 4.35
CA GLY C 26 0.43 29.41 3.08
C GLY C 26 -0.31 30.36 2.16
N TYR C 27 -1.48 30.82 2.59
CA TYR C 27 -2.27 31.73 1.78
C TYR C 27 -3.29 32.41 2.69
N ASN C 28 -3.97 33.41 2.17
CA ASN C 28 -4.95 34.15 2.96
C ASN C 28 -6.24 33.36 3.13
N PHE C 29 -6.42 32.79 4.31
CA PHE C 29 -7.50 31.89 4.62
C PHE C 29 -8.87 32.54 4.42
N ALA C 30 -8.95 33.84 4.65
CA ALA C 30 -10.22 34.54 4.56
C ALA C 30 -10.63 34.81 3.10
N SER C 31 -9.77 34.48 2.14
CA SER C 31 -9.94 34.93 0.76
C SER C 31 -10.34 33.84 -0.26
N GLU C 32 -10.51 32.59 0.19
CA GLU C 32 -10.93 31.51 -0.73
C GLU C 32 -11.94 30.62 -0.04
N TRP C 33 -12.86 30.04 -0.81
CA TRP C 33 -13.77 29.06 -0.28
C TRP C 33 -12.97 27.86 0.13
N ILE C 34 -13.43 27.17 1.15
CA ILE C 34 -12.82 25.92 1.57
C ILE C 34 -13.93 24.97 1.99
N GLY C 35 -13.74 23.69 1.72
CA GLY C 35 -14.81 22.76 1.89
C GLY C 35 -14.43 21.40 2.38
N TRP C 36 -15.46 20.57 2.49
CA TRP C 36 -15.36 19.25 3.06
C TRP C 36 -15.90 18.20 2.09
N VAL C 37 -15.21 17.06 2.01
CA VAL C 37 -15.58 15.98 1.10
C VAL C 37 -15.59 14.65 1.85
N ARG C 38 -16.67 13.90 1.71
CA ARG C 38 -16.80 12.63 2.42
C ARG C 38 -16.38 11.49 1.49
N GLN C 39 -15.70 10.50 2.06
CA GLN C 39 -15.44 9.26 1.34
C GLN C 39 -15.72 8.07 2.24
N MET C 40 -16.84 7.41 1.99
CA MET C 40 -17.22 6.22 2.74
C MET C 40 -16.35 5.04 2.29
N PRO C 41 -16.17 4.05 3.17
CA PRO C 41 -15.29 2.91 2.84
C PRO C 41 -15.65 2.24 1.51
N GLY C 42 -14.68 2.18 0.60
CA GLY C 42 -14.87 1.53 -0.69
C GLY C 42 -15.74 2.29 -1.68
N LYS C 43 -15.96 3.58 -1.45
CA LYS C 43 -16.87 4.38 -2.27
C LYS C 43 -16.19 5.64 -2.84
N GLY C 44 -16.93 6.41 -3.63
CA GLY C 44 -16.39 7.60 -4.26
C GLY C 44 -16.47 8.85 -3.39
N LEU C 45 -16.18 9.99 -4.00
CA LEU C 45 -16.15 11.27 -3.31
C LEU C 45 -17.53 11.89 -3.27
N GLU C 46 -17.87 12.53 -2.14
CA GLU C 46 -19.13 13.25 -1.97
C GLU C 46 -18.85 14.63 -1.45
N TRP C 47 -19.25 15.63 -2.23
CA TRP C 47 -19.02 17.01 -1.86
C TRP C 47 -20.05 17.37 -0.81
N MET C 48 -19.60 17.83 0.35
CA MET C 48 -20.52 18.09 1.47
C MET C 48 -20.94 19.55 1.51
N GLY C 49 -19.97 20.43 1.43
CA GLY C 49 -20.25 21.84 1.41
C GLY C 49 -18.99 22.65 1.51
N ILE C 50 -19.14 23.95 1.30
CA ILE C 50 -18.03 24.89 1.39
C ILE C 50 -18.38 26.06 2.28
N ILE C 51 -17.35 26.71 2.78
CA ILE C 51 -17.51 27.92 3.57
C ILE C 51 -16.49 28.94 3.12
N TYR C 52 -16.91 30.20 3.12
CA TYR C 52 -16.01 31.31 2.85
C TYR C 52 -15.66 31.98 4.19
N PRO C 53 -14.45 31.70 4.75
CA PRO C 53 -14.11 32.21 6.09
C PRO C 53 -14.23 33.71 6.27
N GLY C 54 -13.99 34.49 5.21
CA GLY C 54 -14.14 35.93 5.27
C GLY C 54 -15.43 36.42 5.93
N ASP C 55 -16.57 35.86 5.56
CA ASP C 55 -17.85 36.23 6.18
C ASP C 55 -18.63 35.01 6.70
N SER C 56 -17.99 33.84 6.68
CA SER C 56 -18.62 32.58 7.08
C SER C 56 -19.86 32.21 6.26
N ASP C 57 -19.97 32.73 5.05
CA ASP C 57 -21.05 32.32 4.15
C ASP C 57 -20.84 30.85 3.82
N THR C 58 -21.92 30.06 3.78
CA THR C 58 -21.79 28.62 3.56
C THR C 58 -22.72 28.15 2.45
N LYS C 59 -22.31 27.10 1.75
CA LYS C 59 -23.18 26.43 0.79
C LYS C 59 -23.06 24.92 0.99
N TYR C 60 -24.19 24.26 1.22
CA TYR C 60 -24.22 22.83 1.51
C TYR C 60 -24.84 22.06 0.36
N SER C 61 -24.50 20.78 0.27
CA SER C 61 -25.32 19.87 -0.50
C SER C 61 -26.58 19.61 0.33
N PRO C 62 -27.75 19.53 -0.31
CA PRO C 62 -29.00 19.30 0.44
C PRO C 62 -28.99 17.96 1.15
N SER C 63 -28.16 17.05 0.68
CA SER C 63 -28.03 15.76 1.37
C SER C 63 -27.36 15.92 2.72
N PHE C 64 -26.65 17.03 2.93
CA PHE C 64 -25.95 17.25 4.20
C PHE C 64 -26.46 18.45 4.99
N GLN C 65 -27.29 19.29 4.39
CA GLN C 65 -27.81 20.45 5.09
C GLN C 65 -28.68 20.00 6.27
N GLY C 66 -28.54 20.66 7.42
CA GLY C 66 -29.34 20.32 8.59
C GLY C 66 -28.87 19.08 9.35
N GLN C 67 -27.94 18.35 8.73
CA GLN C 67 -27.24 17.19 9.29
C GLN C 67 -25.84 17.47 9.82
N VAL C 68 -25.16 18.44 9.24
CA VAL C 68 -23.85 18.90 9.68
C VAL C 68 -23.79 20.42 9.65
N ILE C 69 -22.89 20.97 10.43
CA ILE C 69 -22.56 22.36 10.32
C ILE C 69 -21.07 22.53 9.98
N ILE C 70 -20.80 23.32 8.95
CA ILE C 70 -19.47 23.73 8.59
C ILE C 70 -19.25 25.13 9.15
N SER C 71 -18.16 25.36 9.88
CA SER C 71 -17.91 26.70 10.41
C SER C 71 -16.44 27.06 10.25
N ALA C 72 -16.06 28.27 10.67
CA ALA C 72 -14.66 28.71 10.52
C ALA C 72 -14.29 29.78 11.55
N ASP C 73 -13.04 29.74 11.99
CA ASP C 73 -12.47 30.77 12.84
C ASP C 73 -11.27 31.35 12.10
N LYS C 74 -11.46 32.48 11.44
CA LYS C 74 -10.42 32.98 10.55
C LYS C 74 -9.25 33.56 11.33
N SER C 75 -9.43 33.75 12.63
CA SER C 75 -8.37 34.29 13.46
C SER C 75 -7.25 33.27 13.67
N ILE C 76 -7.56 31.99 13.51
CA ILE C 76 -6.56 30.91 13.60
C ILE C 76 -6.57 30.00 12.36
N ASN C 77 -7.03 30.53 11.23
CA ASN C 77 -6.90 29.83 9.96
C ASN C 77 -7.48 28.40 10.00
N THR C 78 -8.56 28.22 10.74
CA THR C 78 -9.13 26.88 10.94
C THR C 78 -10.59 26.73 10.47
N ALA C 79 -10.85 25.64 9.77
CA ALA C 79 -12.20 25.31 9.30
C ALA C 79 -12.66 24.08 10.07
N TYR C 80 -13.94 24.02 10.37
CA TYR C 80 -14.51 22.93 11.14
C TYR C 80 -15.67 22.25 10.43
N LEU C 81 -15.90 20.99 10.76
CA LEU C 81 -17.09 20.24 10.42
C LEU C 81 -17.63 19.57 11.69
N GLN C 82 -18.91 19.71 11.92
CA GLN C 82 -19.57 19.25 13.13
C GLN C 82 -20.77 18.39 12.89
N TRP C 83 -20.87 17.38 13.74
CA TRP C 83 -22.10 16.68 14.02
C TRP C 83 -22.53 16.79 15.48
N SER C 84 -24.18 16.82 15.35
CA SER C 84 -24.85 16.85 16.65
C SER C 84 -25.04 15.42 17.18
N SER C 85 -25.35 14.51 16.28
CA SER C 85 -25.63 13.13 16.65
C SER C 85 -25.22 12.21 15.50
N LEU C 86 -24.07 11.55 15.68
CA LEU C 86 -23.52 10.68 14.66
C LEU C 86 -24.39 9.46 14.43
N LYS C 87 -24.52 9.06 13.18
CA LYS C 87 -25.10 7.77 12.82
C LYS C 87 -23.97 6.85 12.40
N ALA C 88 -24.23 5.55 12.38
CA ALA C 88 -23.22 4.57 11.98
C ALA C 88 -22.79 4.80 10.52
N SER C 89 -23.69 5.34 9.72
CA SER C 89 -23.41 5.62 8.31
C SER C 89 -22.46 6.82 8.10
N ASP C 90 -22.17 7.56 9.17
CA ASP C 90 -21.21 8.66 9.10
C ASP C 90 -19.76 8.16 9.15
N THR C 91 -19.57 6.85 9.30
CA THR C 91 -18.22 6.30 9.31
C THR C 91 -17.58 6.52 7.93
N ALA C 92 -16.46 7.24 7.88
CA ALA C 92 -15.86 7.59 6.60
C ALA C 92 -14.57 8.33 6.80
N ILE C 93 -13.89 8.61 5.69
CA ILE C 93 -12.80 9.55 5.65
C ILE C 93 -13.35 10.91 5.24
N TYR C 94 -13.04 11.95 6.03
CA TYR C 94 -13.42 13.32 5.70
C TYR C 94 -12.20 14.15 5.27
N TYR C 95 -12.26 14.71 4.07
CA TYR C 95 -11.20 15.56 3.54
C TYR C 95 -11.63 17.00 3.60
N CYS C 96 -10.70 17.89 3.95
CA CYS C 96 -10.92 19.33 3.86
C CYS C 96 -10.00 19.88 2.77
N ALA C 97 -10.56 20.67 1.86
CA ALA C 97 -9.84 21.04 0.64
C ALA C 97 -10.18 22.44 0.23
N ARG C 98 -9.20 23.17 -0.27
CA ARG C 98 -9.40 24.54 -0.65
C ARG C 98 -10.10 24.56 -1.98
N GLN C 99 -11.22 25.27 -2.07
CA GLN C 99 -11.98 25.39 -3.30
C GLN C 99 -11.52 26.66 -4.00
N ASN C 100 -10.34 26.60 -4.60
CA ASN C 100 -9.70 27.77 -5.20
C ASN C 100 -10.54 28.28 -6.35
N HIS C 101 -10.38 29.55 -6.69
CA HIS C 101 -11.09 30.14 -7.85
C HIS C 101 -10.11 30.53 -8.97
N TYR C 102 -10.50 30.25 -10.22
CA TYR C 102 -9.64 30.52 -11.38
C TYR C 102 -10.34 31.37 -12.42
N GLY C 103 -9.56 32.13 -13.17
CA GLY C 103 -10.07 32.97 -14.24
C GLY C 103 -9.99 34.39 -13.75
N SER C 104 -10.20 35.34 -14.66
CA SER C 104 -10.17 36.76 -14.32
C SER C 104 -11.55 37.35 -14.49
N GLY C 105 -11.91 38.29 -13.63
CA GLY C 105 -13.24 38.86 -13.68
C GLY C 105 -13.26 40.28 -13.20
N SER C 106 -14.37 40.98 -13.45
CA SER C 106 -14.48 42.38 -13.08
C SER C 106 -14.77 42.51 -11.60
N TYR C 107 -14.19 43.53 -10.99
CA TYR C 107 -14.53 43.89 -9.62
C TYR C 107 -15.95 44.44 -9.51
N PHE C 108 -16.48 45.00 -10.60
CA PHE C 108 -17.74 45.75 -10.57
C PHE C 108 -19.02 44.92 -10.81
N TYR C 109 -18.87 43.61 -10.95
CA TYR C 109 -20.04 42.73 -10.94
C TYR C 109 -19.63 41.29 -10.70
N ARG C 110 -20.59 40.44 -10.38
CA ARG C 110 -20.28 39.08 -10.01
C ARG C 110 -19.83 38.32 -11.25
N THR C 111 -18.84 37.45 -11.05
CA THR C 111 -18.13 36.75 -12.10
C THR C 111 -18.33 35.27 -11.90
N ALA C 112 -18.51 34.51 -12.98
CA ALA C 112 -18.65 33.06 -12.90
C ALA C 112 -17.28 32.40 -13.00
N TYR C 113 -16.55 32.39 -11.89
CA TYR C 113 -15.19 31.82 -11.87
C TYR C 113 -15.26 30.31 -12.05
N TYR C 114 -14.11 29.72 -12.37
CA TYR C 114 -13.91 28.27 -12.37
C TYR C 114 -13.37 27.89 -10.99
N TYR C 115 -14.10 27.05 -10.28
CA TYR C 115 -13.73 26.66 -8.91
C TYR C 115 -13.25 25.22 -8.94
N ALA C 116 -12.14 24.94 -8.27
CA ALA C 116 -11.65 23.58 -8.19
C ALA C 116 -10.91 23.35 -6.88
N MET C 117 -10.92 22.12 -6.41
CA MET C 117 -10.29 21.80 -5.15
C MET C 117 -8.83 21.48 -5.37
N ASP C 118 -7.98 22.48 -5.22
CA ASP C 118 -6.61 22.37 -5.71
C ASP C 118 -5.63 21.86 -4.65
N VAL C 119 -5.93 22.08 -3.37
CA VAL C 119 -5.12 21.54 -2.28
C VAL C 119 -6.00 20.86 -1.23
N TRP C 120 -5.58 19.65 -0.85
CA TRP C 120 -6.38 18.77 -0.01
C TRP C 120 -5.66 18.46 1.26
N GLY C 121 -6.40 18.35 2.37
CA GLY C 121 -5.84 17.84 3.60
C GLY C 121 -5.58 16.35 3.50
N GLN C 122 -4.92 15.78 4.50
CA GLN C 122 -4.56 14.36 4.48
C GLN C 122 -5.76 13.45 4.79
N GLY C 123 -6.84 14.05 5.28
CA GLY C 123 -8.04 13.30 5.57
C GLY C 123 -8.13 12.92 7.04
N THR C 124 -9.35 12.90 7.57
CA THR C 124 -9.60 12.47 8.93
C THR C 124 -10.51 11.24 8.91
N THR C 125 -10.07 10.16 9.51
CA THR C 125 -10.86 8.94 9.54
C THR C 125 -11.82 8.95 10.74
N VAL C 126 -13.12 8.90 10.47
CA VAL C 126 -14.10 8.96 11.53
C VAL C 126 -14.82 7.63 11.61
N THR C 127 -14.82 7.04 12.79
CA THR C 127 -15.44 5.74 12.99
C THR C 127 -16.52 5.88 14.05
N VAL C 128 -17.73 5.50 13.68
CA VAL C 128 -18.85 5.51 14.60
C VAL C 128 -19.12 4.09 15.09
N SER C 129 -18.76 3.85 16.35
CA SER C 129 -18.85 2.52 16.94
C SER C 129 -18.88 2.67 18.46
N SER C 130 -19.35 1.63 19.14
CA SER C 130 -19.37 1.63 20.59
C SER C 130 -18.07 1.02 21.12
N ALA C 131 -17.31 0.38 20.23
CA ALA C 131 -16.05 -0.28 20.61
C ALA C 131 -15.05 0.75 21.11
N SER C 132 -14.20 0.37 22.05
CA SER C 132 -13.26 1.31 22.64
C SER C 132 -11.93 1.30 21.88
N THR C 133 -11.21 2.40 22.00
CA THR C 133 -9.92 2.54 21.34
C THR C 133 -8.97 1.48 21.89
N LYS C 134 -8.21 0.83 21.01
CA LYS C 134 -7.17 -0.09 21.45
C LYS C 134 -5.91 0.00 20.59
N GLY C 135 -4.77 0.13 21.26
CA GLY C 135 -3.50 0.27 20.56
C GLY C 135 -3.07 -1.07 19.98
N PRO C 136 -2.24 -1.05 18.94
CA PRO C 136 -1.79 -2.29 18.29
C PRO C 136 -0.68 -3.02 19.03
N SER C 137 -0.65 -4.33 18.88
CA SER C 137 0.53 -5.12 19.20
C SER C 137 1.26 -5.29 17.88
N VAL C 138 2.59 -5.22 17.90
CA VAL C 138 3.38 -5.32 16.70
C VAL C 138 4.35 -6.48 16.84
N PHE C 139 4.35 -7.37 15.85
CA PHE C 139 5.24 -8.52 15.89
C PHE C 139 6.09 -8.60 14.64
N PRO C 140 7.33 -9.08 14.78
CA PRO C 140 8.14 -9.26 13.58
C PRO C 140 7.65 -10.40 12.67
N LEU C 141 7.82 -10.22 11.37
CA LEU C 141 7.73 -11.30 10.41
C LEU C 141 9.16 -11.55 9.95
N ALA C 142 9.82 -12.48 10.65
CA ALA C 142 11.26 -12.66 10.51
C ALA C 142 11.60 -13.36 9.20
N PRO C 143 12.54 -12.79 8.43
CA PRO C 143 13.01 -13.51 7.25
C PRO C 143 13.82 -14.70 7.73
N SER C 144 13.96 -15.73 6.90
CA SER C 144 14.83 -16.83 7.27
C SER C 144 16.00 -16.85 6.31
N SER C 145 17.08 -17.47 6.73
CA SER C 145 18.24 -17.60 5.88
C SER C 145 17.99 -18.54 4.68
N LYS C 146 16.90 -19.33 4.74
CA LYS C 146 16.61 -20.36 3.72
C LYS C 146 15.38 -20.08 2.86
N SER C 147 14.37 -19.45 3.43
CA SER C 147 13.18 -19.11 2.66
C SER C 147 13.52 -17.84 1.92
N THR C 148 14.49 -17.98 1.01
CA THR C 148 14.94 -16.90 0.16
C THR C 148 14.73 -17.34 -1.28
N SER C 149 14.17 -16.45 -2.09
CA SER C 149 13.81 -16.80 -3.46
C SER C 149 14.41 -15.82 -4.48
N GLY C 150 15.07 -16.36 -5.50
CA GLY C 150 15.55 -15.53 -6.61
C GLY C 150 16.50 -14.43 -6.18
N GLY C 151 17.27 -14.69 -5.13
CA GLY C 151 18.18 -13.71 -4.60
C GLY C 151 17.50 -12.64 -3.76
N THR C 152 16.18 -12.76 -3.57
CA THR C 152 15.45 -11.81 -2.72
C THR C 152 14.82 -12.50 -1.52
N ALA C 153 14.70 -11.72 -0.45
CA ALA C 153 14.12 -12.17 0.79
C ALA C 153 13.02 -11.21 1.13
N ALA C 154 12.10 -11.64 1.98
CA ALA C 154 11.00 -10.79 2.43
C ALA C 154 11.00 -10.76 3.95
N LEU C 155 10.72 -9.59 4.50
CA LEU C 155 10.54 -9.48 5.95
C LEU C 155 9.43 -8.47 6.16
N GLY C 156 8.96 -8.34 7.39
CA GLY C 156 7.90 -7.40 7.64
C GLY C 156 7.51 -7.33 9.10
N CYS C 157 6.40 -6.63 9.35
CA CYS C 157 5.81 -6.52 10.67
C CYS C 157 4.31 -6.81 10.62
N LEU C 158 3.83 -7.58 11.59
CA LEU C 158 2.41 -7.86 11.74
C LEU C 158 1.86 -6.91 12.78
N VAL C 159 0.85 -6.13 12.41
CA VAL C 159 0.24 -5.16 13.31
C VAL C 159 -1.14 -5.63 13.69
N LYS C 160 -1.33 -6.02 14.93
CA LYS C 160 -2.50 -6.80 15.29
C LYS C 160 -3.33 -6.20 16.42
N ASP C 161 -4.64 -6.41 16.34
CA ASP C 161 -5.59 -6.13 17.43
C ASP C 161 -5.66 -4.66 17.83
N TYR C 162 -5.93 -3.79 16.86
CA TYR C 162 -6.07 -2.36 17.14
C TYR C 162 -7.44 -1.88 16.70
N PHE C 163 -7.87 -0.77 17.28
CA PHE C 163 -9.13 -0.12 16.91
C PHE C 163 -9.02 1.34 17.36
N PRO C 164 -9.52 2.27 16.53
CA PRO C 164 -10.08 2.09 15.18
C PRO C 164 -8.98 2.23 14.13
N GLU C 165 -9.38 2.19 12.88
CA GLU C 165 -8.50 2.61 11.81
C GLU C 165 -8.16 4.09 11.95
N PRO C 166 -7.03 4.52 11.36
CA PRO C 166 -6.04 3.68 10.69
C PRO C 166 -4.74 3.57 11.50
N VAL C 167 -3.86 2.66 11.12
CA VAL C 167 -2.45 2.73 11.52
C VAL C 167 -1.67 3.15 10.30
N THR C 168 -0.51 3.77 10.49
CA THR C 168 0.39 4.01 9.37
C THR C 168 1.68 3.28 9.68
N VAL C 169 2.33 2.75 8.65
CA VAL C 169 3.56 2.02 8.82
C VAL C 169 4.61 2.64 7.92
N SER C 170 5.72 3.06 8.49
CA SER C 170 6.89 3.47 7.70
C SER C 170 8.03 2.51 8.03
N TRP C 171 9.03 2.46 7.16
CA TRP C 171 10.24 1.66 7.42
C TRP C 171 11.47 2.56 7.51
N ASN C 172 12.27 2.33 8.54
CA ASN C 172 13.45 3.16 8.83
C ASN C 172 13.14 4.67 8.71
N SER C 173 12.10 5.09 9.42
CA SER C 173 11.68 6.48 9.51
C SER C 173 11.40 7.12 8.14
N GLY C 174 11.02 6.29 7.17
CA GLY C 174 10.62 6.78 5.86
C GLY C 174 11.75 6.76 4.86
N ALA C 175 12.91 6.24 5.27
CA ALA C 175 14.05 6.14 4.37
C ALA C 175 13.91 4.94 3.42
N LEU C 176 13.05 4.00 3.78
CA LEU C 176 12.86 2.78 3.00
C LEU C 176 11.43 2.70 2.49
N THR C 177 11.30 2.83 1.16
CA THR C 177 10.01 2.89 0.51
C THR C 177 9.96 1.85 -0.61
N SER C 178 11.11 1.59 -1.21
CA SER C 178 11.20 0.68 -2.34
C SER C 178 10.99 -0.76 -1.89
N GLY C 179 10.03 -1.43 -2.51
CA GLY C 179 9.77 -2.83 -2.23
C GLY C 179 8.82 -3.04 -1.05
N VAL C 180 8.30 -1.94 -0.52
CA VAL C 180 7.39 -1.99 0.63
C VAL C 180 5.94 -2.14 0.20
N HIS C 181 5.24 -3.07 0.83
CA HIS C 181 3.80 -3.22 0.66
C HIS C 181 3.15 -3.23 2.02
N THR C 182 2.23 -2.31 2.26
CA THR C 182 1.44 -2.34 3.46
C THR C 182 0.03 -2.70 3.06
N PHE C 183 -0.44 -3.81 3.61
CA PHE C 183 -1.71 -4.36 3.21
C PHE C 183 -2.88 -3.60 3.82
N PRO C 184 -4.03 -3.62 3.13
CA PRO C 184 -5.28 -3.11 3.70
C PRO C 184 -5.60 -3.89 4.97
N ALA C 185 -6.12 -3.20 5.97
CA ALA C 185 -6.45 -3.83 7.25
C ALA C 185 -7.66 -4.73 7.07
N VAL C 186 -7.70 -5.84 7.80
CA VAL C 186 -8.89 -6.67 7.86
C VAL C 186 -9.47 -6.64 9.25
N LEU C 187 -10.79 -6.70 9.33
CA LEU C 187 -11.49 -6.73 10.59
C LEU C 187 -11.60 -8.19 11.03
N GLN C 188 -11.05 -8.49 12.19
CA GLN C 188 -11.09 -9.84 12.71
C GLN C 188 -12.43 -10.06 13.40
N SER C 189 -12.76 -11.33 13.64
CA SER C 189 -14.03 -11.69 14.26
C SER C 189 -14.16 -11.04 15.65
N SER C 190 -13.03 -10.65 16.23
CA SER C 190 -13.03 -9.95 17.51
C SER C 190 -13.53 -8.52 17.38
N GLY C 191 -13.61 -8.02 16.15
CA GLY C 191 -13.95 -6.63 15.94
C GLY C 191 -12.75 -5.71 16.05
N LEU C 192 -11.56 -6.32 16.18
CA LEU C 192 -10.28 -5.59 16.11
C LEU C 192 -9.62 -5.77 14.75
N TYR C 193 -8.89 -4.74 14.31
CA TYR C 193 -8.27 -4.78 13.00
C TYR C 193 -6.91 -5.43 13.07
N SER C 194 -6.42 -5.86 11.92
CA SER C 194 -5.07 -6.37 11.80
C SER C 194 -4.57 -6.08 10.39
N LEU C 195 -3.27 -5.86 10.25
CA LEU C 195 -2.67 -5.76 8.91
C LEU C 195 -1.23 -6.19 8.97
N SER C 196 -0.60 -6.27 7.80
CA SER C 196 0.84 -6.50 7.72
C SER C 196 1.47 -5.50 6.79
N SER C 197 2.74 -5.20 7.05
CA SER C 197 3.57 -4.45 6.14
C SER C 197 4.77 -5.33 5.88
N VAL C 198 5.15 -5.44 4.60
CA VAL C 198 6.28 -6.26 4.22
C VAL C 198 7.21 -5.48 3.30
N VAL C 199 8.45 -5.94 3.24
CA VAL C 199 9.42 -5.37 2.31
C VAL C 199 10.28 -6.48 1.73
N THR C 200 10.53 -6.39 0.43
CA THR C 200 11.43 -7.32 -0.22
C THR C 200 12.80 -6.67 -0.33
N VAL C 201 13.83 -7.45 -0.01
CA VAL C 201 15.18 -6.94 0.03
C VAL C 201 16.10 -7.97 -0.60
N PRO C 202 17.29 -7.54 -1.03
CA PRO C 202 18.26 -8.53 -1.48
C PRO C 202 18.62 -9.47 -0.33
N SER C 203 18.75 -10.76 -0.61
CA SER C 203 19.07 -11.73 0.42
C SER C 203 20.36 -11.35 1.14
N SER C 204 21.29 -10.74 0.40
CA SER C 204 22.56 -10.34 0.97
C SER C 204 22.40 -9.30 2.08
N SER C 205 21.26 -8.63 2.12
CA SER C 205 21.02 -7.58 3.10
C SER C 205 20.47 -8.10 4.43
N LEU C 206 20.12 -9.38 4.48
CA LEU C 206 19.70 -10.00 5.74
C LEU C 206 20.88 -10.00 6.72
N GLY C 207 20.66 -9.45 7.91
CA GLY C 207 21.70 -9.43 8.92
C GLY C 207 22.63 -8.23 8.83
N THR C 208 22.88 -7.73 7.63
CA THR C 208 23.84 -6.65 7.41
C THR C 208 23.18 -5.28 7.41
N GLN C 209 21.95 -5.23 6.94
CA GLN C 209 21.18 -4.00 6.93
C GLN C 209 20.20 -4.04 8.08
N THR C 210 19.73 -2.85 8.44
CA THR C 210 18.82 -2.65 9.58
C THR C 210 17.43 -2.33 9.08
N TYR C 211 16.45 -3.14 9.50
CA TYR C 211 15.05 -2.93 9.12
C TYR C 211 14.22 -2.73 10.38
N ILE C 212 13.62 -1.55 10.49
CA ILE C 212 12.79 -1.22 11.62
C ILE C 212 11.47 -0.75 11.10
N CYS C 213 10.37 -1.32 11.57
CA CYS C 213 9.05 -0.83 11.17
C CYS C 213 8.55 0.15 12.22
N ASN C 214 8.12 1.32 11.77
CA ASN C 214 7.57 2.33 12.65
C ASN C 214 6.06 2.36 12.46
N VAL C 215 5.34 1.95 13.51
CA VAL C 215 3.89 1.85 13.47
C VAL C 215 3.25 2.92 14.34
N ASN C 216 2.38 3.71 13.73
CA ASN C 216 1.67 4.79 14.40
C ASN C 216 0.20 4.50 14.47
N HIS C 217 -0.35 4.55 15.68
CA HIS C 217 -1.79 4.51 15.87
C HIS C 217 -2.18 5.73 16.67
N LYS C 218 -2.52 6.79 15.94
CA LYS C 218 -2.77 8.10 16.52
C LYS C 218 -3.95 8.14 17.49
N PRO C 219 -5.04 7.39 17.18
CA PRO C 219 -6.19 7.33 18.09
C PRO C 219 -5.84 6.87 19.49
N SER C 220 -4.78 6.09 19.65
CA SER C 220 -4.32 5.69 20.98
C SER C 220 -3.03 6.43 21.36
N ASN C 221 -2.58 7.37 20.53
CA ASN C 221 -1.31 8.08 20.75
C ASN C 221 -0.16 7.11 20.93
N THR C 222 -0.22 6.00 20.19
CA THR C 222 0.77 4.94 20.29
C THR C 222 1.73 5.01 19.11
N LYS C 223 3.01 4.70 19.38
CA LYS C 223 4.00 4.53 18.34
C LYS C 223 5.00 3.45 18.73
N VAL C 224 5.09 2.43 17.90
CA VAL C 224 5.94 1.29 18.18
C VAL C 224 6.98 1.20 17.09
N ASP C 225 8.21 0.97 17.49
CA ASP C 225 9.29 0.71 16.55
C ASP C 225 9.79 -0.70 16.80
N LYS C 226 9.73 -1.56 15.79
CA LYS C 226 10.19 -2.93 15.91
C LYS C 226 11.33 -3.19 14.93
N LYS C 227 12.44 -3.66 15.48
CA LYS C 227 13.55 -4.14 14.67
C LYS C 227 13.23 -5.54 14.18
N VAL C 228 13.52 -5.80 12.91
CA VAL C 228 13.31 -7.12 12.33
C VAL C 228 14.63 -7.74 11.89
N GLU C 229 14.88 -8.96 12.35
CA GLU C 229 16.10 -9.68 12.00
C GLU C 229 15.81 -11.14 11.74
N PRO C 230 16.67 -11.79 10.95
CA PRO C 230 16.52 -13.22 10.66
C PRO C 230 16.67 -14.03 11.95
N LYS C 231 15.86 -15.07 12.11
CA LYS C 231 15.88 -15.86 13.33
C LYS C 231 16.24 -17.31 13.03
N GLN D 1 26.47 6.05 6.26
CA GLN D 1 26.07 4.63 6.19
C GLN D 1 26.72 3.77 7.26
N VAL D 2 27.84 4.18 7.83
CA VAL D 2 28.24 3.50 9.06
C VAL D 2 27.25 4.01 10.13
N GLN D 3 26.47 3.09 10.69
CA GLN D 3 25.41 3.43 11.62
C GLN D 3 25.37 2.42 12.74
N LEU D 4 25.32 2.91 13.96
CA LEU D 4 25.07 2.04 15.10
C LEU D 4 23.70 2.40 15.69
N VAL D 5 22.75 1.47 15.59
CA VAL D 5 21.40 1.70 16.09
C VAL D 5 21.22 0.92 17.38
N GLN D 6 21.11 1.64 18.49
CA GLN D 6 21.00 0.99 19.80
C GLN D 6 19.55 0.79 20.23
N SER D 7 19.33 -0.18 21.13
CA SER D 7 17.99 -0.42 21.66
C SER D 7 17.47 0.75 22.50
N GLY D 8 16.17 0.71 22.81
CA GLY D 8 15.52 1.87 23.40
C GLY D 8 15.76 2.00 24.89
N ALA D 9 15.54 3.19 25.43
CA ALA D 9 15.61 3.43 26.88
C ALA D 9 14.76 2.43 27.65
N GLU D 10 15.25 1.97 28.80
CA GLU D 10 14.54 1.02 29.64
C GLU D 10 14.58 1.46 31.10
N VAL D 11 13.49 1.19 31.82
CA VAL D 11 13.51 1.20 33.27
C VAL D 11 13.48 -0.24 33.75
N LYS D 12 14.39 -0.57 34.66
CA LYS D 12 14.49 -1.89 35.25
C LYS D 12 14.53 -1.76 36.75
N LYS D 13 14.01 -2.77 37.45
CA LYS D 13 14.10 -2.76 38.89
C LYS D 13 15.47 -3.25 39.31
N PRO D 14 15.96 -2.78 40.46
CA PRO D 14 17.22 -3.32 41.00
C PRO D 14 17.14 -4.84 41.16
N GLY D 15 18.23 -5.54 40.85
CA GLY D 15 18.23 -6.99 40.91
C GLY D 15 17.91 -7.62 39.56
N GLU D 16 17.15 -6.91 38.72
CA GLU D 16 16.78 -7.48 37.43
C GLU D 16 17.98 -7.60 36.49
N SER D 17 17.83 -8.47 35.49
CA SER D 17 18.83 -8.63 34.47
C SER D 17 18.49 -7.65 33.35
N LEU D 18 19.45 -7.34 32.49
CA LEU D 18 19.19 -6.46 31.37
C LEU D 18 20.18 -6.73 30.27
N LYS D 19 19.70 -6.76 29.04
CA LYS D 19 20.55 -6.90 27.88
C LYS D 19 20.18 -5.80 26.87
N ILE D 20 21.15 -4.97 26.50
CA ILE D 20 20.90 -3.94 25.49
C ILE D 20 21.73 -4.28 24.25
N SER D 21 21.34 -3.72 23.11
CA SER D 21 21.93 -4.13 21.86
C SER D 21 22.29 -2.95 21.02
N CYS D 22 23.29 -3.17 20.18
CA CYS D 22 23.67 -2.21 19.16
C CYS D 22 23.64 -2.98 17.85
N LYS D 23 22.89 -2.47 16.90
CA LYS D 23 22.84 -3.06 15.57
C LYS D 23 23.60 -2.18 14.57
N VAL D 24 24.60 -2.77 13.93
CA VAL D 24 25.56 -2.05 13.11
C VAL D 24 25.29 -2.26 11.62
N SER D 25 25.53 -1.25 10.80
CA SER D 25 25.43 -1.41 9.35
C SER D 25 26.47 -0.51 8.70
N GLY D 26 26.89 -0.85 7.48
CA GLY D 26 27.73 0.05 6.70
C GLY D 26 29.20 -0.30 6.59
N TYR D 27 29.60 -1.39 7.22
CA TYR D 27 30.98 -1.87 7.12
C TYR D 27 30.95 -3.32 7.59
N ASN D 28 32.09 -3.99 7.54
CA ASN D 28 32.16 -5.40 7.93
C ASN D 28 32.27 -5.52 9.43
N PHE D 29 31.15 -5.85 10.05
CA PHE D 29 31.03 -5.88 11.51
C PHE D 29 32.07 -6.79 12.15
N ALA D 30 32.46 -7.83 11.41
CA ALA D 30 33.36 -8.85 11.93
C ALA D 30 34.83 -8.43 11.92
N SER D 31 35.13 -7.29 11.30
CA SER D 31 36.52 -6.92 11.05
C SER D 31 37.01 -5.70 11.84
N GLU D 32 36.28 -5.26 12.87
CA GLU D 32 36.73 -4.11 13.66
C GLU D 32 36.27 -4.26 15.10
N TRP D 33 37.05 -3.75 16.04
CA TRP D 33 36.64 -3.76 17.44
C TRP D 33 35.45 -2.86 17.61
N ILE D 34 34.58 -3.21 18.56
CA ILE D 34 33.44 -2.39 18.87
C ILE D 34 33.26 -2.43 20.37
N GLY D 35 32.92 -1.30 20.97
CA GLY D 35 32.90 -1.24 22.43
C GLY D 35 31.76 -0.46 23.03
N TRP D 36 31.77 -0.40 24.36
CA TRP D 36 30.71 0.21 25.13
C TRP D 36 31.30 1.23 26.10
N VAL D 37 30.59 2.34 26.26
CA VAL D 37 31.00 3.46 27.10
C VAL D 37 29.85 3.86 27.99
N ARG D 38 30.17 4.09 29.26
CA ARG D 38 29.16 4.47 30.23
C ARG D 38 29.22 5.96 30.49
N GLN D 39 28.07 6.59 30.69
CA GLN D 39 28.04 7.99 31.11
C GLN D 39 26.96 8.18 32.15
N MET D 40 27.37 8.27 33.40
CA MET D 40 26.42 8.51 34.48
C MET D 40 25.95 9.96 34.43
N PRO D 41 24.75 10.23 34.98
CA PRO D 41 24.19 11.58 34.78
C PRO D 41 25.07 12.69 35.40
N GLY D 42 25.36 13.72 34.61
CA GLY D 42 26.18 14.83 35.05
C GLY D 42 27.66 14.48 35.15
N LYS D 43 28.04 13.33 34.60
CA LYS D 43 29.40 12.80 34.76
C LYS D 43 30.07 12.57 33.42
N GLY D 44 31.30 12.08 33.45
CA GLY D 44 32.08 11.93 32.24
C GLY D 44 31.93 10.57 31.59
N LEU D 45 32.75 10.32 30.58
CA LEU D 45 32.75 9.07 29.85
C LEU D 45 33.63 8.03 30.54
N GLU D 46 33.15 6.79 30.55
CA GLU D 46 33.91 5.66 31.09
C GLU D 46 33.90 4.52 30.09
N TRP D 47 35.09 4.09 29.70
CA TRP D 47 35.29 3.03 28.75
C TRP D 47 35.04 1.73 29.49
N MET D 48 34.15 0.89 28.99
CA MET D 48 33.79 -0.33 29.72
C MET D 48 34.56 -1.51 29.17
N GLY D 49 34.58 -1.61 27.84
CA GLY D 49 35.29 -2.68 27.18
C GLY D 49 34.96 -2.78 25.71
N ILE D 50 35.67 -3.67 25.03
CA ILE D 50 35.52 -3.87 23.59
C ILE D 50 35.46 -5.36 23.24
N ILE D 51 34.84 -5.65 22.10
CA ILE D 51 34.78 -7.03 21.59
C ILE D 51 35.14 -7.01 20.10
N TYR D 52 35.84 -8.06 19.67
CA TYR D 52 36.12 -8.25 18.25
C TYR D 52 35.19 -9.32 17.71
N PRO D 53 34.14 -8.90 16.98
CA PRO D 53 33.07 -9.87 16.69
C PRO D 53 33.51 -11.04 15.83
N GLY D 54 34.59 -10.87 15.08
CA GLY D 54 35.14 -11.93 14.26
C GLY D 54 35.45 -13.20 15.03
N ASP D 55 35.94 -13.05 16.26
CA ASP D 55 36.26 -14.20 17.11
C ASP D 55 35.78 -14.05 18.57
N SER D 56 35.07 -12.97 18.84
CA SER D 56 34.45 -12.71 20.15
C SER D 56 35.48 -12.48 21.25
N ASP D 57 36.72 -12.21 20.86
CA ASP D 57 37.75 -11.77 21.80
C ASP D 57 37.28 -10.48 22.47
N THR D 58 37.43 -10.40 23.79
CA THR D 58 36.96 -9.28 24.58
C THR D 58 38.07 -8.70 25.45
N LYS D 59 38.05 -7.39 25.64
CA LYS D 59 38.99 -6.75 26.54
C LYS D 59 38.18 -5.74 27.38
N TYR D 60 38.18 -5.92 28.69
CA TYR D 60 37.37 -5.13 29.60
C TYR D 60 38.23 -4.23 30.47
N SER D 61 37.63 -3.16 30.99
CA SER D 61 38.30 -2.45 32.08
C SER D 61 38.10 -3.30 33.34
N PRO D 62 39.10 -3.32 34.23
CA PRO D 62 38.99 -4.04 35.51
C PRO D 62 37.84 -3.53 36.38
N SER D 63 37.40 -2.30 36.16
CA SER D 63 36.29 -1.78 36.92
C SER D 63 34.97 -2.43 36.51
N PHE D 64 34.90 -2.98 35.30
CA PHE D 64 33.65 -3.55 34.80
C PHE D 64 33.68 -5.06 34.63
N GLN D 65 34.85 -5.67 34.76
CA GLN D 65 35.02 -7.11 34.68
C GLN D 65 34.15 -7.81 35.72
N GLY D 66 33.46 -8.87 35.30
CA GLY D 66 32.63 -9.64 36.22
C GLY D 66 31.38 -8.91 36.68
N GLN D 67 31.19 -7.68 36.21
CA GLN D 67 29.96 -6.94 36.48
C GLN D 67 29.07 -6.98 35.25
N VAL D 68 29.66 -7.28 34.12
CA VAL D 68 29.05 -7.01 32.84
C VAL D 68 29.61 -7.98 31.82
N ILE D 69 28.78 -8.39 30.86
CA ILE D 69 29.21 -9.27 29.77
C ILE D 69 28.96 -8.59 28.43
N ILE D 70 30.01 -8.44 27.63
CA ILE D 70 29.90 -7.86 26.30
C ILE D 70 29.94 -9.01 25.32
N SER D 71 28.98 -9.08 24.40
CA SER D 71 28.98 -10.15 23.41
C SER D 71 28.63 -9.62 22.01
N ALA D 72 28.60 -10.53 21.02
CA ALA D 72 28.34 -10.14 19.65
C ALA D 72 27.80 -11.31 18.87
N ASP D 73 26.86 -11.05 17.98
CA ASP D 73 26.33 -12.08 17.07
C ASP D 73 26.58 -11.59 15.65
N LYS D 74 27.65 -12.07 15.03
CA LYS D 74 28.08 -11.48 13.78
C LYS D 74 27.17 -11.85 12.62
N SER D 75 26.29 -12.83 12.83
CA SER D 75 25.38 -13.24 11.77
C SER D 75 24.33 -12.14 11.51
N ILE D 76 24.12 -11.28 12.51
CA ILE D 76 23.17 -10.16 12.37
C ILE D 76 23.78 -8.84 12.83
N ASN D 77 25.12 -8.74 12.77
CA ASN D 77 25.79 -7.46 12.89
C ASN D 77 25.41 -6.74 14.18
N THR D 78 25.28 -7.48 15.28
CA THR D 78 24.77 -6.91 16.54
C THR D 78 25.72 -7.20 17.71
N ALA D 79 26.00 -6.16 18.49
CA ALA D 79 26.80 -6.27 19.71
C ALA D 79 25.89 -6.08 20.93
N TYR D 80 26.24 -6.67 22.06
CA TYR D 80 25.38 -6.63 23.24
C TYR D 80 26.18 -6.26 24.48
N LEU D 81 25.51 -5.71 25.46
CA LEU D 81 26.07 -5.42 26.77
C LEU D 81 25.07 -5.94 27.77
N GLN D 82 25.49 -6.73 28.72
CA GLN D 82 24.50 -7.27 29.63
C GLN D 82 24.86 -7.38 31.06
N TRP D 83 23.82 -7.35 31.89
CA TRP D 83 23.90 -7.41 33.32
C TRP D 83 22.99 -8.53 33.75
N SER D 84 23.61 -9.32 34.77
CA SER D 84 22.81 -10.36 35.41
C SER D 84 21.91 -9.78 36.50
N SER D 85 22.39 -8.76 37.22
CA SER D 85 21.61 -8.10 38.27
C SER D 85 21.99 -6.62 38.43
N LEU D 86 21.06 -5.73 38.10
CA LEU D 86 21.33 -4.29 38.07
C LEU D 86 21.33 -3.65 39.45
N LYS D 87 22.12 -2.60 39.60
CA LYS D 87 22.16 -1.80 40.82
C LYS D 87 21.74 -0.38 40.48
N ALA D 88 21.29 0.34 41.51
CA ALA D 88 20.85 1.73 41.35
C ALA D 88 21.93 2.58 40.69
N SER D 89 23.19 2.23 40.95
CA SER D 89 24.30 2.99 40.43
C SER D 89 24.57 2.67 38.96
N ASP D 90 23.88 1.69 38.40
CA ASP D 90 24.02 1.40 36.97
C ASP D 90 23.20 2.39 36.13
N THR D 91 22.42 3.26 36.79
CA THR D 91 21.60 4.23 36.07
C THR D 91 22.50 5.16 35.26
N ALA D 92 22.37 5.10 33.95
CA ALA D 92 23.24 5.88 33.08
C ALA D 92 22.82 5.80 31.64
N ILE D 93 23.57 6.50 30.80
CA ILE D 93 23.48 6.34 29.38
C ILE D 93 24.61 5.43 28.95
N TYR D 94 24.30 4.45 28.10
CA TYR D 94 25.34 3.58 27.53
C TYR D 94 25.44 3.79 26.02
N TYR D 95 26.65 4.05 25.55
CA TYR D 95 26.94 4.18 24.13
C TYR D 95 27.70 2.97 23.60
N CYS D 96 27.33 2.52 22.41
CA CYS D 96 28.10 1.51 21.70
C CYS D 96 28.76 2.21 20.53
N ALA D 97 30.08 2.10 20.45
CA ALA D 97 30.83 2.80 19.41
C ALA D 97 31.85 1.88 18.75
N ARG D 98 32.14 2.15 17.48
CA ARG D 98 33.10 1.35 16.73
C ARG D 98 34.48 1.84 17.09
N GLN D 99 35.33 0.94 17.53
CA GLN D 99 36.70 1.30 17.81
C GLN D 99 37.54 0.93 16.60
N ASN D 100 37.61 1.85 15.64
CA ASN D 100 38.29 1.64 14.38
C ASN D 100 39.79 1.67 14.56
N HIS D 101 40.53 1.10 13.62
CA HIS D 101 41.99 1.16 13.65
C HIS D 101 42.59 1.94 12.47
N TYR D 102 43.61 2.74 12.76
CA TYR D 102 44.27 3.59 11.78
C TYR D 102 45.75 3.29 11.74
N GLY D 103 46.37 3.56 10.60
CA GLY D 103 47.79 3.38 10.44
C GLY D 103 48.04 2.25 9.47
N SER D 104 49.25 2.24 8.92
CA SER D 104 49.67 1.18 8.00
C SER D 104 50.38 0.08 8.78
N GLY D 105 50.01 -1.16 8.50
CA GLY D 105 50.56 -2.29 9.23
C GLY D 105 51.31 -3.23 8.33
N SER D 106 51.68 -4.36 8.91
CA SER D 106 52.35 -5.43 8.21
C SER D 106 51.46 -6.65 8.28
N TYR D 107 51.57 -7.54 7.30
CA TYR D 107 50.84 -8.79 7.34
C TYR D 107 51.64 -9.82 8.14
N PHE D 108 52.92 -9.54 8.35
CA PHE D 108 53.85 -10.53 8.89
C PHE D 108 54.13 -10.37 10.39
N TYR D 109 53.74 -9.23 10.94
CA TYR D 109 53.97 -8.94 12.36
C TYR D 109 52.78 -8.21 12.95
N ARG D 110 52.51 -8.46 14.22
CA ARG D 110 51.49 -7.71 14.93
C ARG D 110 51.91 -6.24 14.93
N THR D 111 50.95 -5.34 14.79
CA THR D 111 51.23 -3.92 14.67
C THR D 111 50.47 -3.15 15.72
N ALA D 112 51.09 -2.09 16.23
CA ALA D 112 50.48 -1.21 17.22
C ALA D 112 49.66 -0.09 16.52
N TYR D 113 48.48 -0.39 15.99
CA TYR D 113 47.64 0.62 15.33
C TYR D 113 47.17 1.72 16.28
N TYR D 114 46.67 2.81 15.72
CA TYR D 114 45.96 3.83 16.49
C TYR D 114 44.47 3.48 16.51
N TYR D 115 43.92 3.22 17.71
CA TYR D 115 42.49 2.94 17.87
C TYR D 115 41.73 4.16 18.36
N ALA D 116 40.53 4.35 17.84
CA ALA D 116 39.71 5.50 18.18
C ALA D 116 38.26 5.20 17.86
N MET D 117 37.36 5.74 18.67
CA MET D 117 35.94 5.47 18.51
C MET D 117 35.38 6.50 17.57
N ASP D 118 35.24 6.11 16.30
CA ASP D 118 34.96 7.10 15.27
C ASP D 118 33.48 7.24 14.96
N VAL D 119 32.70 6.21 15.30
CA VAL D 119 31.27 6.25 15.09
C VAL D 119 30.57 5.72 16.33
N TRP D 120 29.59 6.47 16.80
CA TRP D 120 28.90 6.17 18.04
C TRP D 120 27.43 5.95 17.80
N GLY D 121 26.84 5.10 18.63
CA GLY D 121 25.40 4.96 18.63
C GLY D 121 24.78 6.19 19.28
N GLN D 122 23.46 6.22 19.31
CA GLN D 122 22.75 7.40 19.77
C GLN D 122 22.60 7.38 21.29
N GLY D 123 22.97 6.25 21.90
CA GLY D 123 22.89 6.12 23.35
C GLY D 123 21.65 5.40 23.83
N THR D 124 21.76 4.62 24.90
CA THR D 124 20.61 3.95 25.54
C THR D 124 20.53 4.40 27.00
N THR D 125 19.46 5.08 27.35
CA THR D 125 19.28 5.53 28.74
C THR D 125 18.69 4.39 29.56
N VAL D 126 19.42 3.95 30.58
CA VAL D 126 18.98 2.90 31.49
C VAL D 126 18.73 3.51 32.85
N THR D 127 17.50 3.34 33.34
CA THR D 127 17.15 3.82 34.66
C THR D 127 16.87 2.61 35.52
N VAL D 128 17.53 2.53 36.67
CA VAL D 128 17.27 1.44 37.59
C VAL D 128 16.40 1.95 38.73
N SER D 129 15.14 1.56 38.72
CA SER D 129 14.19 2.08 39.69
C SER D 129 13.06 1.09 39.94
N SER D 130 12.37 1.27 41.06
CA SER D 130 11.20 0.49 41.38
C SER D 130 9.96 1.13 40.76
N ALA D 131 10.07 2.38 40.32
CA ALA D 131 8.93 3.08 39.77
C ALA D 131 8.47 2.44 38.45
N SER D 132 7.18 2.54 38.16
CA SER D 132 6.64 1.98 36.93
C SER D 132 6.74 2.97 35.76
N THR D 133 6.72 2.45 34.55
CA THR D 133 6.75 3.28 33.36
C THR D 133 5.43 4.02 33.21
N LYS D 134 5.50 5.30 32.84
CA LYS D 134 4.31 6.10 32.65
C LYS D 134 4.48 7.14 31.56
N GLY D 135 3.57 7.17 30.60
CA GLY D 135 3.67 8.10 29.49
C GLY D 135 3.31 9.52 29.91
N PRO D 136 3.73 10.52 29.12
CA PRO D 136 3.49 11.91 29.50
C PRO D 136 2.11 12.42 29.07
N SER D 137 1.62 13.42 29.78
CA SER D 137 0.56 14.28 29.29
C SER D 137 1.25 15.46 28.62
N VAL D 138 0.67 15.99 27.54
CA VAL D 138 1.28 17.11 26.83
C VAL D 138 0.29 18.22 26.75
N PHE D 139 0.69 19.42 27.16
CA PHE D 139 -0.21 20.56 27.16
C PHE D 139 0.39 21.72 26.38
N PRO D 140 -0.47 22.50 25.71
CA PRO D 140 0.07 23.68 25.02
C PRO D 140 0.48 24.80 25.99
N LEU D 141 1.59 25.45 25.65
CA LEU D 141 1.92 26.74 26.25
C LEU D 141 1.48 27.79 25.24
N ALA D 142 0.29 28.35 25.45
CA ALA D 142 -0.34 29.17 24.44
C ALA D 142 0.25 30.58 24.43
N PRO D 143 0.67 31.06 23.24
CA PRO D 143 1.22 32.41 23.15
C PRO D 143 0.17 33.45 23.44
N SER D 144 0.53 34.46 24.21
CA SER D 144 -0.37 35.58 24.48
C SER D 144 -0.65 36.35 23.19
N SER D 145 -1.88 36.83 23.05
CA SER D 145 -2.29 37.59 21.87
C SER D 145 -1.66 38.97 21.87
N LYS D 146 -1.34 39.48 23.06
CA LYS D 146 -0.73 40.80 23.20
C LYS D 146 0.64 40.85 22.52
N SER D 147 1.40 39.77 22.67
CA SER D 147 2.73 39.69 22.07
C SER D 147 3.78 40.38 22.95
N THR D 148 5.02 40.43 22.46
CA THR D 148 6.10 41.05 23.20
C THR D 148 7.26 40.09 23.40
N GLY D 151 8.35 42.46 18.01
CA GLY D 151 7.28 41.69 17.42
C GLY D 151 7.52 40.19 17.48
N THR D 152 8.07 39.74 18.62
CA THR D 152 8.37 38.33 18.80
C THR D 152 7.50 37.77 19.93
N ALA D 153 6.85 36.57 19.58
CA ALA D 153 6.08 35.85 20.58
C ALA D 153 6.73 34.50 20.82
N ALA D 154 6.27 33.81 21.86
CA ALA D 154 6.80 32.48 22.17
C ALA D 154 5.66 31.53 22.46
N LEU D 155 5.80 30.29 22.03
CA LEU D 155 4.85 29.26 22.41
C LEU D 155 5.63 28.02 22.75
N GLY D 156 4.93 26.99 23.19
CA GLY D 156 5.59 25.79 23.61
C GLY D 156 4.62 24.67 23.95
N CYS D 157 5.19 23.59 24.47
CA CYS D 157 4.44 22.44 24.90
C CYS D 157 5.01 22.02 26.23
N LEU D 158 4.13 21.80 27.19
CA LEU D 158 4.53 21.31 28.50
C LEU D 158 4.32 19.79 28.51
N VAL D 159 5.41 19.07 28.77
CA VAL D 159 5.39 17.62 28.77
C VAL D 159 5.52 17.14 30.20
N LYS D 160 4.42 16.67 30.77
CA LYS D 160 4.32 16.49 32.22
C LYS D 160 4.11 15.04 32.69
N ASP D 161 4.65 14.74 33.87
CA ASP D 161 4.44 13.49 34.62
C ASP D 161 4.79 12.14 33.96
N TYR D 162 6.00 12.04 33.41
CA TYR D 162 6.39 10.82 32.71
C TYR D 162 7.53 10.15 33.47
N PHE D 163 7.73 8.88 33.18
CA PHE D 163 8.83 8.11 33.72
C PHE D 163 9.05 6.94 32.78
N PRO D 164 10.33 6.58 32.52
CA PRO D 164 11.56 7.25 32.88
C PRO D 164 11.99 8.22 31.79
N GLU D 165 13.19 8.75 31.88
CA GLU D 165 13.78 9.50 30.78
C GLU D 165 14.09 8.54 29.65
N PRO D 166 14.18 9.04 28.40
CA PRO D 166 13.98 10.44 27.98
C PRO D 166 12.68 10.63 27.18
N VAL D 167 12.30 11.88 26.95
CA VAL D 167 11.35 12.18 25.88
C VAL D 167 12.10 13.03 24.88
N THR D 168 11.68 12.98 23.62
CA THR D 168 12.19 13.89 22.62
C THR D 168 11.04 14.76 22.12
N VAL D 169 11.33 16.01 21.81
CA VAL D 169 10.35 16.91 21.27
C VAL D 169 10.91 17.41 19.94
N SER D 170 10.09 17.38 18.89
CA SER D 170 10.39 18.13 17.69
C SER D 170 9.21 19.09 17.44
N TRP D 171 9.39 20.01 16.49
CA TRP D 171 8.34 20.92 16.09
C TRP D 171 8.08 20.75 14.59
N ASN D 172 6.81 20.59 14.23
CA ASN D 172 6.42 20.44 12.84
C ASN D 172 7.21 19.32 12.18
N SER D 173 7.36 18.22 12.91
CA SER D 173 8.01 17.03 12.40
C SER D 173 9.41 17.33 11.89
N GLY D 174 10.06 18.31 12.51
CA GLY D 174 11.45 18.60 12.19
C GLY D 174 11.64 19.83 11.31
N ALA D 175 10.56 20.35 10.75
CA ALA D 175 10.65 21.49 9.84
C ALA D 175 10.96 22.79 10.56
N LEU D 176 10.76 22.81 11.88
CA LEU D 176 10.99 24.02 12.67
C LEU D 176 12.04 23.75 13.73
N THR D 177 13.20 24.41 13.59
CA THR D 177 14.35 24.18 14.46
C THR D 177 14.90 25.47 15.07
N SER D 178 14.94 26.55 14.30
CA SER D 178 15.53 27.77 14.81
C SER D 178 14.60 28.40 15.84
N GLY D 179 15.18 28.80 16.98
CA GLY D 179 14.43 29.45 18.02
C GLY D 179 13.88 28.46 19.03
N VAL D 180 14.18 27.18 18.82
CA VAL D 180 13.66 26.11 19.66
C VAL D 180 14.58 25.79 20.83
N HIS D 181 13.99 25.73 22.03
CA HIS D 181 14.70 25.31 23.22
C HIS D 181 13.88 24.24 23.92
N THR D 182 14.52 23.12 24.19
CA THR D 182 13.92 22.07 24.96
C THR D 182 14.70 21.99 26.28
N PHE D 183 14.01 22.23 27.39
CA PHE D 183 14.68 22.32 28.68
C PHE D 183 15.01 20.93 29.22
N PRO D 184 16.11 20.79 29.97
CA PRO D 184 16.35 19.55 30.71
C PRO D 184 15.15 19.24 31.61
N ALA D 185 14.91 17.95 31.83
CA ALA D 185 13.79 17.50 32.64
C ALA D 185 14.09 17.69 34.11
N VAL D 186 13.06 18.00 34.89
CA VAL D 186 13.20 18.07 36.34
C VAL D 186 12.41 16.94 36.96
N LEU D 187 13.01 16.27 37.93
CA LEU D 187 12.30 15.25 38.67
C LEU D 187 11.43 15.96 39.70
N GLN D 188 10.12 15.76 39.62
CA GLN D 188 9.18 16.34 40.57
C GLN D 188 9.14 15.48 41.82
N SER D 189 8.56 16.02 42.90
CA SER D 189 8.46 15.31 44.18
C SER D 189 7.68 14.02 44.07
N SER D 190 6.78 13.97 43.09
CA SER D 190 5.99 12.77 42.81
C SER D 190 6.81 11.61 42.25
N GLY D 191 8.07 11.88 41.88
CA GLY D 191 8.91 10.86 41.27
C GLY D 191 8.82 10.85 39.75
N LEU D 192 8.01 11.74 39.18
CA LEU D 192 7.84 11.82 37.74
C LEU D 192 8.56 13.05 37.17
N TYR D 193 8.97 12.94 35.91
CA TYR D 193 9.72 14.01 35.25
C TYR D 193 8.78 14.97 34.56
N SER D 194 9.23 16.20 34.37
CA SER D 194 8.48 17.11 33.52
C SER D 194 9.46 18.02 32.78
N LEU D 195 9.07 18.49 31.60
CA LEU D 195 9.85 19.47 30.88
C LEU D 195 8.98 20.32 29.97
N SER D 196 9.59 21.34 29.36
CA SER D 196 8.89 22.18 28.39
C SER D 196 9.77 22.37 27.18
N SER D 197 9.15 22.53 26.02
CA SER D 197 9.87 22.88 24.82
C SER D 197 9.19 24.15 24.35
N VAL D 198 9.98 25.15 23.98
CA VAL D 198 9.45 26.44 23.60
C VAL D 198 10.10 26.89 22.31
N VAL D 199 9.43 27.79 21.62
CA VAL D 199 10.01 28.34 20.42
C VAL D 199 9.50 29.75 20.26
N THR D 200 10.37 30.62 19.78
CA THR D 200 10.00 32.01 19.55
C THR D 200 9.62 32.13 18.08
N VAL D 201 8.57 32.89 17.82
CA VAL D 201 8.11 33.11 16.47
C VAL D 201 7.67 34.55 16.30
N PRO D 202 7.57 35.01 15.04
CA PRO D 202 6.99 36.33 14.79
C PRO D 202 5.55 36.37 15.30
N SER D 203 5.19 37.44 16.00
CA SER D 203 3.86 37.56 16.61
C SER D 203 2.75 37.69 15.55
N SER D 204 3.15 37.93 14.31
CA SER D 204 2.21 38.10 13.20
C SER D 204 1.78 36.73 12.67
N SER D 205 2.54 35.70 13.02
CA SER D 205 2.33 34.37 12.48
C SER D 205 1.48 33.52 13.42
N LEU D 206 1.05 34.08 14.55
CA LEU D 206 0.48 33.27 15.61
C LEU D 206 -0.78 32.47 15.23
N GLY D 207 -1.62 33.01 14.36
CA GLY D 207 -2.79 32.29 13.91
C GLY D 207 -2.66 31.74 12.49
N THR D 208 -1.66 32.20 11.76
CA THR D 208 -1.56 31.96 10.32
C THR D 208 -0.50 30.92 9.98
N GLN D 209 0.39 30.62 10.92
CA GLN D 209 1.27 29.48 10.79
C GLN D 209 0.78 28.38 11.71
N THR D 210 1.18 27.16 11.40
CA THR D 210 0.78 26.01 12.19
C THR D 210 1.97 25.55 12.99
N TYR D 211 1.77 25.45 14.30
CA TYR D 211 2.80 25.01 15.22
C TYR D 211 2.32 23.77 15.95
N ILE D 212 3.02 22.66 15.73
CA ILE D 212 2.69 21.39 16.33
C ILE D 212 3.93 20.83 16.97
N CYS D 213 3.83 20.46 18.25
CA CYS D 213 4.95 19.81 18.90
C CYS D 213 4.72 18.31 18.90
N ASN D 214 5.73 17.57 18.48
CA ASN D 214 5.67 16.12 18.39
C ASN D 214 6.47 15.58 19.55
N VAL D 215 5.79 14.92 20.50
CA VAL D 215 6.44 14.39 21.68
C VAL D 215 6.52 12.90 21.58
N ASN D 216 7.71 12.36 21.83
CA ASN D 216 7.94 10.92 21.79
C ASN D 216 8.44 10.43 23.12
N HIS D 217 7.77 9.44 23.70
CA HIS D 217 8.26 8.80 24.90
C HIS D 217 8.31 7.31 24.68
N LYS D 218 9.45 6.87 24.19
CA LYS D 218 9.62 5.50 23.69
C LYS D 218 9.43 4.41 24.76
N PRO D 219 9.86 4.68 26.01
CA PRO D 219 9.62 3.67 27.04
C PRO D 219 8.16 3.28 27.14
N SER D 220 7.25 4.20 26.85
CA SER D 220 5.80 3.91 26.95
C SER D 220 5.14 3.74 25.57
N ASN D 221 5.95 3.74 24.51
CA ASN D 221 5.44 3.73 23.14
C ASN D 221 4.42 4.83 22.90
N THR D 222 4.66 5.99 23.52
CA THR D 222 3.73 7.10 23.43
C THR D 222 4.23 8.12 22.41
N LYS D 223 3.34 8.58 21.55
CA LYS D 223 3.63 9.73 20.72
C LYS D 223 2.43 10.63 20.69
N VAL D 224 2.64 11.90 20.94
CA VAL D 224 1.56 12.87 20.91
C VAL D 224 1.96 14.04 20.01
N ASP D 225 1.02 14.44 19.17
CA ASP D 225 1.19 15.62 18.34
C ASP D 225 0.19 16.63 18.86
N LYS D 226 0.67 17.75 19.36
CA LYS D 226 -0.20 18.74 19.95
C LYS D 226 -0.12 20.06 19.21
N LYS D 227 -1.26 20.53 18.72
CA LYS D 227 -1.35 21.80 18.03
C LYS D 227 -1.26 22.92 19.06
N VAL D 228 -0.44 23.92 18.80
CA VAL D 228 -0.27 25.02 19.74
C VAL D 228 -0.77 26.33 19.15
N GLU D 229 -1.85 26.86 19.69
CA GLU D 229 -2.43 28.10 19.16
C GLU D 229 -2.87 29.02 20.28
N PRO D 230 -2.95 30.33 20.00
CA PRO D 230 -3.46 31.27 21.00
C PRO D 230 -4.85 30.87 21.51
N LYS D 231 -5.10 31.12 22.79
CA LYS D 231 -6.32 30.75 23.50
C LYS D 231 -7.48 31.64 23.06
N GLN E 1 -30.96 -18.55 -45.75
CA GLN E 1 -30.46 -19.93 -45.78
C GLN E 1 -29.08 -19.93 -46.44
N VAL E 2 -28.38 -18.81 -46.36
CA VAL E 2 -26.96 -18.79 -46.65
C VAL E 2 -26.28 -19.48 -45.48
N GLN E 3 -25.47 -20.50 -45.72
CA GLN E 3 -24.70 -21.07 -44.64
C GLN E 3 -23.43 -21.71 -45.11
N LEU E 4 -22.40 -21.59 -44.27
CA LEU E 4 -21.11 -22.20 -44.53
C LEU E 4 -20.95 -23.28 -43.50
N VAL E 5 -20.62 -24.47 -43.98
CA VAL E 5 -20.44 -25.62 -43.11
C VAL E 5 -19.02 -26.10 -43.30
N GLN E 6 -18.26 -26.14 -42.20
CA GLN E 6 -16.86 -26.51 -42.26
C GLN E 6 -16.64 -27.99 -41.93
N SER E 7 -15.51 -28.51 -42.37
CA SER E 7 -15.11 -29.87 -42.05
C SER E 7 -14.77 -30.01 -40.55
N GLY E 8 -14.65 -31.24 -40.09
CA GLY E 8 -14.51 -31.51 -38.68
C GLY E 8 -13.11 -31.27 -38.14
N ALA E 9 -13.02 -31.23 -36.83
CA ALA E 9 -11.78 -30.91 -36.14
C ALA E 9 -10.72 -31.95 -36.45
N GLU E 10 -9.45 -31.54 -36.35
CA GLU E 10 -8.34 -32.38 -36.77
C GLU E 10 -7.26 -32.45 -35.71
N VAL E 11 -6.52 -33.56 -35.76
CA VAL E 11 -5.29 -33.72 -35.00
C VAL E 11 -4.24 -34.19 -35.98
N LYS E 12 -3.09 -33.52 -35.98
CA LYS E 12 -2.03 -33.86 -36.92
C LYS E 12 -0.68 -33.68 -36.26
N LYS E 13 0.23 -34.61 -36.55
CA LYS E 13 1.59 -34.52 -36.08
C LYS E 13 2.29 -33.39 -36.83
N PRO E 14 3.24 -32.71 -36.18
CA PRO E 14 3.99 -31.66 -36.86
C PRO E 14 4.65 -32.17 -38.14
N GLY E 15 4.84 -31.29 -39.13
CA GLY E 15 5.45 -31.67 -40.39
C GLY E 15 4.47 -32.28 -41.37
N GLU E 16 3.41 -32.90 -40.87
CA GLU E 16 2.38 -33.49 -41.73
C GLU E 16 1.63 -32.42 -42.53
N SER E 17 0.74 -32.88 -43.41
CA SER E 17 -0.02 -31.99 -44.29
C SER E 17 -1.50 -32.09 -43.98
N LEU E 18 -2.23 -31.05 -44.33
CA LEU E 18 -3.65 -30.95 -43.98
C LEU E 18 -4.41 -30.08 -44.94
N LYS E 19 -5.61 -30.52 -45.28
CA LYS E 19 -6.55 -29.75 -46.07
C LYS E 19 -7.89 -29.74 -45.35
N ILE E 20 -8.46 -28.55 -45.17
CA ILE E 20 -9.78 -28.44 -44.56
C ILE E 20 -10.70 -27.74 -45.51
N SER E 21 -11.99 -27.82 -45.24
CA SER E 21 -12.99 -27.44 -46.22
C SER E 21 -14.14 -26.70 -45.59
N CYS E 22 -14.78 -25.91 -46.44
CA CYS E 22 -15.93 -25.13 -46.06
C CYS E 22 -16.91 -25.27 -47.20
N LYS E 23 -18.07 -25.88 -46.94
CA LYS E 23 -19.09 -26.03 -47.97
C LYS E 23 -20.23 -25.04 -47.76
N VAL E 24 -20.72 -24.48 -48.86
CA VAL E 24 -21.64 -23.36 -48.79
C VAL E 24 -22.96 -23.69 -49.48
N SER E 25 -24.04 -23.07 -49.02
CA SER E 25 -25.32 -23.14 -49.71
C SER E 25 -26.04 -21.81 -49.50
N GLY E 26 -27.10 -21.57 -50.28
CA GLY E 26 -27.95 -20.39 -50.09
C GLY E 26 -27.70 -19.25 -51.06
N TYR E 27 -26.60 -19.30 -51.80
CA TYR E 27 -26.31 -18.23 -52.74
C TYR E 27 -25.35 -18.72 -53.79
N ASN E 28 -25.05 -17.87 -54.77
CA ASN E 28 -24.14 -18.23 -55.84
C ASN E 28 -22.69 -18.16 -55.36
N PHE E 29 -22.11 -19.33 -55.15
CA PHE E 29 -20.77 -19.47 -54.56
C PHE E 29 -19.71 -18.75 -55.37
N ALA E 30 -19.90 -18.66 -56.68
CA ALA E 30 -18.90 -18.09 -57.59
C ALA E 30 -18.93 -16.58 -57.65
N SER E 31 -19.87 -15.96 -56.94
CA SER E 31 -20.16 -14.53 -57.08
C SER E 31 -19.73 -13.70 -55.87
N GLU E 32 -19.22 -14.37 -54.84
CA GLU E 32 -18.77 -13.63 -53.67
C GLU E 32 -17.42 -14.16 -53.17
N TRP E 33 -16.59 -13.25 -52.66
CA TRP E 33 -15.35 -13.65 -52.04
C TRP E 33 -15.67 -14.42 -50.77
N ILE E 34 -14.84 -15.38 -50.46
CA ILE E 34 -14.99 -16.17 -49.26
C ILE E 34 -13.59 -16.35 -48.70
N GLY E 35 -13.45 -16.22 -47.40
CA GLY E 35 -12.13 -16.21 -46.80
C GLY E 35 -11.91 -17.04 -45.55
N TRP E 36 -10.69 -16.96 -45.05
CA TRP E 36 -10.23 -17.78 -43.94
C TRP E 36 -9.63 -16.91 -42.84
N VAL E 37 -10.04 -17.17 -41.61
CA VAL E 37 -9.63 -16.39 -40.47
C VAL E 37 -9.15 -17.36 -39.41
N ARG E 38 -7.99 -17.05 -38.86
CA ARG E 38 -7.35 -17.88 -37.86
C ARG E 38 -7.53 -17.24 -36.49
N GLN E 39 -7.77 -18.08 -35.47
CA GLN E 39 -7.88 -17.61 -34.10
C GLN E 39 -7.16 -18.58 -33.19
N MET E 40 -5.97 -18.21 -32.72
CA MET E 40 -5.21 -19.09 -31.88
C MET E 40 -5.87 -19.09 -30.51
N PRO E 41 -5.62 -20.13 -29.71
CA PRO E 41 -6.28 -20.23 -28.40
C PRO E 41 -5.98 -19.05 -27.47
N GLY E 42 -7.05 -18.38 -27.04
CA GLY E 42 -6.96 -17.27 -26.10
C GLY E 42 -6.54 -15.96 -26.75
N LYS E 43 -6.50 -15.94 -28.08
CA LYS E 43 -6.02 -14.78 -28.83
C LYS E 43 -7.11 -14.22 -29.73
N GLY E 44 -6.77 -13.19 -30.50
CA GLY E 44 -7.72 -12.50 -31.37
C GLY E 44 -7.88 -13.12 -32.75
N LEU E 45 -8.47 -12.37 -33.65
CA LEU E 45 -8.76 -12.83 -34.99
C LEU E 45 -7.64 -12.39 -35.94
N GLU E 46 -7.29 -13.26 -36.88
CA GLU E 46 -6.24 -13.00 -37.86
C GLU E 46 -6.72 -13.32 -39.25
N TRP E 47 -6.77 -12.30 -40.10
CA TRP E 47 -7.20 -12.45 -41.47
C TRP E 47 -6.10 -13.12 -42.30
N MET E 48 -6.41 -14.28 -42.86
CA MET E 48 -5.41 -15.06 -43.60
C MET E 48 -5.43 -14.80 -45.10
N GLY E 49 -6.62 -14.84 -45.68
CA GLY E 49 -6.79 -14.49 -47.07
C GLY E 49 -8.17 -14.81 -47.60
N ILE E 50 -8.41 -14.43 -48.85
CA ILE E 50 -9.71 -14.63 -49.47
C ILE E 50 -9.54 -15.10 -50.89
N ILE E 51 -10.58 -15.73 -51.42
CA ILE E 51 -10.58 -16.22 -52.80
C ILE E 51 -11.94 -15.94 -53.43
N TYR E 52 -11.93 -15.60 -54.72
CA TYR E 52 -13.16 -15.42 -55.47
C TYR E 52 -13.39 -16.67 -56.32
N PRO E 53 -14.34 -17.54 -55.91
CA PRO E 53 -14.46 -18.86 -56.56
C PRO E 53 -14.81 -18.82 -58.05
N GLY E 54 -15.21 -17.66 -58.57
CA GLY E 54 -15.56 -17.58 -59.97
C GLY E 54 -14.36 -17.71 -60.89
N ASP E 55 -13.19 -17.34 -60.39
CA ASP E 55 -11.94 -17.33 -61.17
C ASP E 55 -10.73 -17.75 -60.31
N SER E 56 -11.00 -18.10 -59.06
CA SER E 56 -9.97 -18.51 -58.11
C SER E 56 -8.87 -17.45 -57.91
N ASP E 57 -9.21 -16.17 -58.15
CA ASP E 57 -8.31 -15.10 -57.80
C ASP E 57 -8.16 -15.13 -56.29
N THR E 58 -6.96 -14.88 -55.81
CA THR E 58 -6.64 -15.02 -54.41
C THR E 58 -5.95 -13.76 -53.93
N LYS E 59 -6.16 -13.45 -52.66
CA LYS E 59 -5.47 -12.36 -51.99
C LYS E 59 -5.07 -12.84 -50.60
N TYR E 60 -3.78 -12.76 -50.31
CA TYR E 60 -3.22 -13.31 -49.10
C TYR E 60 -2.68 -12.20 -48.21
N SER E 61 -2.71 -12.45 -46.91
CA SER E 61 -1.86 -11.69 -46.00
C SER E 61 -0.42 -12.16 -46.20
N PRO E 62 0.54 -11.23 -46.40
CA PRO E 62 1.95 -11.61 -46.58
C PRO E 62 2.45 -12.56 -45.50
N SER E 63 1.85 -12.47 -44.31
CA SER E 63 2.25 -13.33 -43.20
C SER E 63 1.88 -14.78 -43.45
N PHE E 64 0.95 -15.03 -44.37
CA PHE E 64 0.52 -16.40 -44.70
C PHE E 64 0.85 -16.82 -46.14
N GLN E 65 1.35 -15.89 -46.95
CA GLN E 65 1.83 -16.24 -48.29
C GLN E 65 2.83 -17.39 -48.22
N GLY E 66 2.68 -18.38 -49.10
CA GLY E 66 3.63 -19.47 -49.21
C GLY E 66 3.46 -20.53 -48.13
N GLN E 67 3.02 -20.11 -46.95
CA GLN E 67 2.82 -21.01 -45.82
C GLN E 67 1.60 -21.89 -46.04
N VAL E 68 0.59 -21.33 -46.69
CA VAL E 68 -0.69 -21.99 -46.86
C VAL E 68 -1.29 -21.71 -48.23
N ILE E 69 -2.18 -22.61 -48.67
CA ILE E 69 -2.85 -22.47 -49.95
C ILE E 69 -4.36 -22.41 -49.79
N ILE E 70 -4.98 -21.35 -50.30
CA ILE E 70 -6.42 -21.22 -50.32
C ILE E 70 -6.89 -21.51 -51.72
N SER E 71 -7.82 -22.44 -51.87
CA SER E 71 -8.32 -22.84 -53.19
C SER E 71 -9.83 -22.98 -53.15
N ALA E 72 -10.43 -23.34 -54.27
CA ALA E 72 -11.88 -23.49 -54.33
C ALA E 72 -12.35 -24.31 -55.53
N ASP E 73 -13.37 -25.14 -55.25
CA ASP E 73 -14.00 -25.98 -56.28
C ASP E 73 -15.46 -25.52 -56.44
N LYS E 74 -15.68 -24.67 -57.44
CA LYS E 74 -16.98 -24.06 -57.66
C LYS E 74 -18.04 -25.07 -58.07
N SER E 75 -17.62 -26.30 -58.38
CA SER E 75 -18.54 -27.33 -58.84
C SER E 75 -19.36 -27.90 -57.71
N ILE E 76 -18.78 -27.92 -56.52
CA ILE E 76 -19.44 -28.46 -55.33
C ILE E 76 -19.48 -27.42 -54.22
N ASN E 77 -19.54 -26.16 -54.61
CA ASN E 77 -19.63 -25.04 -53.67
C ASN E 77 -18.74 -25.16 -52.43
N THR E 78 -17.46 -25.46 -52.64
CA THR E 78 -16.55 -25.77 -51.54
C THR E 78 -15.24 -25.00 -51.64
N ALA E 79 -14.85 -24.39 -50.52
CA ALA E 79 -13.59 -23.66 -50.39
C ALA E 79 -12.63 -24.47 -49.54
N TYR E 80 -11.33 -24.28 -49.75
CA TYR E 80 -10.33 -25.07 -49.03
C TYR E 80 -9.20 -24.21 -48.47
N LEU E 81 -8.52 -24.77 -47.49
CA LEU E 81 -7.36 -24.17 -46.88
C LEU E 81 -6.37 -25.32 -46.64
N GLN E 82 -5.14 -25.15 -47.11
CA GLN E 82 -4.14 -26.24 -47.15
C GLN E 82 -2.82 -25.90 -46.46
N TRP E 83 -2.19 -26.93 -45.88
CA TRP E 83 -0.82 -26.80 -45.39
C TRP E 83 0.02 -27.87 -46.04
N SER E 84 1.30 -27.56 -46.30
CA SER E 84 2.25 -28.56 -46.79
C SER E 84 2.94 -29.23 -45.60
N SER E 85 3.47 -28.40 -44.72
CA SER E 85 4.04 -28.87 -43.46
C SER E 85 3.54 -28.05 -42.26
N LEU E 86 2.90 -28.71 -41.31
CA LEU E 86 2.35 -28.04 -40.14
C LEU E 86 3.38 -27.83 -39.03
N LYS E 87 3.36 -26.63 -38.46
CA LYS E 87 4.15 -26.31 -37.29
C LYS E 87 3.23 -26.22 -36.09
N ALA E 88 3.78 -26.45 -34.90
CA ALA E 88 2.99 -26.48 -33.68
C ALA E 88 2.24 -25.17 -33.46
N SER E 89 2.73 -24.11 -34.08
CA SER E 89 2.15 -22.77 -33.93
C SER E 89 0.92 -22.60 -34.82
N ASP E 90 0.63 -23.59 -35.65
CA ASP E 90 -0.54 -23.56 -36.52
C ASP E 90 -1.77 -24.05 -35.75
N THR E 91 -1.59 -24.38 -34.48
CA THR E 91 -2.68 -24.88 -33.66
C THR E 91 -3.65 -23.76 -33.33
N ALA E 92 -4.89 -23.90 -33.77
CA ALA E 92 -5.84 -22.82 -33.68
C ALA E 92 -7.21 -23.26 -34.14
N ILE E 93 -8.15 -22.33 -34.05
CA ILE E 93 -9.44 -22.50 -34.70
C ILE E 93 -9.38 -21.77 -36.03
N TYR E 94 -9.92 -22.40 -37.06
CA TYR E 94 -9.92 -21.84 -38.39
C TYR E 94 -11.35 -21.63 -38.83
N TYR E 95 -11.69 -20.37 -39.10
CA TYR E 95 -13.02 -20.03 -39.58
C TYR E 95 -13.04 -19.79 -41.07
N CYS E 96 -14.15 -20.19 -41.67
CA CYS E 96 -14.48 -19.86 -43.03
C CYS E 96 -15.57 -18.77 -42.95
N ALA E 97 -15.56 -17.80 -43.86
CA ALA E 97 -16.52 -16.71 -43.78
C ALA E 97 -16.68 -16.02 -45.12
N ARG E 98 -17.93 -15.74 -45.48
CA ARG E 98 -18.23 -15.09 -46.75
C ARG E 98 -17.88 -13.63 -46.62
N GLN E 99 -17.03 -13.13 -47.52
CA GLN E 99 -16.70 -11.72 -47.50
C GLN E 99 -17.60 -11.02 -48.47
N ASN E 100 -18.81 -10.72 -48.00
CA ASN E 100 -19.83 -10.09 -48.85
C ASN E 100 -19.48 -8.65 -49.21
N HIS E 101 -20.10 -8.12 -50.27
CA HIS E 101 -19.84 -6.76 -50.72
C HIS E 101 -21.10 -5.90 -50.54
N TYR E 102 -20.92 -4.61 -50.29
CA TYR E 102 -22.05 -3.71 -50.06
C TYR E 102 -21.82 -2.39 -50.77
N GLY E 103 -22.92 -1.70 -51.03
CA GLY E 103 -22.87 -0.29 -51.38
C GLY E 103 -23.07 -0.07 -52.86
N SER E 104 -23.58 1.13 -53.18
CA SER E 104 -23.56 1.66 -54.54
C SER E 104 -23.84 0.64 -55.64
N THR E 111 -19.27 4.29 -55.80
CA THR E 111 -18.14 4.18 -54.89
C THR E 111 -17.71 2.71 -54.76
N ALA E 112 -16.41 2.51 -54.57
CA ALA E 112 -15.84 1.15 -54.43
C ALA E 112 -16.53 0.41 -53.31
N TYR E 113 -16.67 -0.90 -53.47
CA TYR E 113 -17.48 -1.70 -52.55
C TYR E 113 -16.89 -1.76 -51.14
N TYR E 114 -17.76 -1.72 -50.15
CA TYR E 114 -17.42 -2.08 -48.79
C TYR E 114 -17.50 -3.61 -48.67
N TYR E 115 -16.51 -4.23 -48.03
CA TYR E 115 -16.51 -5.66 -47.85
C TYR E 115 -16.55 -6.00 -46.38
N ALA E 116 -17.30 -7.05 -46.05
CA ALA E 116 -17.40 -7.46 -44.65
C ALA E 116 -17.78 -8.93 -44.56
N MET E 117 -17.32 -9.57 -43.50
CA MET E 117 -17.60 -10.98 -43.33
C MET E 117 -18.94 -11.13 -42.61
N ASP E 118 -19.99 -11.41 -43.39
CA ASP E 118 -21.35 -11.38 -42.86
C ASP E 118 -21.82 -12.75 -42.40
N VAL E 119 -21.40 -13.80 -43.09
CA VAL E 119 -21.74 -15.16 -42.66
C VAL E 119 -20.49 -15.96 -42.37
N TRP E 120 -20.51 -16.67 -41.25
CA TRP E 120 -19.34 -17.43 -40.77
C TRP E 120 -19.67 -18.89 -40.63
N GLY E 121 -18.66 -19.74 -40.84
CA GLY E 121 -18.79 -21.15 -40.55
C GLY E 121 -18.65 -21.31 -39.05
N GLN E 122 -18.82 -22.51 -38.52
CA GLN E 122 -18.76 -22.73 -37.08
C GLN E 122 -17.33 -22.88 -36.57
N GLY E 123 -16.39 -23.01 -37.50
CA GLY E 123 -14.98 -23.11 -37.17
C GLY E 123 -14.45 -24.54 -37.21
N THR E 124 -13.20 -24.68 -37.64
CA THR E 124 -12.50 -25.95 -37.59
C THR E 124 -11.29 -25.80 -36.67
N THR E 125 -11.22 -26.65 -35.66
CA THR E 125 -10.09 -26.64 -34.73
C THR E 125 -9.02 -27.62 -35.20
N VAL E 126 -7.79 -27.13 -35.28
CA VAL E 126 -6.66 -27.96 -35.68
C VAL E 126 -5.65 -27.95 -34.54
N THR E 127 -5.35 -29.13 -34.04
CA THR E 127 -4.37 -29.27 -32.97
C THR E 127 -3.11 -29.94 -33.53
N VAL E 128 -2.01 -29.21 -33.51
CA VAL E 128 -0.73 -29.75 -33.95
C VAL E 128 -0.01 -30.27 -32.72
N SER E 129 0.08 -31.59 -32.62
CA SER E 129 0.68 -32.22 -31.45
C SER E 129 1.32 -33.54 -31.84
N SER E 130 2.12 -34.09 -30.93
CA SER E 130 2.76 -35.38 -31.17
C SER E 130 2.13 -36.47 -30.29
N ALA E 131 1.11 -36.09 -29.52
CA ALA E 131 0.48 -37.01 -28.59
C ALA E 131 -0.55 -37.86 -29.31
N SER E 132 -1.29 -38.66 -28.53
CA SER E 132 -2.22 -39.61 -29.09
C SER E 132 -3.67 -39.20 -28.80
N THR E 133 -4.51 -39.35 -29.81
CA THR E 133 -5.92 -38.99 -29.72
C THR E 133 -6.68 -39.97 -28.84
N LYS E 134 -7.59 -39.46 -28.04
CA LYS E 134 -8.41 -40.29 -27.17
C LYS E 134 -9.84 -39.77 -27.15
N GLY E 135 -10.79 -40.67 -27.40
CA GLY E 135 -12.19 -40.31 -27.33
C GLY E 135 -12.64 -40.14 -25.90
N PRO E 136 -13.68 -39.31 -25.65
CA PRO E 136 -14.15 -39.06 -24.29
C PRO E 136 -15.15 -40.10 -23.76
N SER E 137 -15.25 -40.18 -22.44
CA SER E 137 -16.32 -40.91 -21.78
C SER E 137 -17.40 -39.89 -21.40
N VAL E 138 -18.67 -40.30 -21.43
CA VAL E 138 -19.74 -39.38 -21.09
C VAL E 138 -20.66 -39.96 -20.03
N PHE E 139 -20.87 -39.19 -18.98
CA PHE E 139 -21.69 -39.64 -17.87
C PHE E 139 -22.75 -38.61 -17.54
N PRO E 140 -23.98 -39.07 -17.29
CA PRO E 140 -25.04 -38.11 -16.98
C PRO E 140 -24.85 -37.47 -15.61
N LEU E 141 -25.31 -36.23 -15.49
CA LEU E 141 -25.46 -35.56 -14.21
C LEU E 141 -26.95 -35.48 -13.91
N ALA E 142 -27.44 -36.46 -13.16
CA ALA E 142 -28.87 -36.63 -12.93
C ALA E 142 -29.50 -35.47 -12.15
N PRO E 143 -30.64 -34.92 -12.62
CA PRO E 143 -31.36 -33.94 -11.82
C PRO E 143 -31.98 -34.60 -10.59
N SER E 144 -32.04 -33.88 -9.47
CA SER E 144 -32.54 -34.43 -8.22
C SER E 144 -33.08 -33.31 -7.35
N SER E 145 -33.51 -33.66 -6.14
CA SER E 145 -33.90 -32.68 -5.16
C SER E 145 -32.67 -31.84 -4.72
N LYS E 146 -31.48 -32.38 -4.95
CA LYS E 146 -30.23 -31.67 -4.62
C LYS E 146 -29.71 -30.81 -5.80
N SER E 147 -30.55 -30.64 -6.82
CA SER E 147 -30.21 -29.84 -7.99
C SER E 147 -31.36 -28.90 -8.35
N THR E 148 -32.27 -28.69 -7.41
CA THR E 148 -33.44 -27.84 -7.61
C THR E 148 -33.41 -26.59 -6.73
N SER E 149 -34.08 -25.55 -7.21
CA SER E 149 -34.26 -24.31 -6.48
C SER E 149 -35.30 -23.51 -7.21
N GLY E 150 -36.26 -22.97 -6.47
CA GLY E 150 -37.38 -22.30 -7.10
C GLY E 150 -38.14 -23.33 -7.92
N GLY E 151 -38.51 -22.97 -9.14
CA GLY E 151 -39.24 -23.86 -10.00
C GLY E 151 -38.34 -24.50 -11.05
N THR E 152 -37.04 -24.47 -10.80
CA THR E 152 -36.08 -24.97 -11.78
C THR E 152 -35.30 -26.13 -11.22
N ALA E 153 -34.73 -26.90 -12.14
CA ALA E 153 -33.90 -28.05 -11.80
C ALA E 153 -32.69 -27.99 -12.70
N ALA E 154 -31.57 -28.50 -12.21
CA ALA E 154 -30.34 -28.51 -12.97
C ALA E 154 -29.97 -29.93 -13.33
N LEU E 155 -29.47 -30.12 -14.53
CA LEU E 155 -29.03 -31.42 -14.99
C LEU E 155 -27.92 -31.22 -16.00
N GLY E 156 -27.17 -32.27 -16.28
CA GLY E 156 -26.11 -32.16 -17.27
C GLY E 156 -25.38 -33.42 -17.66
N CYS E 157 -24.30 -33.23 -18.39
CA CYS E 157 -23.41 -34.31 -18.77
C CYS E 157 -22.00 -34.03 -18.30
N LEU E 158 -21.28 -35.09 -17.97
CA LEU E 158 -19.88 -34.99 -17.66
C LEU E 158 -19.12 -35.67 -18.77
N VAL E 159 -18.20 -34.94 -19.40
CA VAL E 159 -17.39 -35.49 -20.47
C VAL E 159 -15.97 -35.64 -19.97
N LYS E 160 -15.52 -36.87 -19.78
CA LYS E 160 -14.31 -37.14 -19.04
C LYS E 160 -13.18 -37.68 -19.92
N ASP E 161 -11.94 -37.28 -19.59
CA ASP E 161 -10.72 -37.90 -20.17
C ASP E 161 -10.52 -37.94 -21.71
N TYR E 162 -10.43 -36.79 -22.38
CA TYR E 162 -10.24 -36.80 -23.82
C TYR E 162 -9.04 -36.01 -24.24
N PHE E 163 -8.60 -36.22 -25.48
CA PHE E 163 -7.58 -35.39 -26.10
C PHE E 163 -7.64 -35.52 -27.62
N PRO E 164 -7.49 -34.39 -28.33
CA PRO E 164 -7.30 -33.03 -27.83
C PRO E 164 -8.61 -32.30 -27.74
N GLU E 165 -8.55 -31.02 -27.37
CA GLU E 165 -9.69 -30.13 -27.54
C GLU E 165 -10.04 -30.08 -29.01
N PRO E 166 -11.28 -29.83 -29.36
CA PRO E 166 -12.36 -29.47 -28.46
C PRO E 166 -13.39 -30.57 -28.41
N VAL E 167 -14.24 -30.56 -27.39
CA VAL E 167 -15.45 -31.35 -27.50
C VAL E 167 -16.54 -30.34 -27.73
N THR E 168 -17.45 -30.65 -28.65
CA THR E 168 -18.62 -29.82 -28.87
C THR E 168 -19.82 -30.50 -28.24
N VAL E 169 -20.45 -29.80 -27.31
CA VAL E 169 -21.60 -30.32 -26.61
C VAL E 169 -22.80 -29.48 -26.99
N SER E 170 -23.86 -30.12 -27.44
CA SER E 170 -25.12 -29.41 -27.63
C SER E 170 -26.19 -30.15 -26.85
N TRP E 171 -27.35 -29.53 -26.72
CA TRP E 171 -28.49 -30.15 -26.08
C TRP E 171 -29.67 -30.19 -27.05
N ASN E 172 -30.23 -31.39 -27.22
CA ASN E 172 -31.36 -31.59 -28.09
C ASN E 172 -31.04 -31.06 -29.48
N SER E 173 -29.89 -31.48 -30.01
CA SER E 173 -29.46 -31.11 -31.35
C SER E 173 -29.34 -29.59 -31.54
N GLY E 174 -29.03 -28.88 -30.47
CA GLY E 174 -28.88 -27.43 -30.53
C GLY E 174 -30.19 -26.68 -30.38
N ALA E 175 -31.29 -27.43 -30.30
CA ALA E 175 -32.61 -26.82 -30.11
C ALA E 175 -32.73 -26.20 -28.73
N LEU E 176 -31.84 -26.61 -27.82
CA LEU E 176 -31.85 -26.11 -26.45
C LEU E 176 -30.57 -25.33 -26.16
N THR E 177 -30.68 -24.01 -26.04
CA THR E 177 -29.52 -23.17 -25.82
C THR E 177 -29.60 -22.33 -24.53
N SER E 178 -30.81 -21.96 -24.15
CA SER E 178 -31.02 -21.13 -22.98
C SER E 178 -30.71 -21.88 -21.70
N GLY E 179 -30.14 -21.17 -20.71
CA GLY E 179 -29.91 -21.78 -19.42
C GLY E 179 -28.84 -22.85 -19.47
N VAL E 180 -28.13 -22.95 -20.58
CA VAL E 180 -27.03 -23.89 -20.73
C VAL E 180 -25.72 -23.28 -20.26
N HIS E 181 -24.97 -24.02 -19.45
CA HIS E 181 -23.61 -23.64 -19.10
C HIS E 181 -22.69 -24.78 -19.49
N THR E 182 -21.82 -24.52 -20.45
CA THR E 182 -20.78 -25.48 -20.79
C THR E 182 -19.48 -24.92 -20.25
N PHE E 183 -18.92 -25.58 -19.25
CA PHE E 183 -17.72 -25.09 -18.59
C PHE E 183 -16.49 -25.34 -19.45
N PRO E 184 -15.53 -24.40 -19.45
CA PRO E 184 -14.28 -24.64 -20.16
C PRO E 184 -13.62 -25.95 -19.72
N ALA E 185 -12.90 -26.58 -20.64
CA ALA E 185 -12.22 -27.84 -20.34
C ALA E 185 -11.04 -27.58 -19.43
N VAL E 186 -10.73 -28.52 -18.55
CA VAL E 186 -9.55 -28.46 -17.71
C VAL E 186 -8.56 -29.52 -18.14
N LEU E 187 -7.30 -29.30 -17.81
CA LEU E 187 -6.24 -30.25 -18.12
C LEU E 187 -5.96 -31.06 -16.86
N GLN E 188 -6.31 -32.34 -16.87
CA GLN E 188 -6.08 -33.18 -15.70
C GLN E 188 -4.61 -33.56 -15.63
N SER E 189 -4.16 -34.02 -14.46
CA SER E 189 -2.77 -34.41 -14.26
C SER E 189 -2.40 -35.51 -15.25
N SER E 190 -3.38 -36.35 -15.57
CA SER E 190 -3.21 -37.42 -16.55
C SER E 190 -2.83 -36.88 -17.94
N GLY E 191 -3.05 -35.59 -18.16
CA GLY E 191 -2.76 -34.96 -19.44
C GLY E 191 -3.97 -34.90 -20.34
N LEU E 192 -5.08 -35.47 -19.88
CA LEU E 192 -6.32 -35.51 -20.63
C LEU E 192 -7.30 -34.42 -20.20
N TYR E 193 -8.18 -34.02 -21.10
CA TYR E 193 -9.14 -32.97 -20.82
C TYR E 193 -10.44 -33.56 -20.31
N SER E 194 -11.20 -32.75 -19.58
CA SER E 194 -12.50 -33.16 -19.06
C SER E 194 -13.34 -31.91 -18.80
N LEU E 195 -14.66 -31.99 -19.03
CA LEU E 195 -15.54 -30.86 -18.78
C LEU E 195 -16.93 -31.29 -18.42
N SER E 196 -17.80 -30.32 -18.19
CA SER E 196 -19.17 -30.58 -17.83
C SER E 196 -20.03 -29.54 -18.53
N SER E 197 -21.21 -29.97 -18.96
CA SER E 197 -22.22 -29.06 -19.47
C SER E 197 -23.46 -29.31 -18.63
N VAL E 198 -24.04 -28.23 -18.12
CA VAL E 198 -25.24 -28.33 -17.31
C VAL E 198 -26.28 -27.45 -17.93
N VAL E 199 -27.53 -27.78 -17.70
CA VAL E 199 -28.61 -26.94 -18.16
C VAL E 199 -29.63 -26.82 -17.04
N THR E 200 -30.20 -25.64 -16.92
CA THR E 200 -31.21 -25.38 -15.93
C THR E 200 -32.52 -25.29 -16.67
N VAL E 201 -33.49 -26.10 -16.26
CA VAL E 201 -34.78 -26.17 -16.93
C VAL E 201 -35.88 -26.00 -15.89
N PRO E 202 -37.10 -25.68 -16.33
CA PRO E 202 -38.22 -25.69 -15.38
C PRO E 202 -38.49 -27.12 -14.92
N SER E 203 -38.69 -27.31 -13.62
CA SER E 203 -38.84 -28.64 -13.10
C SER E 203 -40.12 -29.29 -13.64
N SER E 204 -41.11 -28.48 -13.99
CA SER E 204 -42.36 -28.97 -14.58
C SER E 204 -42.16 -29.52 -15.99
N SER E 205 -41.04 -29.20 -16.63
CA SER E 205 -40.78 -29.71 -17.98
C SER E 205 -40.18 -31.12 -17.98
N LEU E 206 -39.66 -31.56 -16.84
CA LEU E 206 -39.01 -32.87 -16.77
C LEU E 206 -39.88 -34.06 -17.15
N GLY E 207 -41.20 -33.94 -17.04
CA GLY E 207 -42.01 -35.09 -17.44
C GLY E 207 -42.19 -35.25 -18.94
N THR E 208 -42.02 -34.16 -19.69
CA THR E 208 -42.53 -34.08 -21.05
C THR E 208 -41.48 -33.76 -22.06
N GLN E 209 -40.43 -33.07 -21.61
CA GLN E 209 -39.33 -32.69 -22.48
C GLN E 209 -38.16 -33.64 -22.26
N THR E 210 -37.71 -34.25 -23.35
CA THR E 210 -36.55 -35.13 -23.31
C THR E 210 -35.29 -34.26 -23.29
N TYR E 211 -34.31 -34.64 -22.47
CA TYR E 211 -33.04 -33.92 -22.40
C TYR E 211 -31.89 -34.83 -22.83
N ILE E 212 -31.31 -34.51 -23.99
CA ILE E 212 -30.23 -35.29 -24.56
C ILE E 212 -29.03 -34.39 -24.77
N CYS E 213 -27.87 -34.81 -24.28
CA CYS E 213 -26.64 -34.08 -24.54
C CYS E 213 -25.95 -34.74 -25.73
N ASN E 214 -25.71 -33.96 -26.78
CA ASN E 214 -25.01 -34.46 -27.95
C ASN E 214 -23.56 -34.07 -27.83
N VAL E 215 -22.70 -35.06 -27.58
CA VAL E 215 -21.27 -34.83 -27.44
C VAL E 215 -20.59 -35.34 -28.69
N ASN E 216 -19.85 -34.47 -29.37
CA ASN E 216 -19.13 -34.87 -30.57
C ASN E 216 -17.66 -34.51 -30.44
N HIS E 217 -16.81 -35.51 -30.61
CA HIS E 217 -15.37 -35.31 -30.58
C HIS E 217 -14.85 -35.78 -31.93
N LYS E 218 -14.90 -34.87 -32.90
CA LYS E 218 -14.63 -35.18 -34.29
C LYS E 218 -13.29 -35.88 -34.53
N PRO E 219 -12.22 -35.45 -33.82
CA PRO E 219 -10.90 -36.10 -33.95
C PRO E 219 -10.94 -37.62 -33.78
N SER E 220 -11.63 -38.10 -32.76
CA SER E 220 -11.72 -39.52 -32.47
C SER E 220 -12.97 -40.14 -33.09
N ASN E 221 -13.70 -39.33 -33.86
CA ASN E 221 -14.99 -39.71 -34.44
C ASN E 221 -15.97 -40.21 -33.37
N THR E 222 -15.81 -39.69 -32.16
CA THR E 222 -16.70 -40.06 -31.06
C THR E 222 -17.93 -39.15 -31.09
N LYS E 223 -19.06 -39.73 -31.46
CA LYS E 223 -20.33 -39.03 -31.43
C LYS E 223 -21.26 -39.77 -30.49
N VAL E 224 -21.62 -39.11 -29.39
CA VAL E 224 -22.40 -39.73 -28.31
C VAL E 224 -23.65 -38.90 -27.98
N ASP E 225 -24.75 -39.61 -27.80
CA ASP E 225 -26.01 -39.03 -27.36
C ASP E 225 -26.38 -39.68 -26.04
N LYS E 226 -26.73 -38.86 -25.05
CA LYS E 226 -26.98 -39.35 -23.72
C LYS E 226 -28.28 -38.75 -23.20
N LYS E 227 -29.24 -39.61 -22.90
CA LYS E 227 -30.51 -39.18 -22.32
C LYS E 227 -30.31 -39.01 -20.83
N VAL E 228 -30.67 -37.84 -20.30
CA VAL E 228 -30.45 -37.55 -18.88
C VAL E 228 -31.75 -37.49 -18.10
N GLU E 229 -31.89 -38.39 -17.13
CA GLU E 229 -33.06 -38.47 -16.28
C GLU E 229 -32.72 -38.56 -14.80
N PRO E 230 -33.70 -38.24 -13.92
CA PRO E 230 -33.47 -38.51 -12.50
C PRO E 230 -33.23 -39.99 -12.27
N LYS E 231 -32.71 -40.34 -11.11
CA LYS E 231 -32.50 -41.73 -10.72
C LYS E 231 -33.27 -41.92 -9.41
N SER E 232 -33.95 -43.06 -9.27
CA SER E 232 -34.73 -43.33 -8.06
C SER E 232 -33.84 -43.41 -6.81
N CYS E 233 -34.40 -43.02 -5.67
CA CYS E 233 -33.71 -43.11 -4.38
C CYS E 233 -34.13 -44.40 -3.69
N ASP E 234 -33.17 -45.26 -3.39
CA ASP E 234 -33.43 -46.61 -2.92
C ASP E 234 -32.72 -46.90 -1.61
N ASP F 1 -30.19 18.73 -8.05
CA ASP F 1 -28.74 18.94 -8.30
C ASP F 1 -28.35 18.34 -9.65
N ILE F 2 -27.16 18.66 -10.12
CA ILE F 2 -26.71 18.16 -11.41
C ILE F 2 -26.12 16.77 -11.22
N GLN F 3 -26.52 15.86 -12.11
CA GLN F 3 -26.08 14.47 -12.07
C GLN F 3 -25.03 14.24 -13.14
N LEU F 4 -23.99 13.50 -12.77
CA LEU F 4 -22.89 13.16 -13.66
C LEU F 4 -22.79 11.65 -13.74
N THR F 5 -22.54 11.13 -14.94
CA THR F 5 -22.20 9.73 -15.09
C THR F 5 -20.80 9.69 -15.67
N GLN F 6 -20.07 8.61 -15.41
CA GLN F 6 -18.75 8.40 -16.01
C GLN F 6 -18.75 7.07 -16.72
N SER F 7 -18.10 6.99 -17.87
CA SER F 7 -17.95 5.72 -18.57
C SER F 7 -16.54 5.54 -19.11
N PRO F 8 -16.00 4.30 -18.98
CA PRO F 8 -16.58 3.13 -18.34
C PRO F 8 -16.46 3.23 -16.82
N SER F 9 -16.83 2.17 -16.10
CA SER F 9 -16.65 2.14 -14.65
C SER F 9 -15.24 1.67 -14.29
N SER F 10 -14.70 0.78 -15.11
CA SER F 10 -13.31 0.37 -14.97
C SER F 10 -12.81 0.00 -16.35
N LEU F 11 -11.52 0.21 -16.58
CA LEU F 11 -10.93 -0.24 -17.83
C LEU F 11 -9.53 -0.72 -17.56
N SER F 12 -9.02 -1.56 -18.44
CA SER F 12 -7.60 -1.89 -18.41
C SER F 12 -7.00 -1.58 -19.77
N ALA F 13 -5.73 -1.20 -19.78
CA ALA F 13 -5.00 -1.02 -21.03
C ALA F 13 -3.51 -1.23 -20.77
N SER F 14 -2.73 -1.30 -21.84
CA SER F 14 -1.29 -1.55 -21.75
C SER F 14 -0.54 -0.26 -21.57
N VAL F 15 0.69 -0.36 -21.08
CA VAL F 15 1.58 0.80 -20.99
C VAL F 15 1.80 1.36 -22.38
N GLY F 16 1.71 2.68 -22.52
CA GLY F 16 1.88 3.35 -23.81
C GLY F 16 0.59 3.54 -24.56
N ASP F 17 -0.48 2.88 -24.14
CA ASP F 17 -1.79 3.04 -24.80
C ASP F 17 -2.44 4.41 -24.53
N ARG F 18 -3.25 4.85 -25.48
CA ARG F 18 -4.09 6.03 -25.31
C ARG F 18 -5.42 5.57 -24.76
N VAL F 19 -5.89 6.23 -23.72
CA VAL F 19 -7.08 5.79 -23.01
C VAL F 19 -7.98 7.00 -22.73
N THR F 20 -9.30 6.82 -22.85
CA THR F 20 -10.26 7.90 -22.60
C THR F 20 -11.37 7.52 -21.61
N ILE F 21 -11.62 8.40 -20.65
CA ILE F 21 -12.73 8.29 -19.73
C ILE F 21 -13.70 9.42 -20.05
N THR F 22 -14.99 9.12 -20.01
CA THR F 22 -16.03 10.05 -20.44
C THR F 22 -16.91 10.44 -19.26
N CYS F 23 -17.22 11.73 -19.16
CA CYS F 23 -18.11 12.26 -18.14
C CYS F 23 -19.32 12.83 -18.87
N ARG F 24 -20.51 12.58 -18.39
CA ARG F 24 -21.68 13.18 -19.00
C ARG F 24 -22.59 13.83 -17.93
N ALA F 25 -23.02 15.06 -18.15
CA ALA F 25 -23.82 15.81 -17.17
C ALA F 25 -25.29 15.90 -17.59
N SER F 26 -26.17 16.09 -16.61
CA SER F 26 -27.61 16.08 -16.84
C SER F 26 -28.07 17.37 -17.49
N GLN F 27 -27.21 18.38 -17.50
CA GLN F 27 -27.51 19.58 -18.23
C GLN F 27 -26.21 20.11 -18.77
N SER F 28 -26.27 21.12 -19.63
CA SER F 28 -25.04 21.74 -20.14
C SER F 28 -24.43 22.53 -18.98
N ILE F 29 -23.13 22.34 -18.77
CA ILE F 29 -22.39 23.06 -17.74
C ILE F 29 -21.22 23.83 -18.36
N GLY F 30 -21.29 24.09 -19.66
CA GLY F 30 -20.23 24.82 -20.35
C GLY F 30 -18.90 24.14 -20.18
N SER F 31 -17.90 24.84 -19.64
CA SER F 31 -16.58 24.27 -19.41
C SER F 31 -16.33 24.09 -17.94
N TYR F 32 -17.40 24.13 -17.15
CA TYR F 32 -17.30 24.17 -15.71
C TYR F 32 -17.21 22.75 -15.18
N LEU F 33 -16.05 22.14 -15.44
CA LEU F 33 -15.84 20.72 -15.11
C LEU F 33 -14.39 20.47 -14.73
N ASN F 34 -14.17 19.69 -13.68
CA ASN F 34 -12.82 19.39 -13.22
C ASN F 34 -12.59 17.90 -13.28
N TRP F 35 -11.32 17.48 -13.35
CA TRP F 35 -10.95 16.08 -13.21
C TRP F 35 -9.97 15.90 -12.06
N TYR F 36 -10.13 14.81 -11.31
CA TYR F 36 -9.24 14.49 -10.19
C TYR F 36 -8.76 13.07 -10.34
N GLN F 37 -7.61 12.79 -9.74
CA GLN F 37 -7.06 11.44 -9.66
C GLN F 37 -6.94 11.04 -8.22
N GLN F 38 -7.35 9.83 -7.90
CA GLN F 38 -7.10 9.30 -6.57
C GLN F 38 -6.35 7.99 -6.69
N LYS F 39 -5.14 8.00 -6.13
CA LYS F 39 -4.35 6.80 -6.02
C LYS F 39 -4.69 6.13 -4.69
N PRO F 40 -4.61 4.81 -4.63
CA PRO F 40 -4.99 4.13 -3.38
C PRO F 40 -4.15 4.57 -2.18
N GLY F 41 -4.81 4.85 -1.07
CA GLY F 41 -4.12 5.30 0.14
C GLY F 41 -3.85 6.79 0.18
N LYS F 42 -4.24 7.51 -0.88
CA LYS F 42 -3.95 8.95 -1.01
C LYS F 42 -5.20 9.81 -1.15
N ALA F 43 -5.06 11.07 -0.77
CA ALA F 43 -6.09 12.05 -0.98
C ALA F 43 -6.16 12.28 -2.49
N PRO F 44 -7.33 12.71 -3.00
CA PRO F 44 -7.46 13.07 -4.42
C PRO F 44 -6.54 14.24 -4.83
N LYS F 45 -6.15 14.27 -6.11
CA LYS F 45 -5.31 15.34 -6.68
C LYS F 45 -6.04 15.92 -7.89
N LEU F 46 -6.04 17.24 -7.99
CA LEU F 46 -6.65 17.94 -9.12
C LEU F 46 -5.74 17.81 -10.33
N LEU F 47 -6.30 17.39 -11.46
CA LEU F 47 -5.53 17.23 -12.72
C LEU F 47 -5.87 18.33 -13.70
N ILE F 48 -7.16 18.63 -13.79
CA ILE F 48 -7.65 19.52 -14.83
C ILE F 48 -8.81 20.35 -14.29
N TYR F 49 -8.85 21.64 -14.65
CA TYR F 49 -10.00 22.47 -14.32
C TYR F 49 -10.41 23.27 -15.54
N ALA F 50 -11.61 23.86 -15.49
CA ALA F 50 -12.17 24.53 -16.66
C ALA F 50 -12.19 23.59 -17.88
N ALA F 51 -12.39 22.30 -17.63
CA ALA F 51 -12.56 21.25 -18.67
C ALA F 51 -11.28 20.84 -19.40
N SER F 52 -10.36 21.78 -19.62
CA SER F 52 -9.17 21.47 -20.41
C SER F 52 -7.87 22.07 -19.87
N THR F 53 -7.97 22.97 -18.89
CA THR F 53 -6.74 23.58 -18.36
C THR F 53 -6.02 22.62 -17.43
N LEU F 54 -4.78 22.32 -17.77
CA LEU F 54 -3.97 21.43 -16.98
C LEU F 54 -3.38 22.16 -15.77
N GLN F 55 -3.46 21.55 -14.60
CA GLN F 55 -2.92 22.16 -13.38
C GLN F 55 -1.40 21.98 -13.33
N SER F 56 -0.69 22.96 -12.78
CA SER F 56 0.76 22.88 -12.61
C SER F 56 1.17 21.57 -11.94
N GLY F 57 2.21 20.92 -12.45
CA GLY F 57 2.72 19.68 -11.86
C GLY F 57 2.07 18.41 -12.41
N VAL F 58 1.11 18.55 -13.31
CA VAL F 58 0.46 17.40 -13.94
C VAL F 58 1.14 17.09 -15.28
N PRO F 59 1.50 15.82 -15.52
CA PRO F 59 2.15 15.47 -16.79
C PRO F 59 1.33 15.84 -18.03
N SER F 60 2.03 16.20 -19.09
CA SER F 60 1.45 16.63 -20.36
C SER F 60 0.59 15.56 -21.03
N ARG F 61 0.79 14.30 -20.66
CA ARG F 61 0.04 13.21 -21.28
C ARG F 61 -1.44 13.19 -20.86
N PHE F 62 -1.77 13.93 -19.79
CA PHE F 62 -3.16 14.14 -19.41
C PHE F 62 -3.74 15.31 -20.19
N SER F 63 -4.92 15.12 -20.77
CA SER F 63 -5.62 16.19 -21.44
C SER F 63 -7.12 16.06 -21.25
N GLY F 64 -7.78 17.20 -21.14
CA GLY F 64 -9.22 17.23 -20.99
C GLY F 64 -9.81 17.95 -22.17
N SER F 65 -10.99 17.53 -22.59
CA SER F 65 -11.68 18.21 -23.67
C SER F 65 -13.16 18.04 -23.49
N GLY F 66 -13.92 18.77 -24.31
CA GLY F 66 -15.35 18.65 -24.29
C GLY F 66 -15.95 19.89 -23.68
N SER F 67 -17.19 20.17 -24.04
CA SER F 67 -17.88 21.34 -23.52
C SER F 67 -19.38 21.05 -23.55
N GLY F 68 -20.12 21.57 -22.58
CA GLY F 68 -21.55 21.42 -22.57
C GLY F 68 -21.94 20.24 -21.72
N THR F 69 -22.32 19.14 -22.36
CA THR F 69 -22.84 17.99 -21.62
C THR F 69 -21.85 16.85 -21.51
N ASP F 70 -20.93 16.74 -22.48
CA ASP F 70 -20.02 15.59 -22.57
C ASP F 70 -18.55 16.00 -22.49
N PHE F 71 -17.76 15.22 -21.78
CA PHE F 71 -16.37 15.58 -21.50
C PHE F 71 -15.54 14.33 -21.50
N THR F 72 -14.28 14.47 -21.87
CA THR F 72 -13.38 13.34 -21.91
C THR F 72 -12.06 13.71 -21.27
N LEU F 73 -11.53 12.76 -20.52
CA LEU F 73 -10.20 12.87 -19.98
C LEU F 73 -9.41 11.86 -20.75
N THR F 74 -8.31 12.29 -21.36
CA THR F 74 -7.47 11.40 -22.15
C THR F 74 -6.11 11.29 -21.52
N ILE F 75 -5.62 10.07 -21.35
CA ILE F 75 -4.21 9.83 -21.00
C ILE F 75 -3.51 9.29 -22.24
N SER F 76 -2.57 10.05 -22.79
CA SER F 76 -2.03 9.79 -24.13
C SER F 76 -1.12 8.59 -24.21
N SER F 77 -0.35 8.36 -23.16
CA SER F 77 0.61 7.27 -23.14
C SER F 77 0.65 6.66 -21.76
N LEU F 78 -0.29 5.76 -21.51
CA LEU F 78 -0.54 5.24 -20.18
C LEU F 78 0.70 4.71 -19.50
N GLN F 79 1.00 5.21 -18.30
CA GLN F 79 2.14 4.75 -17.49
C GLN F 79 1.66 3.96 -16.28
N PRO F 80 2.52 3.09 -15.72
CA PRO F 80 2.00 2.27 -14.62
C PRO F 80 1.52 3.09 -13.43
N GLU F 81 2.09 4.27 -13.23
CA GLU F 81 1.71 5.12 -12.10
C GLU F 81 0.34 5.77 -12.33
N ASP F 82 -0.25 5.56 -13.49
CA ASP F 82 -1.59 6.11 -13.79
C ASP F 82 -2.68 5.19 -13.29
N SER F 83 -2.29 4.03 -12.78
CA SER F 83 -3.24 3.09 -12.23
C SER F 83 -3.88 3.77 -11.04
N ALA F 84 -5.17 4.06 -11.13
CA ALA F 84 -5.81 4.88 -10.13
C ALA F 84 -7.28 5.01 -10.46
N THR F 85 -7.99 5.79 -9.65
CA THR F 85 -9.39 6.12 -9.90
C THR F 85 -9.53 7.60 -10.22
N TYR F 86 -10.30 7.90 -11.25
CA TYR F 86 -10.49 9.25 -11.78
C TYR F 86 -11.92 9.72 -11.56
N TYR F 87 -12.08 10.94 -11.09
CA TYR F 87 -13.39 11.53 -10.86
C TYR F 87 -13.56 12.82 -11.64
N CYS F 88 -14.70 13.00 -12.31
CA CYS F 88 -15.03 14.34 -12.82
C CYS F 88 -15.83 15.03 -11.72
N GLN F 89 -15.91 16.37 -11.81
CA GLN F 89 -16.69 17.15 -10.90
C GLN F 89 -17.23 18.35 -11.64
N GLN F 90 -18.52 18.60 -11.56
CA GLN F 90 -19.07 19.81 -12.15
C GLN F 90 -18.93 20.97 -11.17
N SER F 91 -18.54 22.12 -11.69
CA SER F 91 -18.38 23.33 -10.91
C SER F 91 -19.31 24.41 -11.46
N TYR F 92 -20.43 23.98 -12.00
CA TYR F 92 -21.39 24.89 -12.62
C TYR F 92 -22.32 25.50 -11.58
N SER F 93 -22.75 24.69 -10.61
CA SER F 93 -23.64 25.19 -9.57
C SER F 93 -23.55 24.28 -8.36
N THR F 94 -23.62 24.84 -7.16
CA THR F 94 -23.57 24.03 -5.95
C THR F 94 -24.83 23.21 -5.82
N PRO F 95 -24.71 21.99 -5.28
CA PRO F 95 -23.46 21.34 -4.87
C PRO F 95 -22.60 20.89 -6.07
N PHE F 96 -21.30 21.02 -5.93
CA PHE F 96 -20.33 20.70 -6.98
C PHE F 96 -20.09 19.20 -6.95
N THR F 97 -21.02 18.48 -7.55
CA THR F 97 -21.05 17.03 -7.47
C THR F 97 -19.89 16.34 -8.19
N PHE F 98 -19.41 15.28 -7.58
CA PHE F 98 -18.38 14.45 -8.19
C PHE F 98 -19.11 13.38 -8.96
N GLY F 99 -18.54 12.93 -10.07
CA GLY F 99 -19.02 11.73 -10.74
C GLY F 99 -18.71 10.50 -9.88
N PRO F 100 -19.17 9.32 -10.33
CA PRO F 100 -19.02 8.06 -9.60
C PRO F 100 -17.63 7.49 -9.63
N GLY F 101 -16.80 7.91 -10.57
CA GLY F 101 -15.45 7.40 -10.63
C GLY F 101 -15.24 6.36 -11.73
N THR F 102 -14.02 6.32 -12.24
CA THR F 102 -13.58 5.30 -13.17
C THR F 102 -12.22 4.79 -12.74
N LYS F 103 -12.13 3.49 -12.54
CA LYS F 103 -10.87 2.87 -12.15
C LYS F 103 -10.09 2.46 -13.38
N VAL F 104 -8.83 2.84 -13.41
CA VAL F 104 -7.94 2.50 -14.50
C VAL F 104 -6.91 1.49 -14.02
N ASP F 105 -6.89 0.34 -14.69
CA ASP F 105 -5.93 -0.72 -14.39
C ASP F 105 -4.94 -0.87 -15.53
N ILE F 106 -3.73 -1.28 -15.16
CA ILE F 106 -2.69 -1.54 -16.15
C ILE F 106 -2.71 -3.02 -16.47
N ARG F 107 -2.67 -3.32 -17.77
CA ARG F 107 -2.59 -4.67 -18.28
C ARG F 107 -1.11 -4.93 -18.57
N ARG F 108 -0.57 -6.03 -18.04
CA ARG F 108 0.84 -6.35 -18.26
C ARG F 108 1.07 -7.85 -18.39
N THR F 109 2.33 -8.25 -18.53
CA THR F 109 2.63 -9.66 -18.74
C THR F 109 2.32 -10.43 -17.47
N VAL F 110 2.08 -11.72 -17.63
CA VAL F 110 1.86 -12.60 -16.49
C VAL F 110 3.12 -12.67 -15.66
N ALA F 111 2.94 -12.71 -14.34
CA ALA F 111 4.05 -12.77 -13.41
C ALA F 111 3.68 -13.62 -12.21
N ALA F 112 4.48 -14.66 -11.96
CA ALA F 112 4.22 -15.57 -10.87
C ALA F 112 4.58 -14.92 -9.55
N PRO F 113 3.85 -15.23 -8.49
CA PRO F 113 4.20 -14.70 -7.17
C PRO F 113 5.51 -15.28 -6.64
N SER F 114 6.22 -14.50 -5.85
CA SER F 114 7.29 -15.01 -5.02
C SER F 114 6.59 -15.30 -3.70
N VAL F 115 6.85 -16.47 -3.12
CA VAL F 115 6.09 -16.93 -1.96
C VAL F 115 7.02 -17.06 -0.77
N PHE F 116 6.58 -16.49 0.35
CA PHE F 116 7.33 -16.52 1.59
C PHE F 116 6.37 -16.89 2.70
N ILE F 117 6.84 -17.64 3.68
CA ILE F 117 6.04 -17.98 4.85
C ILE F 117 6.79 -17.57 6.13
N PHE F 118 6.03 -17.10 7.11
CA PHE F 118 6.58 -16.53 8.32
C PHE F 118 5.98 -17.20 9.55
N PRO F 119 6.81 -17.86 10.37
CA PRO F 119 6.23 -18.43 11.59
C PRO F 119 5.83 -17.34 12.60
N PRO F 120 5.02 -17.71 13.60
CA PRO F 120 4.66 -16.73 14.64
C PRO F 120 5.89 -16.30 15.45
N SER F 121 5.92 -15.07 15.92
CA SER F 121 7.00 -14.58 16.76
C SER F 121 6.86 -15.17 18.15
N ASP F 122 7.97 -15.28 18.87
CA ASP F 122 7.93 -15.79 20.23
C ASP F 122 7.29 -14.78 21.17
N GLU F 123 7.37 -13.50 20.81
CA GLU F 123 6.70 -12.47 21.59
C GLU F 123 5.19 -12.67 21.53
N GLN F 124 4.68 -13.06 20.37
CA GLN F 124 3.24 -13.30 20.22
C GLN F 124 2.79 -14.56 20.96
N LEU F 125 3.58 -15.63 20.87
CA LEU F 125 3.22 -16.89 21.51
C LEU F 125 3.00 -16.73 23.00
N LYS F 126 3.85 -15.93 23.64
CA LYS F 126 3.72 -15.70 25.07
C LYS F 126 2.45 -14.93 25.42
N SER F 127 1.64 -14.57 24.42
CA SER F 127 0.43 -13.78 24.64
C SER F 127 -0.85 -14.59 24.48
N GLY F 128 -0.74 -15.80 23.93
CA GLY F 128 -1.86 -16.72 23.85
C GLY F 128 -2.19 -17.15 22.44
N THR F 129 -1.78 -16.33 21.47
CA THR F 129 -2.16 -16.53 20.07
C THR F 129 -0.94 -16.79 19.19
N ALA F 130 -1.19 -17.40 18.04
CA ALA F 130 -0.16 -17.70 17.06
C ALA F 130 -0.68 -17.33 15.68
N SER F 131 0.03 -16.43 15.02
CA SER F 131 -0.29 -16.03 13.67
C SER F 131 0.80 -16.53 12.72
N VAL F 132 0.37 -17.21 11.66
CA VAL F 132 1.29 -17.67 10.63
C VAL F 132 0.91 -16.93 9.38
N VAL F 133 1.91 -16.37 8.69
CA VAL F 133 1.65 -15.51 7.54
C VAL F 133 2.27 -16.08 6.28
N CYS F 134 1.47 -16.12 5.22
CA CYS F 134 1.93 -16.48 3.89
C CYS F 134 1.80 -15.26 3.00
N LEU F 135 2.90 -14.85 2.39
CA LEU F 135 2.93 -13.67 1.54
C LEU F 135 3.08 -14.11 0.08
N LEU F 136 2.19 -13.63 -0.79
CA LEU F 136 2.36 -13.84 -2.22
C LEU F 136 2.72 -12.50 -2.79
N ASN F 137 3.93 -12.36 -3.31
CA ASN F 137 4.42 -11.04 -3.67
C ASN F 137 4.57 -10.79 -5.17
N ASN F 138 4.08 -9.63 -5.62
CA ASN F 138 4.33 -9.14 -6.97
C ASN F 138 3.93 -10.16 -8.02
N PHE F 139 2.63 -10.39 -8.15
CA PHE F 139 2.15 -11.28 -9.18
C PHE F 139 1.13 -10.59 -10.04
N TYR F 140 0.83 -11.20 -11.18
CA TYR F 140 -0.18 -10.71 -12.10
C TYR F 140 -0.58 -11.88 -13.01
N PRO F 141 -1.89 -12.03 -13.30
CA PRO F 141 -3.03 -11.22 -12.87
C PRO F 141 -3.40 -11.48 -11.42
N ARG F 142 -4.48 -10.85 -10.98
CA ARG F 142 -4.84 -10.73 -9.57
C ARG F 142 -5.38 -12.02 -8.95
N GLU F 143 -5.74 -12.95 -9.82
CA GLU F 143 -6.37 -14.17 -9.37
C GLU F 143 -5.32 -15.10 -8.76
N ALA F 144 -5.56 -15.58 -7.55
CA ALA F 144 -4.67 -16.56 -6.94
C ALA F 144 -5.37 -17.30 -5.81
N LYS F 145 -4.82 -18.45 -5.44
CA LYS F 145 -5.39 -19.28 -4.37
C LYS F 145 -4.33 -19.67 -3.32
N VAL F 146 -4.70 -19.59 -2.04
CA VAL F 146 -3.82 -20.05 -0.97
C VAL F 146 -4.55 -21.05 -0.10
N GLN F 147 -3.88 -22.19 0.13
CA GLN F 147 -4.39 -23.23 1.02
C GLN F 147 -3.42 -23.39 2.18
N TRP F 148 -3.96 -23.45 3.39
CA TRP F 148 -3.14 -23.74 4.56
C TRP F 148 -3.27 -25.21 4.95
N LYS F 149 -2.12 -25.89 5.06
CA LYS F 149 -2.07 -27.26 5.53
C LYS F 149 -1.23 -27.32 6.81
N VAL F 150 -1.82 -27.88 7.87
CA VAL F 150 -1.11 -28.14 9.11
C VAL F 150 -1.02 -29.66 9.31
N ASP F 151 0.20 -30.19 9.32
CA ASP F 151 0.42 -31.63 9.36
C ASP F 151 -0.40 -32.31 8.28
N ASN F 152 -0.29 -31.80 7.06
CA ASN F 152 -1.03 -32.31 5.90
C ASN F 152 -2.55 -32.18 5.99
N ALA F 153 -3.04 -31.58 7.07
CA ALA F 153 -4.48 -31.36 7.23
C ALA F 153 -4.86 -29.97 6.76
N LEU F 154 -5.63 -29.90 5.69
CA LEU F 154 -6.17 -28.66 5.19
C LEU F 154 -6.97 -27.94 6.25
N GLN F 155 -6.84 -26.61 6.27
CA GLN F 155 -7.50 -25.75 7.25
C GLN F 155 -8.65 -24.95 6.62
N SER F 156 -9.59 -24.50 7.44
CA SER F 156 -10.65 -23.61 6.96
C SER F 156 -11.30 -22.86 8.11
N GLY F 157 -11.63 -21.59 7.87
CA GLY F 157 -12.35 -20.80 8.84
C GLY F 157 -11.44 -20.12 9.83
N ASN F 158 -10.13 -20.34 9.68
CA ASN F 158 -9.15 -19.74 10.58
C ASN F 158 -8.08 -18.96 9.80
N SER F 159 -8.41 -18.53 8.59
CA SER F 159 -7.50 -17.68 7.84
C SER F 159 -8.23 -16.44 7.34
N GLN F 160 -7.48 -15.40 7.05
CA GLN F 160 -8.01 -14.19 6.46
C GLN F 160 -6.96 -13.71 5.48
N GLU F 161 -7.41 -13.07 4.41
CA GLU F 161 -6.51 -12.62 3.38
C GLU F 161 -6.70 -11.14 3.15
N SER F 162 -5.68 -10.50 2.59
CA SER F 162 -5.81 -9.12 2.21
C SER F 162 -4.96 -8.99 0.95
N VAL F 163 -5.37 -8.11 0.03
CA VAL F 163 -4.67 -7.94 -1.23
C VAL F 163 -4.45 -6.45 -1.52
N THR F 164 -3.23 -6.10 -1.92
CA THR F 164 -2.92 -4.72 -2.28
C THR F 164 -3.57 -4.31 -3.59
N GLU F 165 -3.70 -3.00 -3.79
CA GLU F 165 -4.10 -2.47 -5.07
C GLU F 165 -2.92 -2.61 -6.03
N GLN F 166 -3.15 -2.38 -7.31
CA GLN F 166 -2.10 -2.52 -8.29
C GLN F 166 -0.89 -1.60 -8.02
N ASP F 167 0.31 -2.18 -8.00
CA ASP F 167 1.54 -1.46 -7.74
C ASP F 167 1.80 -0.37 -8.77
N SER F 168 2.21 0.81 -8.31
CA SER F 168 2.34 1.99 -9.16
C SER F 168 3.56 1.92 -10.08
N LYS F 169 4.50 1.03 -9.77
CA LYS F 169 5.74 0.92 -10.55
C LYS F 169 5.76 -0.27 -11.52
N ASP F 170 5.43 -1.48 -11.05
CA ASP F 170 5.46 -2.67 -11.92
C ASP F 170 4.08 -3.30 -12.20
N SER F 171 3.01 -2.63 -11.76
CA SER F 171 1.64 -3.04 -12.07
C SER F 171 1.24 -4.41 -11.52
N THR F 172 1.94 -4.88 -10.50
CA THR F 172 1.60 -6.17 -9.89
C THR F 172 0.75 -6.03 -8.63
N TYR F 173 0.30 -7.17 -8.10
CA TYR F 173 -0.48 -7.22 -6.88
C TYR F 173 0.27 -8.06 -5.87
N SER F 174 -0.10 -7.94 -4.60
CA SER F 174 0.46 -8.80 -3.57
C SER F 174 -0.65 -9.19 -2.64
N LEU F 175 -0.44 -10.28 -1.93
CA LEU F 175 -1.48 -10.86 -1.11
C LEU F 175 -0.85 -11.50 0.09
N SER F 176 -1.43 -11.21 1.26
CA SER F 176 -1.00 -11.82 2.50
C SER F 176 -2.15 -12.67 2.99
N SER F 177 -1.85 -13.86 3.49
CA SER F 177 -2.87 -14.70 4.11
C SER F 177 -2.40 -15.04 5.50
N THR F 178 -3.27 -14.85 6.49
CA THR F 178 -2.88 -14.99 7.88
C THR F 178 -3.69 -16.08 8.57
N LEU F 179 -2.97 -17.06 9.08
CA LEU F 179 -3.58 -18.16 9.78
C LEU F 179 -3.46 -18.00 11.27
N THR F 180 -4.58 -17.95 11.93
CA THR F 180 -4.58 -17.68 13.37
C THR F 180 -4.92 -18.93 14.16
N LEU F 181 -4.08 -19.22 15.17
CA LEU F 181 -4.31 -20.34 16.07
C LEU F 181 -3.99 -19.94 17.51
N SER F 182 -4.49 -20.74 18.45
CA SER F 182 -4.06 -20.64 19.83
C SER F 182 -2.65 -21.21 19.93
N LYS F 183 -1.88 -20.74 20.92
CA LYS F 183 -0.57 -21.31 21.19
C LYS F 183 -0.70 -22.83 21.33
N ALA F 184 -1.69 -23.26 22.10
CA ALA F 184 -1.96 -24.67 22.33
C ALA F 184 -2.01 -25.45 21.01
N ASP F 185 -2.94 -25.08 20.13
CA ASP F 185 -3.08 -25.75 18.84
C ASP F 185 -1.79 -25.68 18.03
N TYR F 186 -1.09 -24.55 18.12
CA TYR F 186 0.15 -24.38 17.36
C TYR F 186 1.23 -25.32 17.88
N GLU F 187 1.26 -25.51 19.19
CA GLU F 187 2.24 -26.38 19.84
C GLU F 187 1.96 -27.86 19.59
N LYS F 188 0.77 -28.18 19.09
CA LYS F 188 0.36 -29.57 18.89
C LYS F 188 0.84 -30.15 17.57
N HIS F 189 1.30 -29.28 16.66
CA HIS F 189 1.60 -29.71 15.31
C HIS F 189 3.01 -29.28 14.92
N LYS F 190 3.58 -29.92 13.91
CA LYS F 190 4.99 -29.69 13.58
C LYS F 190 5.17 -28.93 12.28
N VAL F 191 4.50 -29.38 11.23
CA VAL F 191 4.71 -28.81 9.90
C VAL F 191 3.59 -27.84 9.51
N TYR F 192 3.99 -26.65 9.07
CA TYR F 192 3.04 -25.61 8.65
C TYR F 192 3.36 -25.23 7.23
N ALA F 193 2.33 -25.18 6.39
CA ALA F 193 2.52 -24.99 4.95
C ALA F 193 1.44 -24.12 4.35
N CYS F 194 1.82 -23.34 3.34
CA CYS F 194 0.87 -22.59 2.55
C CYS F 194 1.10 -23.01 1.10
N GLU F 195 0.03 -23.48 0.47
CA GLU F 195 0.10 -24.00 -0.90
C GLU F 195 -0.50 -22.96 -1.83
N VAL F 196 0.26 -22.56 -2.84
CA VAL F 196 -0.10 -21.45 -3.70
C VAL F 196 -0.34 -21.86 -5.15
N THR F 197 -1.46 -21.41 -5.70
CA THR F 197 -1.73 -21.63 -7.11
C THR F 197 -1.92 -20.29 -7.82
N HIS F 198 -1.38 -20.21 -9.03
CA HIS F 198 -1.47 -19.05 -9.89
C HIS F 198 -1.27 -19.56 -11.28
N GLN F 199 -1.68 -18.80 -12.28
CA GLN F 199 -1.52 -19.27 -13.66
C GLN F 199 -0.10 -19.03 -14.18
N GLY F 200 0.68 -18.21 -13.49
CA GLY F 200 2.07 -17.97 -13.87
C GLY F 200 3.01 -19.05 -13.38
N LEU F 201 2.47 -19.99 -12.61
CA LEU F 201 3.24 -21.11 -12.06
C LEU F 201 2.90 -22.40 -12.80
N SER F 202 3.92 -23.05 -13.38
CA SER F 202 3.73 -24.33 -14.08
C SER F 202 3.19 -25.40 -13.14
N SER F 203 3.27 -25.15 -11.85
CA SER F 203 2.75 -26.06 -10.83
C SER F 203 2.58 -25.32 -9.50
N PRO F 204 1.69 -25.84 -8.62
CA PRO F 204 1.50 -25.24 -7.29
C PRO F 204 2.79 -25.15 -6.49
N VAL F 205 3.03 -24.02 -5.84
CA VAL F 205 4.23 -23.86 -5.02
C VAL F 205 3.84 -24.07 -3.56
N THR F 206 4.72 -24.70 -2.82
CA THR F 206 4.49 -24.95 -1.41
C THR F 206 5.70 -24.45 -0.62
N LYS F 207 5.42 -23.62 0.39
CA LYS F 207 6.46 -23.13 1.27
C LYS F 207 6.07 -23.55 2.68
N SER F 208 7.06 -23.99 3.43
CA SER F 208 6.79 -24.66 4.70
C SER F 208 7.84 -24.29 5.74
N PHE F 209 7.57 -24.69 6.98
CA PHE F 209 8.57 -24.70 8.01
C PHE F 209 8.16 -25.72 9.06
N ASN F 210 9.15 -26.23 9.78
CA ASN F 210 8.90 -27.17 10.86
C ASN F 210 9.09 -26.45 12.19
N ARG F 211 8.06 -26.56 13.04
CA ARG F 211 8.07 -25.84 14.29
C ARG F 211 9.24 -26.31 15.12
N GLY F 212 9.93 -25.35 15.73
CA GLY F 212 11.10 -25.66 16.54
C GLY F 212 12.12 -26.45 15.76
N GLU F 213 12.72 -25.82 14.77
CA GLU F 213 13.68 -26.47 13.87
C GLU F 213 13.00 -27.59 13.08
N ASP G 1 46.68 0.75 35.56
CA ASP G 1 45.82 1.49 34.60
C ASP G 1 46.33 2.90 34.39
N ILE G 2 46.45 3.32 33.14
CA ILE G 2 46.95 4.64 32.83
C ILE G 2 45.94 5.71 33.22
N GLN G 3 46.38 6.64 34.07
CA GLN G 3 45.54 7.73 34.53
C GLN G 3 45.78 8.97 33.69
N LEU G 4 44.72 9.70 33.41
CA LEU G 4 44.78 10.94 32.66
C LEU G 4 44.20 12.08 33.49
N THR G 5 44.75 13.28 33.32
CA THR G 5 44.16 14.47 33.92
C THR G 5 43.99 15.45 32.78
N GLN G 6 43.01 16.32 32.91
CA GLN G 6 42.78 17.39 31.96
C GLN G 6 42.80 18.70 32.71
N SER G 7 43.35 19.73 32.08
CA SER G 7 43.33 21.04 32.69
C SER G 7 43.00 22.05 31.62
N PRO G 8 42.17 23.06 31.93
CA PRO G 8 41.44 23.22 33.18
C PRO G 8 40.21 22.33 33.21
N SER G 9 39.44 22.41 34.29
CA SER G 9 38.18 21.70 34.37
C SER G 9 37.09 22.40 33.55
N SER G 10 37.15 23.72 33.48
CA SER G 10 36.19 24.48 32.65
C SER G 10 36.86 25.78 32.24
N LEU G 11 36.42 26.38 31.13
CA LEU G 11 37.00 27.68 30.75
C LEU G 11 35.98 28.45 29.95
N SER G 12 36.18 29.75 29.88
CA SER G 12 35.38 30.62 29.03
C SER G 12 36.35 31.49 28.22
N ALA G 13 35.98 31.79 26.99
CA ALA G 13 36.77 32.69 26.16
C ALA G 13 35.81 33.30 25.16
N SER G 14 36.25 34.37 24.52
CA SER G 14 35.39 35.04 23.56
C SER G 14 35.52 34.39 22.19
N VAL G 15 34.57 34.67 21.33
CA VAL G 15 34.60 34.19 19.96
C VAL G 15 35.80 34.79 19.27
N GLY G 16 36.52 33.97 18.53
CA GLY G 16 37.73 34.39 17.84
C GLY G 16 38.96 34.11 18.68
N ASP G 17 38.80 33.83 19.97
CA ASP G 17 39.98 33.57 20.82
C ASP G 17 40.61 32.22 20.52
N ARG G 18 41.91 32.14 20.80
CA ARG G 18 42.64 30.88 20.73
C ARG G 18 42.58 30.26 22.12
N VAL G 19 42.16 29.01 22.21
CA VAL G 19 41.99 28.32 23.49
C VAL G 19 42.74 26.99 23.47
N THR G 20 43.34 26.60 24.59
CA THR G 20 44.04 25.32 24.66
C THR G 20 43.59 24.54 25.88
N ILE G 21 43.44 23.23 25.70
CA ILE G 21 43.13 22.31 26.78
C ILE G 21 44.27 21.31 26.82
N THR G 22 44.71 20.91 28.01
CA THR G 22 45.86 20.00 28.14
C THR G 22 45.47 18.69 28.78
N CYS G 23 46.05 17.61 28.28
CA CYS G 23 45.83 16.28 28.82
C CYS G 23 47.18 15.71 29.21
N ARG G 24 47.27 15.17 30.42
CA ARG G 24 48.55 14.67 30.93
C ARG G 24 48.39 13.25 31.43
N ALA G 25 49.30 12.36 31.01
CA ALA G 25 49.18 10.94 31.28
C ALA G 25 50.17 10.51 32.34
N SER G 26 49.86 9.44 33.08
CA SER G 26 50.71 8.98 34.18
C SER G 26 51.95 8.29 33.62
N GLN G 27 51.91 7.96 32.32
CA GLN G 27 53.03 7.30 31.62
C GLN G 27 53.17 7.91 30.26
N SER G 28 54.32 7.71 29.64
CA SER G 28 54.49 8.09 28.25
C SER G 28 53.62 7.13 27.41
N ILE G 29 52.82 7.69 26.51
CA ILE G 29 51.96 6.91 25.62
C ILE G 29 52.24 7.28 24.15
N GLY G 30 53.43 7.82 23.89
CA GLY G 30 53.80 8.28 22.56
C GLY G 30 52.72 9.19 21.98
N SER G 31 52.17 8.81 20.83
CA SER G 31 51.16 9.61 20.14
C SER G 31 49.79 8.93 20.21
N TYR G 32 49.65 7.98 21.12
CA TYR G 32 48.44 7.18 21.23
C TYR G 32 47.42 7.91 22.08
N LEU G 33 46.84 8.96 21.49
CA LEU G 33 45.94 9.80 22.23
C LEU G 33 44.89 10.36 21.32
N ASN G 34 43.66 10.30 21.77
CA ASN G 34 42.50 10.81 21.05
C ASN G 34 41.87 11.96 21.81
N TRP G 35 41.14 12.79 21.07
CA TRP G 35 40.27 13.80 21.63
C TRP G 35 38.86 13.69 21.05
N TYR G 36 37.88 13.87 21.92
CA TYR G 36 36.47 13.83 21.59
C TYR G 36 35.79 15.10 21.99
N GLN G 37 34.71 15.40 21.32
CA GLN G 37 33.86 16.54 21.66
C GLN G 37 32.48 16.01 21.99
N GLN G 38 31.92 16.46 23.11
CA GLN G 38 30.53 16.13 23.40
C GLN G 38 29.68 17.40 23.62
N LYS G 39 28.70 17.58 22.75
CA LYS G 39 27.77 18.66 22.91
C LYS G 39 26.61 18.18 23.76
N PRO G 40 25.95 19.09 24.47
CA PRO G 40 24.87 18.65 25.37
C PRO G 40 23.74 17.97 24.63
N GLY G 41 23.22 16.89 25.21
CA GLY G 41 22.15 16.12 24.59
C GLY G 41 22.61 15.29 23.41
N LYS G 42 23.92 15.15 23.21
CA LYS G 42 24.44 14.44 22.06
C LYS G 42 25.51 13.42 22.42
N ALA G 43 25.65 12.39 21.59
CA ALA G 43 26.78 11.46 21.71
C ALA G 43 28.10 12.16 21.39
N PRO G 44 29.21 11.65 21.97
CA PRO G 44 30.51 12.23 21.66
C PRO G 44 30.87 12.02 20.21
N LYS G 45 31.71 12.89 19.68
CA LYS G 45 32.21 12.79 18.32
C LYS G 45 33.71 12.82 18.42
N LEU G 46 34.36 12.07 17.54
CA LEU G 46 35.81 12.00 17.51
C LEU G 46 36.36 13.23 16.79
N LEU G 47 37.31 13.93 17.42
CA LEU G 47 37.94 15.10 16.83
C LEU G 47 39.29 14.75 16.27
N ILE G 48 40.07 14.02 17.05
CA ILE G 48 41.47 13.85 16.73
C ILE G 48 41.90 12.46 17.14
N TYR G 49 42.77 11.84 16.35
CA TYR G 49 43.41 10.60 16.79
C TYR G 49 44.89 10.66 16.50
N ALA G 50 45.64 9.71 17.05
CA ALA G 50 47.10 9.74 16.93
C ALA G 50 47.69 11.11 17.36
N ALA G 51 47.11 11.70 18.41
CA ALA G 51 47.55 12.97 19.02
C ALA G 51 47.35 14.21 18.17
N SER G 52 47.55 14.10 16.85
CA SER G 52 47.55 15.27 15.96
C SER G 52 46.82 15.08 14.63
N THR G 53 46.24 13.91 14.37
CA THR G 53 45.50 13.71 13.12
C THR G 53 44.02 14.10 13.28
N LEU G 54 43.61 15.07 12.50
CA LEU G 54 42.26 15.57 12.58
C LEU G 54 41.35 14.58 11.88
N GLN G 55 40.28 14.12 12.54
CA GLN G 55 39.32 13.25 11.85
C GLN G 55 38.65 14.04 10.72
N SER G 56 38.33 13.38 9.62
CA SER G 56 37.66 14.03 8.50
C SER G 56 36.35 14.64 8.97
N GLY G 57 36.01 15.81 8.44
CA GLY G 57 34.76 16.45 8.78
C GLY G 57 34.94 17.46 9.91
N VAL G 58 36.09 17.45 10.57
CA VAL G 58 36.31 18.40 11.68
C VAL G 58 36.82 19.77 11.21
N PRO G 59 36.27 20.86 11.76
CA PRO G 59 36.76 22.16 11.27
C PRO G 59 38.27 22.33 11.51
N SER G 60 38.94 23.03 10.60
CA SER G 60 40.40 23.17 10.63
C SER G 60 40.87 24.03 11.81
N ARG G 61 39.94 24.67 12.52
CA ARG G 61 40.35 25.47 13.66
C ARG G 61 40.79 24.60 14.86
N PHE G 62 40.50 23.31 14.79
CA PHE G 62 40.96 22.35 15.80
C PHE G 62 42.30 21.76 15.44
N SER G 63 43.21 21.69 16.40
CA SER G 63 44.49 21.07 16.14
C SER G 63 44.94 20.39 17.43
N GLY G 64 45.66 19.30 17.28
CA GLY G 64 46.17 18.57 18.43
C GLY G 64 47.67 18.48 18.31
N SER G 65 48.35 18.55 19.45
CA SER G 65 49.79 18.41 19.47
C SER G 65 50.23 17.72 20.76
N GLY G 66 51.48 17.29 20.79
CA GLY G 66 52.05 16.73 22.01
C GLY G 66 52.46 15.31 21.73
N SER G 67 53.42 14.84 22.50
CA SER G 67 53.84 13.45 22.43
C SER G 67 54.41 13.04 23.78
N GLY G 68 54.22 11.78 24.16
CA GLY G 68 54.75 11.27 25.40
C GLY G 68 53.73 11.41 26.51
N THR G 69 53.87 12.42 27.34
CA THR G 69 53.03 12.53 28.53
C THR G 69 52.09 13.74 28.51
N ASP G 70 52.37 14.74 27.67
CA ASP G 70 51.63 16.00 27.69
C ASP G 70 51.06 16.33 26.32
N PHE G 71 49.78 16.65 26.28
CA PHE G 71 49.07 16.85 25.03
C PHE G 71 48.17 18.05 25.16
N THR G 72 47.96 18.70 24.03
CA THR G 72 47.15 19.89 23.97
C THR G 72 46.18 19.81 22.82
N LEU G 73 44.93 20.17 23.08
CA LEU G 73 43.93 20.40 22.02
C LEU G 73 43.83 21.91 21.89
N THR G 74 44.10 22.43 20.70
CA THR G 74 43.96 23.87 20.47
C THR G 74 42.74 24.14 19.58
N ILE G 75 41.98 25.15 19.95
CA ILE G 75 40.97 25.72 19.06
C ILE G 75 41.45 27.11 18.67
N SER G 76 41.80 27.31 17.40
CA SER G 76 42.51 28.52 17.02
C SER G 76 41.62 29.76 17.03
N SER G 77 40.35 29.59 16.68
CA SER G 77 39.40 30.71 16.62
C SER G 77 38.03 30.25 17.13
N LEU G 78 37.82 30.36 18.45
CA LEU G 78 36.66 29.79 19.13
C LEU G 78 35.35 30.27 18.52
N GLN G 79 34.44 29.33 18.23
CA GLN G 79 33.13 29.67 17.64
C GLN G 79 32.03 29.32 18.62
N PRO G 80 30.85 29.93 18.48
CA PRO G 80 29.77 29.62 19.43
C PRO G 80 29.43 28.12 19.49
N GLU G 81 29.51 27.44 18.35
CA GLU G 81 29.19 26.01 18.27
C GLU G 81 30.24 25.13 18.95
N ASP G 82 31.35 25.72 19.41
CA ASP G 82 32.37 24.95 20.13
C ASP G 82 32.09 24.82 21.62
N SER G 83 31.00 25.46 22.06
CA SER G 83 30.55 25.34 23.44
C SER G 83 30.19 23.89 23.71
N ALA G 84 30.98 23.21 24.51
CA ALA G 84 30.87 21.77 24.58
C ALA G 84 31.83 21.28 25.63
N THR G 85 31.84 19.97 25.84
CA THR G 85 32.78 19.33 26.74
C THR G 85 33.75 18.46 25.92
N TYR G 86 35.03 18.52 26.29
CA TYR G 86 36.07 17.83 25.54
C TYR G 86 36.76 16.78 26.42
N TYR G 87 36.99 15.61 25.84
CA TYR G 87 37.63 14.48 26.52
C TYR G 87 38.83 14.00 25.72
N CYS G 88 39.95 13.82 26.41
CA CYS G 88 41.09 13.06 25.92
C CYS G 88 40.89 11.56 26.21
N GLN G 89 41.56 10.70 25.44
CA GLN G 89 41.52 9.29 25.68
C GLN G 89 42.83 8.71 25.23
N GLN G 90 43.49 7.96 26.11
CA GLN G 90 44.71 7.26 25.70
C GLN G 90 44.35 5.94 25.04
N SER G 91 45.05 5.61 23.96
CA SER G 91 44.80 4.37 23.25
C SER G 91 46.08 3.54 23.26
N TYR G 92 46.90 3.72 24.28
CA TYR G 92 48.20 3.04 24.37
C TYR G 92 48.06 1.60 24.85
N SER G 93 47.18 1.37 25.83
CA SER G 93 46.88 0.02 26.30
C SER G 93 45.51 0.02 26.95
N THR G 94 44.82 -1.10 26.84
CA THR G 94 43.51 -1.26 27.43
C THR G 94 43.67 -1.34 28.95
N PRO G 95 42.70 -0.84 29.72
CA PRO G 95 41.52 -0.11 29.22
C PRO G 95 41.89 1.28 28.66
N PHE G 96 41.26 1.64 27.55
CA PHE G 96 41.44 2.92 26.88
C PHE G 96 40.70 4.06 27.62
N THR G 97 41.27 4.47 28.73
CA THR G 97 40.67 5.44 29.63
C THR G 97 40.49 6.83 29.02
N PHE G 98 39.34 7.42 29.34
CA PHE G 98 39.01 8.79 28.98
C PHE G 98 39.50 9.71 30.09
N GLY G 99 39.87 10.93 29.72
CA GLY G 99 40.21 11.97 30.66
C GLY G 99 38.95 12.48 31.32
N PRO G 100 39.10 13.23 32.41
CA PRO G 100 37.95 13.72 33.17
C PRO G 100 37.08 14.60 32.29
N GLY G 101 37.70 15.37 31.42
CA GLY G 101 36.97 16.23 30.49
C GLY G 101 37.03 17.69 30.89
N THR G 102 36.75 18.56 29.92
CA THR G 102 36.93 19.99 30.10
C THR G 102 35.77 20.69 29.41
N LYS G 103 35.02 21.50 30.16
CA LYS G 103 33.90 22.22 29.61
C LYS G 103 34.33 23.59 29.07
N VAL G 104 33.93 23.89 27.85
CA VAL G 104 34.23 25.18 27.23
C VAL G 104 32.97 26.01 27.09
N ASP G 105 33.01 27.24 27.60
CA ASP G 105 31.89 28.17 27.48
C ASP G 105 32.35 29.37 26.66
N ILE G 106 31.41 30.00 25.98
CA ILE G 106 31.69 31.19 25.21
C ILE G 106 31.30 32.40 26.01
N ARG G 107 32.18 33.38 26.05
CA ARG G 107 31.90 34.69 26.64
C ARG G 107 31.38 35.64 25.57
N ARG G 108 30.31 36.37 25.85
CA ARG G 108 29.77 37.30 24.86
C ARG G 108 29.23 38.56 25.52
N THR G 109 28.74 39.49 24.72
CA THR G 109 28.15 40.70 25.27
C THR G 109 26.87 40.34 26.06
N VAL G 110 26.51 41.20 27.00
CA VAL G 110 25.30 41.06 27.76
C VAL G 110 24.07 41.04 26.83
N ALA G 111 23.14 40.15 27.12
CA ALA G 111 21.88 40.08 26.39
C ALA G 111 20.76 39.95 27.40
N ALA G 112 19.83 40.90 27.36
CA ALA G 112 18.68 40.89 28.25
C ALA G 112 17.73 39.78 27.82
N PRO G 113 17.06 39.12 28.78
CA PRO G 113 16.09 38.08 28.44
C PRO G 113 14.82 38.67 27.86
N SER G 114 14.18 37.95 26.96
CA SER G 114 12.81 38.27 26.55
C SER G 114 11.93 37.41 27.44
N VAL G 115 10.88 38.00 28.00
CA VAL G 115 10.14 37.36 29.08
C VAL G 115 8.71 37.07 28.63
N PHE G 116 8.27 35.84 28.85
CA PHE G 116 6.94 35.41 28.44
C PHE G 116 6.32 34.64 29.60
N ILE G 117 5.02 34.81 29.81
CA ILE G 117 4.33 34.01 30.81
C ILE G 117 3.22 33.20 30.16
N PHE G 118 3.04 31.95 30.59
CA PHE G 118 2.03 31.08 29.97
C PHE G 118 0.99 30.59 30.98
N PRO G 119 -0.30 30.88 30.74
CA PRO G 119 -1.31 30.30 31.63
C PRO G 119 -1.44 28.77 31.42
N PRO G 120 -2.05 28.08 32.38
CA PRO G 120 -2.33 26.66 32.15
C PRO G 120 -3.36 26.46 31.05
N SER G 121 -3.26 25.34 30.35
CA SER G 121 -4.23 24.99 29.33
C SER G 121 -5.56 24.56 29.96
N ASP G 122 -6.65 24.76 29.22
CA ASP G 122 -7.95 24.24 29.64
C ASP G 122 -7.87 22.75 29.85
N GLU G 123 -7.13 22.07 28.98
CA GLU G 123 -7.01 20.63 29.04
C GLU G 123 -6.40 20.24 30.37
N GLN G 124 -5.27 20.86 30.73
CA GLN G 124 -4.64 20.54 32.00
C GLN G 124 -5.60 20.78 33.16
N LEU G 125 -6.35 21.87 33.10
CA LEU G 125 -7.30 22.20 34.16
C LEU G 125 -8.40 21.15 34.34
N LYS G 126 -8.91 20.58 33.25
CA LYS G 126 -9.94 19.55 33.36
C LYS G 126 -9.37 18.31 34.06
N SER G 127 -8.05 18.19 34.04
CA SER G 127 -7.35 17.10 34.72
C SER G 127 -7.15 17.41 36.21
N GLY G 128 -7.42 18.63 36.63
CA GLY G 128 -7.42 18.97 38.05
C GLY G 128 -6.12 19.59 38.56
N THR G 129 -5.22 19.96 37.65
CA THR G 129 -3.97 20.61 38.02
C THR G 129 -3.73 21.83 37.14
N ALA G 130 -2.83 22.70 37.59
CA ALA G 130 -2.50 23.91 36.84
C ALA G 130 -1.02 24.20 36.93
N SER G 131 -0.38 24.34 35.78
CA SER G 131 1.03 24.70 35.69
C SER G 131 1.14 26.07 35.02
N VAL G 132 1.80 27.01 35.71
CA VAL G 132 2.04 28.34 35.16
C VAL G 132 3.53 28.39 34.81
N VAL G 133 3.86 28.83 33.60
CA VAL G 133 5.23 28.82 33.12
C VAL G 133 5.70 30.24 32.80
N CYS G 134 6.85 30.62 33.36
CA CYS G 134 7.53 31.86 33.03
C CYS G 134 8.79 31.48 32.24
N LEU G 135 8.96 32.09 31.07
CA LEU G 135 10.10 31.82 30.22
C LEU G 135 10.99 33.05 30.14
N LEU G 136 12.26 32.89 30.45
CA LEU G 136 13.25 33.89 30.19
C LEU G 136 14.07 33.40 29.02
N ASN G 137 14.08 34.15 27.95
CA ASN G 137 14.64 33.62 26.73
C ASN G 137 15.85 34.38 26.21
N ASN G 138 16.89 33.62 25.87
CA ASN G 138 18.11 34.13 25.21
C ASN G 138 18.95 35.20 25.90
N PHE G 139 19.23 35.02 27.19
CA PHE G 139 19.95 36.04 27.95
C PHE G 139 21.39 35.60 28.19
N TYR G 140 22.24 36.58 28.53
CA TYR G 140 23.61 36.32 28.90
C TYR G 140 24.01 37.52 29.78
N PRO G 141 24.72 37.29 30.88
CA PRO G 141 25.19 36.01 31.34
C PRO G 141 24.15 35.23 32.09
N ARG G 142 24.56 34.09 32.58
CA ARG G 142 23.71 33.09 33.14
C ARG G 142 22.89 33.46 34.37
N GLU G 143 23.30 34.45 35.12
CA GLU G 143 22.59 34.85 36.32
C GLU G 143 21.25 35.52 36.01
N ALA G 144 20.17 35.13 36.66
CA ALA G 144 18.97 35.83 36.50
C ALA G 144 18.23 35.52 37.76
N LYS G 145 17.27 36.35 38.01
CA LYS G 145 16.41 36.23 39.17
C LYS G 145 14.96 36.30 38.69
N VAL G 146 14.15 35.33 39.11
CA VAL G 146 12.73 35.29 38.82
C VAL G 146 11.94 35.24 40.11
N GLN G 147 11.04 36.18 40.27
CA GLN G 147 10.17 36.23 41.45
C GLN G 147 8.73 36.15 41.00
N TRP G 148 7.99 35.22 41.60
CA TRP G 148 6.57 35.08 41.33
C TRP G 148 5.74 36.00 42.22
N LYS G 149 4.81 36.72 41.59
CA LYS G 149 3.86 37.54 42.32
C LYS G 149 2.46 37.03 42.04
N VAL G 150 1.69 36.83 43.11
CA VAL G 150 0.33 36.33 42.94
C VAL G 150 -0.63 37.26 43.68
N ASP G 151 -1.69 37.64 42.96
CA ASP G 151 -2.56 38.75 43.33
C ASP G 151 -1.77 40.00 43.75
N ASN G 152 -0.91 40.46 42.83
CA ASN G 152 -0.15 41.69 43.01
C ASN G 152 0.81 41.63 44.21
N ALA G 153 1.02 40.44 44.74
CA ALA G 153 1.89 40.25 45.91
C ALA G 153 2.98 39.19 45.68
N SER G 159 7.52 26.22 42.91
CA SER G 159 8.40 26.94 41.99
C SER G 159 9.61 26.09 41.62
N GLN G 160 9.68 25.67 40.36
CA GLN G 160 10.79 24.87 39.87
C GLN G 160 11.44 25.49 38.62
N GLU G 161 12.76 25.42 38.54
CA GLU G 161 13.50 26.09 37.48
C GLU G 161 14.27 25.10 36.65
N SER G 162 14.46 25.44 35.38
CA SER G 162 15.32 24.68 34.50
C SER G 162 16.00 25.62 33.52
N VAL G 163 17.26 25.34 33.24
CA VAL G 163 18.06 26.22 32.41
C VAL G 163 18.69 25.40 31.32
N THR G 164 18.74 25.97 30.14
CA THR G 164 19.35 25.27 29.02
C THR G 164 20.83 25.40 29.07
N GLU G 165 21.48 24.49 28.35
CA GLU G 165 22.90 24.59 28.12
C GLU G 165 23.09 25.77 27.16
N GLN G 166 24.31 26.29 27.08
CA GLN G 166 24.59 27.47 26.24
C GLN G 166 24.25 27.22 24.77
N ASP G 167 23.58 28.18 24.13
CA ASP G 167 23.08 28.00 22.78
C ASP G 167 24.23 28.02 21.76
N SER G 168 24.16 27.14 20.77
CA SER G 168 25.29 26.89 19.88
C SER G 168 25.45 27.94 18.79
N LYS G 169 24.46 28.81 18.64
CA LYS G 169 24.55 29.88 17.63
C LYS G 169 24.75 31.28 18.22
N ASP G 170 24.10 31.58 19.35
CA ASP G 170 24.17 32.94 19.90
C ASP G 170 24.73 33.01 21.33
N SER G 171 25.08 31.84 21.87
CA SER G 171 25.82 31.73 23.11
C SER G 171 25.04 32.23 24.33
N THR G 172 23.72 32.32 24.18
CA THR G 172 22.86 32.70 25.29
C THR G 172 22.30 31.51 26.03
N TYR G 173 21.65 31.80 27.15
CA TYR G 173 20.95 30.80 27.95
C TYR G 173 19.45 31.08 27.92
N SER G 174 18.66 30.05 28.25
CA SER G 174 17.24 30.23 28.46
C SER G 174 16.86 29.50 29.75
N LEU G 175 15.79 29.98 30.38
CA LEU G 175 15.39 29.50 31.67
C LEU G 175 13.89 29.46 31.72
N SER G 176 13.39 28.38 32.32
CA SER G 176 11.96 28.21 32.56
C SER G 176 11.76 28.18 34.08
N SER G 177 10.70 28.82 34.55
CA SER G 177 10.29 28.72 35.96
C SER G 177 8.83 28.30 35.99
N THR G 178 8.53 27.19 36.65
CA THR G 178 7.22 26.60 36.59
C THR G 178 6.58 26.51 37.97
N LEU G 179 5.39 27.09 38.07
CA LEU G 179 4.56 27.02 39.25
C LEU G 179 3.43 25.99 39.02
N THR G 180 3.38 24.93 39.83
CA THR G 180 2.36 23.89 39.65
C THR G 180 1.43 23.86 40.84
N LEU G 181 0.13 23.96 40.55
CA LEU G 181 -0.90 24.03 41.57
C LEU G 181 -2.01 23.04 41.29
N SER G 182 -2.79 22.75 42.32
CA SER G 182 -4.09 22.14 42.11
C SER G 182 -4.95 23.19 41.42
N LYS G 183 -5.91 22.74 40.62
CA LYS G 183 -6.89 23.64 40.04
C LYS G 183 -7.56 24.44 41.16
N ALA G 184 -7.82 23.76 42.28
CA ALA G 184 -8.46 24.39 43.43
C ALA G 184 -7.62 25.57 43.94
N ASP G 185 -6.34 25.33 44.21
CA ASP G 185 -5.46 26.40 44.66
C ASP G 185 -5.27 27.44 43.58
N TYR G 186 -5.24 27.00 42.31
CA TYR G 186 -5.06 27.92 41.20
C TYR G 186 -6.24 28.88 41.12
N GLU G 187 -7.42 28.42 41.51
CA GLU G 187 -8.64 29.22 41.42
C GLU G 187 -8.83 30.16 42.60
N LYS G 188 -7.93 30.07 43.58
CA LYS G 188 -7.98 30.96 44.75
C LYS G 188 -7.53 32.37 44.41
N HIS G 189 -6.75 32.48 43.32
CA HIS G 189 -6.15 33.74 42.92
C HIS G 189 -6.55 34.08 41.51
N LYS G 190 -6.46 35.35 41.16
CA LYS G 190 -6.84 35.81 39.86
C LYS G 190 -5.69 36.29 38.97
N VAL G 191 -4.66 36.87 39.57
CA VAL G 191 -3.56 37.48 38.82
C VAL G 191 -2.25 36.76 39.11
N TYR G 192 -1.61 36.29 38.05
CA TYR G 192 -0.34 35.58 38.12
C TYR G 192 0.72 36.38 37.38
N ALA G 193 1.90 36.50 37.96
CA ALA G 193 2.92 37.35 37.38
C ALA G 193 4.31 36.86 37.77
N CYS G 194 5.27 37.01 36.87
CA CYS G 194 6.66 36.71 37.14
C CYS G 194 7.46 37.96 36.87
N GLU G 195 8.35 38.29 37.81
CA GLU G 195 9.18 39.47 37.76
C GLU G 195 10.62 39.03 37.60
N VAL G 196 11.29 39.61 36.60
CA VAL G 196 12.62 39.19 36.23
C VAL G 196 13.57 40.36 36.37
N THR G 197 14.76 40.07 36.89
CA THR G 197 15.84 41.03 36.91
C THR G 197 17.07 40.36 36.32
N HIS G 198 17.90 41.15 35.66
CA HIS G 198 19.03 40.65 34.90
C HIS G 198 19.85 41.87 34.54
N GLN G 199 21.16 41.77 34.56
CA GLN G 199 22.00 42.97 34.39
C GLN G 199 21.81 43.66 33.03
N GLY G 200 21.15 42.98 32.10
CA GLY G 200 20.83 43.54 30.81
C GLY G 200 19.56 44.38 30.84
N LEU G 201 18.93 44.44 32.01
CA LEU G 201 17.69 45.19 32.19
C LEU G 201 17.87 46.34 33.15
N SER G 202 17.60 47.55 32.68
CA SER G 202 17.69 48.77 33.50
C SER G 202 16.72 48.69 34.69
N SER G 203 15.56 48.10 34.44
CA SER G 203 14.54 47.90 35.48
C SER G 203 13.97 46.49 35.35
N PRO G 204 13.45 45.94 36.46
CA PRO G 204 12.76 44.64 36.43
C PRO G 204 11.60 44.60 35.44
N VAL G 205 11.47 43.48 34.75
CA VAL G 205 10.38 43.26 33.80
C VAL G 205 9.34 42.33 34.42
N THR G 206 8.08 42.72 34.30
CA THR G 206 6.97 41.96 34.84
C THR G 206 6.03 41.56 33.71
N LYS G 207 5.76 40.25 33.61
CA LYS G 207 4.77 39.75 32.67
C LYS G 207 3.69 39.02 33.46
N SER G 208 2.43 39.31 33.14
CA SER G 208 1.33 38.77 33.93
C SER G 208 0.15 38.38 33.05
N PHE G 209 -0.80 37.69 33.66
CA PHE G 209 -2.09 37.50 33.05
C PHE G 209 -3.11 37.42 34.15
N ASN G 210 -4.36 37.59 33.75
CA ASN G 210 -5.48 37.59 34.66
C ASN G 210 -6.40 36.49 34.19
N ARG G 211 -6.82 35.62 35.10
CA ARG G 211 -7.71 34.54 34.76
C ARG G 211 -9.08 35.04 34.28
N GLY G 212 -9.52 36.16 34.83
CA GLY G 212 -10.73 36.82 34.38
C GLY G 212 -10.48 37.74 33.21
N ASP H 1 0.74 -2.93 -45.08
CA ASP H 1 -0.10 -3.71 -44.13
C ASP H 1 -0.63 -2.79 -43.03
N ILE H 2 -1.92 -2.46 -43.11
CA ILE H 2 -2.51 -1.49 -42.20
C ILE H 2 -2.72 -2.08 -40.80
N GLN H 3 -2.27 -1.36 -39.78
CA GLN H 3 -2.38 -1.81 -38.40
C GLN H 3 -3.51 -1.10 -37.70
N LEU H 4 -4.23 -1.84 -36.86
CA LEU H 4 -5.32 -1.31 -36.06
C LEU H 4 -5.05 -1.54 -34.60
N THR H 5 -5.33 -0.52 -33.79
CA THR H 5 -5.27 -0.66 -32.35
C THR H 5 -6.66 -0.36 -31.81
N GLN H 6 -6.99 -0.93 -30.65
CA GLN H 6 -8.25 -0.65 -29.99
C GLN H 6 -7.95 -0.15 -28.57
N SER H 7 -8.83 0.70 -28.05
CA SER H 7 -8.76 1.14 -26.66
C SER H 7 -10.18 1.22 -26.07
N PRO H 8 -10.34 0.81 -24.81
CA PRO H 8 -9.32 0.20 -23.95
C PRO H 8 -9.15 -1.27 -24.34
N SER H 9 -8.35 -2.03 -23.60
CA SER H 9 -8.23 -3.46 -23.83
C SER H 9 -9.41 -4.20 -23.23
N SER H 10 -9.87 -3.74 -22.08
CA SER H 10 -11.07 -4.30 -21.47
C SER H 10 -11.78 -3.21 -20.67
N LEU H 11 -13.10 -3.31 -20.52
CA LEU H 11 -13.84 -2.36 -19.70
C LEU H 11 -15.00 -3.05 -19.03
N SER H 12 -15.45 -2.48 -17.90
CA SER H 12 -16.71 -2.89 -17.29
C SER H 12 -17.60 -1.67 -17.11
N ALA H 13 -18.90 -1.90 -17.15
CA ALA H 13 -19.86 -0.83 -16.92
C ALA H 13 -21.16 -1.51 -16.53
N SER H 14 -22.11 -0.76 -16.03
CA SER H 14 -23.33 -1.36 -15.51
C SER H 14 -24.39 -1.35 -16.61
N VAL H 15 -25.45 -2.14 -16.43
CA VAL H 15 -26.55 -2.19 -17.39
C VAL H 15 -27.22 -0.84 -17.48
N GLY H 16 -27.35 -0.35 -18.71
CA GLY H 16 -27.97 0.94 -18.97
C GLY H 16 -26.96 2.02 -19.28
N ASP H 17 -25.70 1.78 -18.95
CA ASP H 17 -24.64 2.75 -19.25
C ASP H 17 -24.38 2.83 -20.75
N ARG H 18 -23.91 3.99 -21.18
CA ARG H 18 -23.41 4.20 -22.52
C ARG H 18 -21.93 3.86 -22.48
N VAL H 19 -21.46 3.07 -23.43
CA VAL H 19 -20.07 2.65 -23.45
C VAL H 19 -19.50 2.86 -24.86
N THR H 20 -18.24 3.26 -24.96
CA THR H 20 -17.62 3.41 -26.28
C THR H 20 -16.28 2.73 -26.33
N ILE H 21 -15.99 2.12 -27.47
CA ILE H 21 -14.68 1.55 -27.74
C ILE H 21 -14.13 2.28 -28.94
N THR H 22 -12.81 2.47 -28.98
CA THR H 22 -12.18 3.19 -30.07
C THR H 22 -11.28 2.27 -30.86
N CYS H 23 -11.14 2.59 -32.14
CA CYS H 23 -10.25 1.87 -33.04
C CYS H 23 -9.46 2.94 -33.75
N ARG H 24 -8.16 2.74 -33.83
CA ARG H 24 -7.30 3.68 -34.54
C ARG H 24 -6.55 2.92 -35.62
N ALA H 25 -6.50 3.50 -36.81
CA ALA H 25 -5.82 2.87 -37.93
C ALA H 25 -4.49 3.56 -38.20
N SER H 26 -3.49 2.80 -38.65
CA SER H 26 -2.13 3.29 -38.90
C SER H 26 -2.08 4.22 -40.11
N GLN H 27 -3.15 4.22 -40.90
CA GLN H 27 -3.32 5.22 -41.96
C GLN H 27 -4.80 5.50 -42.17
N SER H 28 -5.11 6.55 -42.93
CA SER H 28 -6.50 6.84 -43.26
C SER H 28 -7.11 5.74 -44.12
N ILE H 29 -8.28 5.27 -43.72
CA ILE H 29 -8.98 4.22 -44.45
C ILE H 29 -10.41 4.69 -44.78
N GLY H 30 -10.59 6.02 -44.81
CA GLY H 30 -11.89 6.60 -45.02
C GLY H 30 -12.89 6.00 -44.06
N SER H 31 -13.98 5.46 -44.61
CA SER H 31 -15.01 4.82 -43.79
C SER H 31 -14.95 3.31 -43.96
N TYR H 32 -13.87 2.80 -44.54
CA TYR H 32 -13.78 1.37 -44.81
C TYR H 32 -13.43 0.60 -43.54
N LEU H 33 -14.38 0.56 -42.61
CA LEU H 33 -14.15 -0.07 -41.31
C LEU H 33 -15.35 -0.88 -40.78
N ASN H 34 -15.07 -2.11 -40.34
CA ASN H 34 -16.12 -3.02 -39.85
C ASN H 34 -15.95 -3.23 -38.35
N TRP H 35 -17.04 -3.55 -37.66
CA TRP H 35 -16.98 -4.03 -36.28
C TRP H 35 -17.62 -5.40 -36.12
N TYR H 36 -17.01 -6.26 -35.33
CA TYR H 36 -17.54 -7.59 -35.06
C TYR H 36 -17.69 -7.81 -33.56
N GLN H 37 -18.62 -8.69 -33.21
CA GLN H 37 -18.81 -9.12 -31.83
C GLN H 37 -18.56 -10.61 -31.77
N GLN H 38 -17.76 -11.04 -30.81
CA GLN H 38 -17.54 -12.46 -30.55
C GLN H 38 -17.85 -12.82 -29.09
N LYS H 39 -18.79 -13.72 -28.90
CA LYS H 39 -19.08 -14.26 -27.59
C LYS H 39 -18.26 -15.54 -27.42
N PRO H 40 -18.02 -15.95 -26.17
CA PRO H 40 -17.17 -17.13 -25.95
C PRO H 40 -17.74 -18.41 -26.56
N GLY H 41 -16.91 -19.18 -27.26
CA GLY H 41 -17.35 -20.43 -27.86
C GLY H 41 -18.07 -20.26 -29.19
N LYS H 42 -18.39 -19.02 -29.54
CA LYS H 42 -19.10 -18.72 -30.79
C LYS H 42 -18.17 -18.11 -31.83
N ALA H 43 -18.60 -18.17 -33.08
CA ALA H 43 -17.93 -17.44 -34.15
C ALA H 43 -18.30 -15.96 -34.04
N PRO H 44 -17.44 -15.07 -34.58
CA PRO H 44 -17.73 -13.64 -34.65
C PRO H 44 -19.01 -13.37 -35.43
N LYS H 45 -19.69 -12.28 -35.08
CA LYS H 45 -20.87 -11.78 -35.80
C LYS H 45 -20.56 -10.38 -36.26
N LEU H 46 -20.95 -10.07 -37.49
CA LEU H 46 -20.77 -8.74 -38.03
C LEU H 46 -21.76 -7.80 -37.38
N LEU H 47 -21.29 -6.68 -36.84
CA LEU H 47 -22.18 -5.71 -36.23
C LEU H 47 -22.40 -4.54 -37.18
N ILE H 48 -21.30 -4.03 -37.73
CA ILE H 48 -21.29 -2.78 -38.47
C ILE H 48 -20.35 -2.88 -39.67
N TYR H 49 -20.67 -2.19 -40.75
CA TYR H 49 -19.76 -2.11 -41.89
C TYR H 49 -19.81 -0.70 -42.44
N ALA H 50 -18.84 -0.33 -43.26
CA ALA H 50 -18.73 1.05 -43.70
C ALA H 50 -18.76 2.04 -42.49
N ALA H 51 -18.11 1.69 -41.39
CA ALA H 51 -17.98 2.60 -40.22
C ALA H 51 -19.26 2.87 -39.40
N SER H 52 -20.41 3.01 -40.04
CA SER H 52 -21.63 3.42 -39.33
C SER H 52 -22.92 2.67 -39.71
N THR H 53 -22.87 1.82 -40.75
CA THR H 53 -24.07 1.11 -41.18
C THR H 53 -24.27 -0.15 -40.35
N LEU H 54 -25.37 -0.24 -39.63
CA LEU H 54 -25.67 -1.43 -38.83
C LEU H 54 -26.08 -2.59 -39.71
N GLN H 55 -25.48 -3.76 -39.48
CA GLN H 55 -25.95 -4.97 -40.14
C GLN H 55 -27.38 -5.27 -39.69
N SER H 56 -28.20 -5.82 -40.59
CA SER H 56 -29.59 -6.07 -40.30
C SER H 56 -29.64 -7.07 -39.15
N GLY H 57 -30.56 -6.89 -38.20
CA GLY H 57 -30.66 -7.77 -37.06
C GLY H 57 -29.93 -7.23 -35.82
N VAL H 58 -29.00 -6.32 -36.02
CA VAL H 58 -28.26 -5.78 -34.87
C VAL H 58 -29.12 -4.82 -34.04
N PRO H 59 -29.14 -4.98 -32.70
CA PRO H 59 -29.92 -4.03 -31.89
C PRO H 59 -29.55 -2.57 -32.14
N SER H 60 -30.54 -1.70 -32.03
CA SER H 60 -30.39 -0.30 -32.37
C SER H 60 -29.52 0.46 -31.34
N ARG H 61 -29.24 -0.14 -30.20
CA ARG H 61 -28.35 0.50 -29.22
C ARG H 61 -26.90 0.52 -29.68
N PHE H 62 -26.59 -0.21 -30.75
CA PHE H 62 -25.24 -0.16 -31.32
C PHE H 62 -25.15 0.92 -32.38
N SER H 63 -24.06 1.66 -32.39
CA SER H 63 -23.79 2.64 -33.45
C SER H 63 -22.29 2.79 -33.61
N GLY H 64 -21.87 3.20 -34.80
CA GLY H 64 -20.48 3.41 -35.09
C GLY H 64 -20.35 4.79 -35.70
N SER H 65 -19.23 5.44 -35.45
CA SER H 65 -18.93 6.73 -36.04
C SER H 65 -17.46 6.74 -36.43
N GLY H 66 -17.09 7.62 -37.35
CA GLY H 66 -15.70 7.89 -37.63
C GLY H 66 -15.38 7.74 -39.10
N SER H 67 -14.36 8.48 -39.53
CA SER H 67 -13.84 8.39 -40.88
C SER H 67 -12.38 8.82 -40.82
N GLY H 68 -11.53 8.16 -41.58
CA GLY H 68 -10.12 8.46 -41.57
C GLY H 68 -9.32 7.47 -40.76
N THR H 69 -8.83 7.89 -39.60
CA THR H 69 -7.94 7.08 -38.77
C THR H 69 -8.58 6.66 -37.44
N ASP H 70 -9.60 7.39 -36.99
CA ASP H 70 -10.21 7.20 -35.65
C ASP H 70 -11.70 6.88 -35.68
N PHE H 71 -12.05 5.74 -35.09
CA PHE H 71 -13.41 5.22 -35.14
C PHE H 71 -13.90 4.82 -33.76
N THR H 72 -15.20 4.91 -33.58
CA THR H 72 -15.83 4.55 -32.32
C THR H 72 -17.00 3.58 -32.54
N LEU H 73 -17.06 2.58 -31.68
CA LEU H 73 -18.26 1.78 -31.53
C LEU H 73 -18.91 2.20 -30.22
N THR H 74 -20.18 2.61 -30.29
CA THR H 74 -20.94 2.99 -29.11
C THR H 74 -22.04 1.98 -28.83
N ILE H 75 -22.20 1.65 -27.56
CA ILE H 75 -23.35 0.90 -27.07
C ILE H 75 -24.11 1.82 -26.16
N SER H 76 -25.30 2.27 -26.58
CA SER H 76 -25.94 3.40 -25.91
C SER H 76 -26.55 3.00 -24.56
N SER H 77 -26.96 1.74 -24.45
CA SER H 77 -27.55 1.25 -23.19
C SER H 77 -27.13 -0.20 -22.98
N LEU H 78 -26.02 -0.37 -22.29
CA LEU H 78 -25.37 -1.68 -22.22
C LEU H 78 -26.33 -2.72 -21.66
N GLN H 79 -26.43 -3.86 -22.34
CA GLN H 79 -27.26 -4.97 -21.87
C GLN H 79 -26.38 -6.16 -21.54
N PRO H 80 -26.88 -7.08 -20.68
CA PRO H 80 -26.07 -8.25 -20.31
C PRO H 80 -25.63 -9.09 -21.50
N GLU H 81 -26.43 -9.09 -22.55
CA GLU H 81 -26.12 -9.85 -23.75
C GLU H 81 -25.02 -9.17 -24.57
N ASP H 82 -24.53 -8.02 -24.09
CA ASP H 82 -23.44 -7.33 -24.76
C ASP H 82 -22.08 -7.71 -24.21
N SER H 83 -22.06 -8.58 -23.20
CA SER H 83 -20.78 -9.06 -22.72
C SER H 83 -20.12 -9.83 -23.86
N ALA H 84 -18.83 -9.60 -24.08
CA ALA H 84 -18.13 -10.28 -25.17
C ALA H 84 -16.86 -9.54 -25.57
N THR H 85 -16.29 -9.93 -26.71
CA THR H 85 -15.11 -9.28 -27.25
C THR H 85 -15.45 -8.62 -28.59
N TYR H 86 -15.06 -7.36 -28.73
CA TYR H 86 -15.39 -6.59 -29.95
C TYR H 86 -14.13 -6.31 -30.76
N TYR H 87 -14.22 -6.56 -32.06
CA TYR H 87 -13.09 -6.42 -32.98
C TYR H 87 -13.43 -5.46 -34.11
N CYS H 88 -12.54 -4.52 -34.38
CA CYS H 88 -12.63 -3.72 -35.61
C CYS H 88 -11.83 -4.41 -36.72
N GLN H 89 -12.12 -4.03 -37.95
CA GLN H 89 -11.41 -4.55 -39.10
C GLN H 89 -11.49 -3.53 -40.20
N GLN H 90 -10.36 -3.24 -40.83
CA GLN H 90 -10.34 -2.35 -42.00
C GLN H 90 -10.55 -3.14 -43.29
N SER H 91 -11.33 -2.57 -44.19
CA SER H 91 -11.66 -3.19 -45.47
C SER H 91 -11.17 -2.26 -46.57
N TYR H 92 -10.15 -1.48 -46.24
CA TYR H 92 -9.59 -0.54 -47.19
C TYR H 92 -8.65 -1.19 -48.20
N SER H 93 -7.68 -1.96 -47.72
CA SER H 93 -6.69 -2.60 -48.59
C SER H 93 -6.32 -3.95 -48.03
N THR H 94 -6.20 -4.95 -48.88
CA THR H 94 -5.82 -6.28 -48.42
C THR H 94 -4.36 -6.28 -48.00
N PRO H 95 -4.03 -7.01 -46.93
CA PRO H 95 -4.92 -7.87 -46.13
C PRO H 95 -5.88 -7.08 -45.22
N PHE H 96 -7.10 -7.60 -45.03
CA PHE H 96 -8.14 -6.92 -44.27
C PHE H 96 -8.00 -7.20 -42.78
N THR H 97 -7.08 -6.48 -42.15
CA THR H 97 -6.58 -6.81 -40.82
C THR H 97 -7.61 -6.50 -39.73
N PHE H 98 -7.62 -7.33 -38.69
CA PHE H 98 -8.45 -7.07 -37.50
C PHE H 98 -7.67 -6.29 -36.47
N GLY H 99 -8.40 -5.56 -35.64
CA GLY H 99 -7.91 -5.00 -34.39
C GLY H 99 -7.77 -6.08 -33.32
N PRO H 100 -6.92 -5.82 -32.33
CA PRO H 100 -6.62 -6.80 -31.29
C PRO H 100 -7.79 -7.19 -30.42
N GLY H 101 -8.86 -6.43 -30.48
CA GLY H 101 -10.05 -6.69 -29.70
C GLY H 101 -10.13 -5.94 -28.36
N THR H 102 -11.35 -5.75 -27.91
CA THR H 102 -11.62 -5.10 -26.63
C THR H 102 -12.68 -5.93 -25.93
N LYS H 103 -12.44 -6.26 -24.68
CA LYS H 103 -13.38 -7.07 -23.94
C LYS H 103 -14.33 -6.22 -23.09
N VAL H 104 -15.62 -6.51 -23.19
CA VAL H 104 -16.63 -5.81 -22.43
C VAL H 104 -17.26 -6.73 -21.39
N ASP H 105 -17.25 -6.27 -20.13
CA ASP H 105 -17.84 -7.01 -19.03
C ASP H 105 -18.94 -6.14 -18.45
N ILE H 106 -19.90 -6.79 -17.79
CA ILE H 106 -20.99 -6.09 -17.16
C ILE H 106 -20.81 -6.10 -15.66
N ARG H 107 -20.96 -4.96 -15.04
CA ARG H 107 -20.99 -4.84 -13.58
C ARG H 107 -22.44 -4.91 -13.12
N ARG H 108 -22.69 -5.63 -12.04
CA ARG H 108 -24.03 -5.75 -11.50
C ARG H 108 -23.99 -5.91 -9.98
N THR H 109 -25.12 -6.21 -9.36
CA THR H 109 -25.17 -6.34 -7.90
C THR H 109 -24.72 -7.74 -7.46
N VAL H 110 -24.36 -7.87 -6.18
CA VAL H 110 -23.95 -9.14 -5.64
C VAL H 110 -25.08 -10.16 -5.81
N ALA H 111 -24.71 -11.38 -6.18
CA ALA H 111 -25.66 -12.48 -6.27
C ALA H 111 -25.04 -13.72 -5.66
N ALA H 112 -25.70 -14.29 -4.67
CA ALA H 112 -25.22 -15.47 -3.98
C ALA H 112 -25.39 -16.68 -4.90
N PRO H 113 -24.45 -17.65 -4.84
CA PRO H 113 -24.62 -18.84 -5.69
C PRO H 113 -25.70 -19.76 -5.20
N SER H 114 -26.36 -20.44 -6.14
CA SER H 114 -27.24 -21.54 -5.83
C SER H 114 -26.39 -22.78 -5.96
N VAL H 115 -26.30 -23.56 -4.90
CA VAL H 115 -25.37 -24.69 -4.85
C VAL H 115 -26.10 -26.00 -5.10
N PHE H 116 -25.62 -26.75 -6.08
CA PHE H 116 -26.15 -28.08 -6.35
C PHE H 116 -25.01 -29.08 -6.31
N ILE H 117 -25.35 -30.34 -6.10
CA ILE H 117 -24.35 -31.40 -6.13
C ILE H 117 -24.91 -32.66 -6.78
N PHE H 118 -24.05 -33.35 -7.52
CA PHE H 118 -24.42 -34.53 -8.27
C PHE H 118 -23.57 -35.73 -7.85
N PRO H 119 -24.21 -36.83 -7.46
CA PRO H 119 -23.39 -38.00 -7.18
C PRO H 119 -22.91 -38.61 -8.49
N PRO H 120 -21.90 -39.47 -8.42
CA PRO H 120 -21.43 -40.14 -9.63
C PRO H 120 -22.53 -41.03 -10.19
N SER H 121 -22.42 -41.37 -11.47
CA SER H 121 -23.34 -42.29 -12.11
C SER H 121 -22.89 -43.72 -11.80
N ASP H 122 -23.84 -44.64 -11.69
CA ASP H 122 -23.51 -46.05 -11.51
C ASP H 122 -22.72 -46.51 -12.73
N GLU H 123 -23.00 -45.90 -13.87
CA GLU H 123 -22.29 -46.21 -15.11
C GLU H 123 -20.80 -45.95 -14.96
N GLN H 124 -20.44 -44.76 -14.48
CA GLN H 124 -19.03 -44.43 -14.27
C GLN H 124 -18.45 -45.30 -13.19
N LEU H 125 -19.27 -45.60 -12.18
CA LEU H 125 -18.86 -46.46 -11.08
C LEU H 125 -18.49 -47.87 -11.56
N LYS H 126 -19.30 -48.42 -12.45
CA LYS H 126 -19.01 -49.76 -12.98
C LYS H 126 -17.92 -49.71 -14.05
N SER H 127 -17.31 -48.54 -14.22
CA SER H 127 -16.17 -48.35 -15.11
C SER H 127 -14.89 -48.30 -14.28
N GLY H 128 -15.04 -48.16 -12.96
CA GLY H 128 -13.92 -48.17 -12.05
C GLY H 128 -13.63 -46.84 -11.37
N THR H 129 -14.24 -45.75 -11.85
CA THR H 129 -13.96 -44.40 -11.34
C THR H 129 -15.21 -43.72 -10.80
N ALA H 130 -15.03 -42.68 -9.99
CA ALA H 130 -16.16 -41.94 -9.43
C ALA H 130 -15.90 -40.43 -9.43
N SER H 131 -16.78 -39.69 -10.10
CA SER H 131 -16.71 -38.23 -10.09
C SER H 131 -17.91 -37.62 -9.37
N VAL H 132 -17.64 -36.80 -8.35
CA VAL H 132 -18.69 -36.01 -7.70
C VAL H 132 -18.61 -34.57 -8.18
N VAL H 133 -19.74 -34.00 -8.55
CA VAL H 133 -19.78 -32.65 -9.11
C VAL H 133 -20.58 -31.69 -8.25
N CYS H 134 -19.91 -30.61 -7.84
CA CYS H 134 -20.53 -29.51 -7.12
C CYS H 134 -20.68 -28.35 -8.09
N LEU H 135 -21.87 -27.78 -8.14
CA LEU H 135 -22.19 -26.73 -9.09
C LEU H 135 -22.65 -25.44 -8.37
N LEU H 136 -21.92 -24.35 -8.59
CA LEU H 136 -22.33 -23.02 -8.11
C LEU H 136 -22.93 -22.24 -9.26
N ASN H 137 -24.25 -22.05 -9.23
CA ASN H 137 -24.94 -21.41 -10.35
C ASN H 137 -25.27 -19.95 -10.10
N ASN H 138 -24.86 -19.12 -11.07
CA ASN H 138 -25.29 -17.74 -11.18
C ASN H 138 -24.99 -16.87 -9.96
N PHE H 139 -23.70 -16.68 -9.68
CA PHE H 139 -23.27 -15.79 -8.62
C PHE H 139 -22.47 -14.62 -9.18
N TYR H 140 -22.34 -13.59 -8.38
CA TYR H 140 -21.55 -12.43 -8.75
C TYR H 140 -21.12 -11.72 -7.46
N PRO H 141 -19.85 -11.26 -7.38
CA PRO H 141 -18.79 -11.33 -8.39
C PRO H 141 -18.12 -12.70 -8.47
N ARG H 142 -17.12 -12.80 -9.34
CA ARG H 142 -16.57 -14.09 -9.74
C ARG H 142 -15.82 -14.82 -8.63
N GLU H 143 -15.39 -14.09 -7.62
CA GLU H 143 -14.60 -14.67 -6.55
C GLU H 143 -15.44 -15.66 -5.75
N ALA H 144 -14.98 -16.91 -5.68
CA ALA H 144 -15.67 -17.95 -4.92
C ALA H 144 -14.70 -19.03 -4.45
N LYS H 145 -15.06 -19.70 -3.37
CA LYS H 145 -14.23 -20.78 -2.83
C LYS H 145 -15.08 -22.01 -2.53
N VAL H 146 -14.62 -23.15 -3.02
CA VAL H 146 -15.34 -24.40 -2.84
C VAL H 146 -14.44 -25.46 -2.21
N GLN H 147 -14.84 -25.94 -1.04
CA GLN H 147 -14.08 -26.97 -0.35
C GLN H 147 -14.93 -28.23 -0.26
N TRP H 148 -14.35 -29.35 -0.65
CA TRP H 148 -15.05 -30.62 -0.61
C TRP H 148 -14.81 -31.32 0.69
N LYS H 149 -15.87 -31.50 1.47
CA LYS H 149 -15.77 -32.16 2.76
C LYS H 149 -16.60 -33.44 2.79
N VAL H 150 -15.98 -34.53 3.24
CA VAL H 150 -16.66 -35.83 3.31
C VAL H 150 -17.61 -35.87 4.50
N ASN H 152 -15.17 -35.19 9.13
CA ASN H 152 -15.47 -34.99 7.73
C ASN H 152 -14.27 -34.38 7.05
N ALA H 153 -13.55 -35.20 6.30
CA ALA H 153 -12.20 -34.93 5.87
C ALA H 153 -12.03 -34.01 4.68
N LEU H 154 -11.29 -32.94 4.93
CA LEU H 154 -10.99 -31.91 3.94
C LEU H 154 -10.12 -32.51 2.87
N GLN H 155 -10.31 -32.06 1.63
CA GLN H 155 -9.67 -32.73 0.50
C GLN H 155 -8.79 -31.76 -0.28
N SER H 156 -7.76 -32.30 -0.92
CA SER H 156 -6.93 -31.50 -1.82
C SER H 156 -6.20 -32.42 -2.79
N GLY H 157 -6.02 -31.95 -4.03
CA GLY H 157 -5.30 -32.70 -5.03
C GLY H 157 -6.20 -33.59 -5.88
N ASN H 158 -7.35 -33.97 -5.32
CA ASN H 158 -8.30 -34.87 -5.99
C ASN H 158 -9.38 -34.10 -6.76
N SER H 159 -9.26 -32.77 -6.80
CA SER H 159 -10.32 -31.91 -7.30
C SER H 159 -9.82 -30.95 -8.37
N GLN H 160 -10.69 -30.67 -9.35
CA GLN H 160 -10.38 -29.69 -10.39
C GLN H 160 -11.63 -28.91 -10.81
N GLU H 161 -11.47 -27.60 -10.87
CA GLU H 161 -12.60 -26.68 -11.06
C GLU H 161 -12.55 -25.96 -12.40
N SER H 162 -13.67 -25.36 -12.75
CA SER H 162 -13.79 -24.61 -13.99
C SER H 162 -14.85 -23.54 -13.76
N VAL H 163 -14.63 -22.38 -14.37
CA VAL H 163 -15.56 -21.27 -14.20
C VAL H 163 -16.03 -20.81 -15.57
N THR H 164 -17.31 -20.48 -15.66
CA THR H 164 -17.86 -19.97 -16.91
C THR H 164 -17.50 -18.53 -17.16
N GLU H 165 -17.67 -18.12 -18.40
CA GLU H 165 -17.58 -16.72 -18.77
C GLU H 165 -18.90 -16.07 -18.33
N GLN H 166 -19.01 -14.76 -18.45
CA GLN H 166 -20.17 -14.03 -17.96
C GLN H 166 -21.46 -14.46 -18.68
N ASP H 167 -22.50 -14.75 -17.91
CA ASP H 167 -23.77 -15.22 -18.44
C ASP H 167 -24.45 -14.10 -19.23
N SER H 168 -24.95 -14.44 -20.41
CA SER H 168 -25.42 -13.44 -21.35
C SER H 168 -26.79 -12.87 -20.98
N LYS H 169 -27.45 -13.47 -19.98
CA LYS H 169 -28.79 -13.05 -19.57
C LYS H 169 -28.82 -12.26 -18.25
N ASP H 170 -28.01 -12.68 -17.28
CA ASP H 170 -28.05 -12.03 -15.95
C ASP H 170 -26.66 -11.62 -15.44
N SER H 171 -25.64 -11.78 -16.29
CA SER H 171 -24.31 -11.28 -16.03
C SER H 171 -23.61 -11.96 -14.84
N THR H 172 -24.08 -13.15 -14.50
CA THR H 172 -23.46 -13.92 -13.45
C THR H 172 -22.45 -14.92 -14.00
N TYR H 173 -21.74 -15.56 -13.08
CA TYR H 173 -20.76 -16.60 -13.38
C TYR H 173 -21.29 -17.87 -12.77
N SER H 174 -20.91 -18.99 -13.35
CA SER H 174 -21.20 -20.29 -12.78
C SER H 174 -19.88 -21.01 -12.61
N LEU H 175 -19.84 -21.93 -11.67
CA LEU H 175 -18.61 -22.65 -11.37
C LEU H 175 -18.93 -24.10 -11.10
N SER H 176 -18.14 -24.98 -11.68
CA SER H 176 -18.26 -26.41 -11.44
C SER H 176 -16.96 -26.90 -10.84
N SER H 177 -17.06 -27.70 -9.78
CA SER H 177 -15.91 -28.41 -9.23
C SER H 177 -16.18 -29.90 -9.33
N THR H 178 -15.19 -30.63 -9.83
CA THR H 178 -15.31 -32.06 -10.05
C THR H 178 -14.29 -32.80 -9.21
N LEU H 179 -14.78 -33.67 -8.33
CA LEU H 179 -13.93 -34.47 -7.45
C LEU H 179 -13.87 -35.91 -7.95
N THR H 180 -12.67 -36.36 -8.31
CA THR H 180 -12.48 -37.72 -8.87
C THR H 180 -11.82 -38.66 -7.87
N LEU H 181 -12.51 -39.75 -7.55
CA LEU H 181 -11.96 -40.82 -6.72
C LEU H 181 -12.08 -42.16 -7.43
N SER H 182 -11.48 -43.19 -6.85
CA SER H 182 -11.64 -44.55 -7.33
C SER H 182 -12.93 -45.13 -6.74
N LYS H 183 -13.51 -46.11 -7.43
CA LYS H 183 -14.69 -46.81 -6.93
C LYS H 183 -14.39 -47.34 -5.54
N ALA H 184 -13.22 -47.95 -5.40
CA ALA H 184 -12.69 -48.36 -4.11
C ALA H 184 -12.78 -47.21 -3.12
N ASP H 185 -11.97 -46.16 -3.35
CA ASP H 185 -11.92 -45.02 -2.44
C ASP H 185 -13.31 -44.46 -2.19
N TYR H 186 -14.15 -44.45 -3.22
CA TYR H 186 -15.47 -43.87 -3.12
C TYR H 186 -16.39 -44.66 -2.20
N GLU H 187 -16.55 -45.96 -2.48
CA GLU H 187 -17.43 -46.82 -1.71
C GLU H 187 -16.96 -46.98 -0.27
N LYS H 188 -15.67 -46.78 -0.06
CA LYS H 188 -15.10 -46.79 1.28
C LYS H 188 -15.71 -45.70 2.14
N HIS H 189 -16.15 -44.60 1.50
CA HIS H 189 -16.77 -43.48 2.21
C HIS H 189 -18.21 -43.18 1.96
N LYS H 190 -18.87 -42.64 2.99
CA LYS H 190 -20.30 -42.46 2.98
C LYS H 190 -20.87 -41.09 2.63
N VAL H 191 -20.34 -40.05 3.25
CA VAL H 191 -20.88 -38.73 2.98
C VAL H 191 -19.91 -37.82 2.24
N TYR H 192 -20.39 -37.21 1.16
CA TYR H 192 -19.60 -36.24 0.40
C TYR H 192 -20.30 -34.90 0.39
N ALA H 193 -19.56 -33.86 0.75
CA ALA H 193 -20.08 -32.46 0.71
C ALA H 193 -19.16 -31.40 0.07
N CYS H 194 -19.72 -30.27 -0.40
CA CYS H 194 -18.93 -29.18 -0.93
C CYS H 194 -19.35 -27.93 -0.18
N GLU H 195 -18.39 -27.33 0.50
CA GLU H 195 -18.63 -26.14 1.30
C GLU H 195 -18.27 -24.92 0.46
N VAL H 196 -19.07 -23.86 0.59
CA VAL H 196 -18.96 -22.73 -0.32
C VAL H 196 -18.96 -21.42 0.44
N THR H 197 -18.05 -20.54 0.03
CA THR H 197 -18.00 -19.19 0.57
C THR H 197 -17.97 -18.17 -0.55
N HIS H 198 -18.75 -17.12 -0.37
CA HIS H 198 -18.94 -16.09 -1.38
C HIS H 198 -19.43 -14.88 -0.60
N GLN H 199 -19.10 -13.69 -1.05
CA GLN H 199 -19.45 -12.49 -0.27
C GLN H 199 -20.96 -12.32 -0.16
N GLY H 200 -21.70 -12.97 -1.06
CA GLY H 200 -23.15 -12.88 -1.07
C GLY H 200 -23.81 -13.81 -0.07
N LEU H 201 -23.01 -14.59 0.65
CA LEU H 201 -23.49 -15.43 1.75
C LEU H 201 -23.05 -14.84 3.08
N SER H 202 -24.02 -14.70 3.99
CA SER H 202 -23.75 -14.18 5.32
C SER H 202 -22.86 -15.15 6.09
N SER H 203 -22.98 -16.42 5.72
CA SER H 203 -22.24 -17.53 6.33
C SER H 203 -21.97 -18.60 5.27
N PRO H 204 -20.98 -19.45 5.53
CA PRO H 204 -20.62 -20.51 4.58
C PRO H 204 -21.75 -21.51 4.38
N VAL H 205 -21.92 -21.98 3.14
CA VAL H 205 -23.01 -22.89 2.81
C VAL H 205 -22.52 -24.24 2.29
N THR H 206 -23.10 -25.32 2.83
CA THR H 206 -22.75 -26.68 2.43
C THR H 206 -23.93 -27.38 1.79
N LYS H 207 -23.61 -28.15 0.76
CA LYS H 207 -24.56 -29.04 0.14
C LYS H 207 -23.92 -30.41 0.21
N SER H 208 -24.66 -31.39 0.70
CA SER H 208 -24.12 -32.73 0.92
C SER H 208 -25.16 -33.77 0.56
N PHE H 209 -24.69 -34.98 0.34
CA PHE H 209 -25.57 -36.11 0.12
C PHE H 209 -25.07 -37.22 1.02
N ASN H 210 -25.96 -37.81 1.79
CA ASN H 210 -25.56 -38.94 2.58
C ASN H 210 -25.84 -40.17 1.77
N ARG H 211 -24.81 -40.70 1.11
CA ARG H 211 -24.99 -41.93 0.39
C ARG H 211 -23.66 -42.54 0.06
N GLY H 212 -23.62 -43.85 -0.07
CA GLY H 212 -22.40 -44.49 -0.51
C GLY H 212 -21.47 -43.49 -1.16
#